data_7QSY
#
_entry.id   7QSY
#
_cell.length_a   109.352
_cell.length_b   106.608
_cell.length_c   192.289
_cell.angle_alpha   90.000
_cell.angle_beta   98.740
_cell.angle_gamma   90.000
#
_symmetry.space_group_name_H-M   'I 1 2 1'
#
loop_
_entity.id
_entity.type
_entity.pdbx_description
1 polymer 'RubisCO large subunit'
2 polymer 'RubisCO small subunit'
3 non-polymer 2-CARBOXYARABINITOL-1,5-DIPHOSPHATE
4 non-polymer 'MAGNESIUM ION'
5 water water
#
loop_
_entity_poly.entity_id
_entity_poly.type
_entity_poly.pdbx_seq_one_letter_code
_entity_poly.pdbx_strand_id
1 'polypeptide(L)'
;MARAQYEAGVRPYRETYYDPDYEPKDTDLLCAFRITPKPGVPMEEAAAAVAAESSTGTWTEVWSNLLTDLERYKARCYRI
EGDVAYIAYPLDLFEEGSIVNIMSSIVGNVFGFKAVQALRLEDMRIPVAYLKTFPGPPTGIQVERDRLNKYGRPLLGGTI
KPKLGLSAKEYARVVYECLRGGLDTT(KCX)DDENLNSQPFNRWRDRFLYVMEAVRKAEAETGERKGHWLNVTAGSTEEM
LKRAEFAAELGSRYIMVDFLTAGFAAFASVRRRAEELGLMLHCHRAMHAVFDRQPNHGIHFRVLAKWLRMVGGDHVHTGT
VVGKLEGDRAETLGIADLLREDYVPADPGRGLFFDQDWAGLKPVFPVASGGIHVWHVPDLVSIFGDDAFFLFGGGTHGHP
RGSRAGATANRVAVEAVVQARNEGRDILAEGREILEEAARSCPELREAMELWGDVKFEVEA
;
A,C,E,G
2 'polypeptide(L)'
;MHTETFSYLPPLTDEEIKKQVEYILKNGWIPGIEYTDEPGPHNSYWSFWKLPFFNAETAEEVMEELEACREANPDCYIKI
TGYDNIRQGQVLSFVAYRP
;
B,D,F,H
#
loop_
_chem_comp.id
_chem_comp.type
_chem_comp.name
_chem_comp.formula
CAP saccharide 2-CARBOXYARABINITOL-1,5-DIPHOSPHATE 'C6 H14 O13 P2'
MG non-polymer 'MAGNESIUM ION' 'Mg 2'
#
# COMPACT_ATOMS: atom_id res chain seq x y z
N TYR A 6 -51.60 -31.17 -30.52
CA TYR A 6 -50.38 -31.87 -30.89
C TYR A 6 -50.50 -33.35 -30.58
N GLU A 7 -49.46 -34.13 -30.88
CA GLU A 7 -49.46 -35.57 -30.68
C GLU A 7 -48.71 -35.88 -29.39
N ALA A 8 -49.47 -36.08 -28.31
CA ALA A 8 -48.88 -36.38 -27.02
C ALA A 8 -48.56 -37.87 -26.92
N GLY A 9 -47.74 -38.21 -25.94
CA GLY A 9 -47.37 -39.59 -25.69
C GLY A 9 -45.87 -39.80 -25.75
N VAL A 10 -45.47 -41.00 -25.36
CA VAL A 10 -44.06 -41.37 -25.29
C VAL A 10 -43.63 -41.92 -26.64
N ARG A 11 -42.48 -41.46 -27.13
CA ARG A 11 -41.86 -41.97 -28.33
C ARG A 11 -40.43 -42.38 -28.03
N PRO A 12 -39.87 -43.32 -28.79
CA PRO A 12 -38.46 -43.65 -28.62
C PRO A 12 -37.58 -42.43 -28.85
N TYR A 13 -36.56 -42.25 -28.01
CA TYR A 13 -35.60 -41.19 -28.23
C TYR A 13 -35.00 -41.26 -29.63
N ARG A 14 -34.88 -42.47 -30.17
CA ARG A 14 -34.23 -42.67 -31.46
C ARG A 14 -34.90 -41.87 -32.57
N GLU A 15 -36.22 -41.69 -32.49
CA GLU A 15 -36.94 -41.07 -33.59
C GLU A 15 -36.51 -39.62 -33.83
N THR A 16 -36.02 -38.94 -32.80
CA THR A 16 -35.67 -37.53 -32.90
C THR A 16 -34.20 -37.23 -32.70
N TYR A 17 -33.48 -38.04 -31.90
CA TYR A 17 -32.13 -37.69 -31.47
C TYR A 17 -31.07 -38.64 -32.03
N TYR A 18 -31.43 -39.50 -32.98
CA TYR A 18 -30.46 -40.32 -33.70
C TYR A 18 -30.54 -39.97 -35.18
N ASP A 19 -29.45 -39.44 -35.72
CA ASP A 19 -29.40 -38.96 -37.11
C ASP A 19 -28.07 -39.37 -37.71
N PRO A 20 -27.96 -40.62 -38.18
CA PRO A 20 -26.67 -41.09 -38.73
C PRO A 20 -26.27 -40.41 -40.03
N ASP A 21 -27.11 -39.55 -40.59
CA ASP A 21 -26.77 -38.79 -41.78
C ASP A 21 -26.33 -37.37 -41.45
N TYR A 22 -26.29 -37.00 -40.17
CA TYR A 22 -25.88 -35.66 -39.79
C TYR A 22 -24.37 -35.49 -39.95
N GLU A 23 -23.97 -34.35 -40.52
CA GLU A 23 -22.57 -34.03 -40.73
C GLU A 23 -22.14 -33.01 -39.69
N PRO A 24 -21.24 -33.34 -38.76
CA PRO A 24 -20.86 -32.37 -37.74
C PRO A 24 -20.32 -31.09 -38.32
N LYS A 25 -20.69 -29.97 -37.72
CA LYS A 25 -20.18 -28.66 -38.09
C LYS A 25 -18.92 -28.33 -37.27
N ASP A 26 -18.08 -27.48 -37.84
CA ASP A 26 -16.88 -27.05 -37.13
C ASP A 26 -17.20 -26.28 -35.85
N THR A 27 -18.44 -25.81 -35.69
CA THR A 27 -18.87 -25.13 -34.49
C THR A 27 -19.50 -26.06 -33.48
N ASP A 28 -19.81 -27.29 -33.85
CA ASP A 28 -20.45 -28.22 -32.92
C ASP A 28 -19.45 -28.67 -31.85
N LEU A 29 -19.98 -28.88 -30.65
CA LEU A 29 -19.25 -29.58 -29.60
C LEU A 29 -19.53 -31.07 -29.75
N LEU A 30 -18.47 -31.86 -29.92
CA LEU A 30 -18.59 -33.29 -30.16
C LEU A 30 -18.21 -34.06 -28.91
N CYS A 31 -18.95 -35.12 -28.61
CA CYS A 31 -18.67 -35.99 -27.48
C CYS A 31 -18.58 -37.44 -27.96
N ALA A 32 -17.64 -38.18 -27.39
CA ALA A 32 -17.50 -39.62 -27.61
C ALA A 32 -17.88 -40.31 -26.30
N PHE A 33 -19.03 -41.00 -26.31
CA PHE A 33 -19.52 -41.74 -25.16
C PHE A 33 -19.36 -43.23 -25.39
N ARG A 34 -18.79 -43.94 -24.42
CA ARG A 34 -18.78 -45.40 -24.41
C ARG A 34 -19.95 -45.86 -23.54
N ILE A 35 -20.91 -46.55 -24.16
CA ILE A 35 -22.20 -46.82 -23.55
C ILE A 35 -22.33 -48.31 -23.26
N THR A 36 -22.80 -48.63 -22.06
CA THR A 36 -23.25 -49.99 -21.74
C THR A 36 -24.76 -49.94 -21.56
N PRO A 37 -25.55 -50.26 -22.59
CA PRO A 37 -27.01 -50.17 -22.46
C PRO A 37 -27.54 -51.22 -21.49
N LYS A 38 -28.69 -50.91 -20.92
CA LYS A 38 -29.45 -51.94 -20.21
C LYS A 38 -29.79 -53.07 -21.20
N PRO A 39 -29.64 -54.33 -20.80
CA PRO A 39 -30.00 -55.42 -21.71
C PRO A 39 -31.41 -55.24 -22.24
N GLY A 40 -31.57 -55.44 -23.55
CA GLY A 40 -32.82 -55.20 -24.23
C GLY A 40 -32.95 -53.83 -24.85
N VAL A 41 -32.16 -52.86 -24.40
CA VAL A 41 -32.17 -51.51 -24.97
C VAL A 41 -31.16 -51.47 -26.11
N PRO A 42 -31.59 -51.24 -27.35
CA PRO A 42 -30.61 -51.18 -28.45
C PRO A 42 -29.68 -49.98 -28.31
N MET A 43 -28.49 -50.12 -28.91
CA MET A 43 -27.47 -49.09 -28.79
C MET A 43 -27.97 -47.76 -29.35
N GLU A 44 -28.66 -47.80 -30.49
CA GLU A 44 -29.16 -46.57 -31.10
C GLU A 44 -30.14 -45.86 -30.17
N GLU A 45 -30.96 -46.62 -29.43
CA GLU A 45 -31.89 -45.99 -28.50
C GLU A 45 -31.16 -45.42 -27.29
N ALA A 46 -30.18 -46.16 -26.75
CA ALA A 46 -29.41 -45.65 -25.62
C ALA A 46 -28.65 -44.39 -26.01
N ALA A 47 -27.99 -44.41 -27.17
CA ALA A 47 -27.27 -43.23 -27.62
C ALA A 47 -28.22 -42.05 -27.78
N ALA A 48 -29.39 -42.28 -28.36
CA ALA A 48 -30.38 -41.22 -28.51
C ALA A 48 -30.85 -40.71 -27.16
N ALA A 49 -30.98 -41.60 -26.17
CA ALA A 49 -31.36 -41.18 -24.83
C ALA A 49 -30.34 -40.22 -24.25
N VAL A 50 -29.05 -40.55 -24.37
CA VAL A 50 -28.00 -39.67 -23.87
C VAL A 50 -28.05 -38.33 -24.59
N ALA A 51 -28.21 -38.34 -25.91
CA ALA A 51 -28.27 -37.10 -26.67
C ALA A 51 -29.48 -36.27 -26.28
N ALA A 52 -30.64 -36.91 -26.13
CA ALA A 52 -31.86 -36.17 -25.83
C ALA A 52 -31.79 -35.53 -24.45
N GLU A 53 -31.43 -36.31 -23.44
CA GLU A 53 -31.51 -35.85 -22.06
C GLU A 53 -30.30 -35.03 -21.64
N SER A 54 -29.36 -34.80 -22.55
CA SER A 54 -28.28 -33.84 -22.32
C SER A 54 -28.43 -32.58 -23.16
N SER A 55 -29.58 -32.40 -23.84
CA SER A 55 -29.77 -31.21 -24.65
C SER A 55 -31.18 -30.65 -24.49
N THR A 56 -32.17 -31.21 -25.19
CA THR A 56 -33.51 -30.61 -25.26
C THR A 56 -34.65 -31.54 -24.89
N GLY A 57 -34.45 -32.84 -24.79
CA GLY A 57 -35.54 -33.78 -24.70
C GLY A 57 -35.86 -34.22 -23.26
N THR A 58 -36.98 -34.92 -23.14
CA THR A 58 -37.34 -35.64 -21.92
C THR A 58 -38.08 -36.91 -22.32
N TRP A 59 -38.76 -37.54 -21.36
CA TRP A 59 -39.26 -38.89 -21.53
C TRP A 59 -40.56 -38.97 -22.32
N THR A 60 -41.25 -37.85 -22.54
CA THR A 60 -42.51 -37.86 -23.26
C THR A 60 -42.60 -36.58 -24.08
N GLU A 61 -43.42 -36.63 -25.13
CA GLU A 61 -43.61 -35.47 -25.99
C GLU A 61 -44.34 -34.36 -25.24
N VAL A 62 -43.92 -33.12 -25.45
CA VAL A 62 -44.49 -31.97 -24.77
C VAL A 62 -44.93 -30.94 -25.80
N TRP A 63 -46.05 -30.28 -25.53
CA TRP A 63 -46.61 -29.32 -26.49
C TRP A 63 -45.64 -28.18 -26.76
N SER A 64 -44.82 -27.82 -25.77
CA SER A 64 -43.91 -26.68 -25.90
C SER A 64 -42.75 -26.93 -26.84
N ASN A 65 -42.51 -28.19 -27.21
CA ASN A 65 -41.51 -28.45 -28.26
C ASN A 65 -41.83 -27.67 -29.53
N LEU A 66 -43.11 -27.45 -29.81
CA LEU A 66 -43.53 -26.75 -31.02
C LEU A 66 -43.39 -25.24 -30.90
N LEU A 67 -43.10 -24.72 -29.72
CA LEU A 67 -42.83 -23.30 -29.54
C LEU A 67 -41.40 -22.93 -29.90
N THR A 68 -40.55 -23.90 -30.26
CA THR A 68 -39.16 -23.65 -30.58
C THR A 68 -38.77 -24.48 -31.79
N ASP A 69 -37.51 -24.38 -32.17
CA ASP A 69 -36.95 -25.01 -33.36
C ASP A 69 -35.99 -26.11 -32.91
N LEU A 70 -36.54 -27.28 -32.59
CA LEU A 70 -35.71 -28.36 -32.06
C LEU A 70 -34.73 -28.89 -33.10
N GLU A 71 -35.08 -28.81 -34.39
CA GLU A 71 -34.14 -29.21 -35.42
C GLU A 71 -32.83 -28.42 -35.31
N ARG A 72 -32.90 -27.20 -34.79
CA ARG A 72 -31.73 -26.35 -34.65
C ARG A 72 -30.96 -26.62 -33.35
N TYR A 73 -31.68 -26.88 -32.26
CA TYR A 73 -31.05 -26.90 -30.94
C TYR A 73 -30.72 -28.30 -30.43
N LYS A 74 -31.38 -29.33 -30.92
CA LYS A 74 -31.20 -30.65 -30.34
C LYS A 74 -29.78 -31.18 -30.60
N ALA A 75 -29.28 -31.95 -29.65
CA ALA A 75 -28.10 -32.76 -29.90
C ALA A 75 -28.49 -33.98 -30.71
N ARG A 76 -27.52 -34.51 -31.46
CA ARG A 76 -27.78 -35.64 -32.34
C ARG A 76 -26.63 -36.63 -32.24
N CYS A 77 -26.96 -37.91 -32.01
CA CYS A 77 -26.01 -38.99 -32.22
C CYS A 77 -25.89 -39.22 -33.72
N TYR A 78 -24.73 -38.94 -34.28
CA TYR A 78 -24.53 -38.99 -35.72
C TYR A 78 -23.69 -40.17 -36.19
N ARG A 79 -23.15 -40.96 -35.27
CA ARG A 79 -22.28 -42.08 -35.63
C ARG A 79 -22.13 -42.99 -34.43
N ILE A 80 -22.21 -44.29 -34.68
CA ILE A 80 -22.03 -45.31 -33.64
C ILE A 80 -20.99 -46.30 -34.13
N GLU A 81 -19.95 -46.52 -33.31
CA GLU A 81 -18.91 -47.50 -33.60
C GLU A 81 -18.90 -48.50 -32.44
N GLY A 82 -19.59 -49.62 -32.62
CA GLY A 82 -19.73 -50.59 -31.55
C GLY A 82 -20.50 -50.02 -30.37
N ASP A 83 -19.83 -49.87 -29.24
CA ASP A 83 -20.43 -49.30 -28.04
C ASP A 83 -20.05 -47.84 -27.84
N VAL A 84 -19.40 -47.23 -28.83
CA VAL A 84 -19.04 -45.81 -28.77
C VAL A 84 -20.05 -45.02 -29.58
N ALA A 85 -20.62 -43.99 -28.97
CA ALA A 85 -21.58 -43.11 -29.62
C ALA A 85 -20.99 -41.71 -29.72
N TYR A 86 -21.01 -41.16 -30.93
CA TYR A 86 -20.58 -39.79 -31.17
C TYR A 86 -21.80 -38.90 -31.23
N ILE A 87 -21.82 -37.84 -30.42
CA ILE A 87 -22.97 -36.95 -30.31
C ILE A 87 -22.49 -35.53 -30.55
N ALA A 88 -23.23 -34.79 -31.36
CA ALA A 88 -22.92 -33.40 -31.71
C ALA A 88 -23.91 -32.47 -31.04
N TYR A 89 -23.40 -31.41 -30.41
CA TYR A 89 -24.21 -30.43 -29.71
C TYR A 89 -24.06 -29.07 -30.38
N PRO A 90 -25.13 -28.42 -30.81
CA PRO A 90 -24.98 -27.10 -31.45
C PRO A 90 -24.31 -26.09 -30.51
N LEU A 91 -23.54 -25.19 -31.12
CA LEU A 91 -22.82 -24.17 -30.35
C LEU A 91 -23.77 -23.36 -29.49
N ASP A 92 -24.98 -23.09 -29.98
CA ASP A 92 -25.93 -22.24 -29.27
C ASP A 92 -26.42 -22.82 -27.96
N LEU A 93 -26.15 -24.10 -27.69
CA LEU A 93 -26.66 -24.73 -26.47
C LEU A 93 -25.90 -24.33 -25.22
N PHE A 94 -24.72 -23.72 -25.35
CA PHE A 94 -23.80 -23.58 -24.23
C PHE A 94 -23.63 -22.13 -23.81
N GLU A 95 -23.41 -21.93 -22.52
CA GLU A 95 -23.10 -20.60 -22.01
C GLU A 95 -21.62 -20.31 -22.20
N GLU A 96 -21.33 -19.17 -22.82
CA GLU A 96 -19.96 -18.76 -23.11
C GLU A 96 -19.10 -18.79 -21.85
N GLY A 97 -17.93 -19.39 -21.98
CA GLY A 97 -16.93 -19.33 -20.92
C GLY A 97 -17.25 -20.10 -19.66
N SER A 98 -18.20 -21.03 -19.70
CA SER A 98 -18.66 -21.72 -18.50
C SER A 98 -18.44 -23.23 -18.64
N ILE A 99 -17.35 -23.73 -18.03
CA ILE A 99 -17.21 -25.17 -17.89
C ILE A 99 -18.36 -25.74 -17.09
N VAL A 100 -18.87 -24.98 -16.12
CA VAL A 100 -19.98 -25.46 -15.30
C VAL A 100 -21.18 -25.79 -16.16
N ASN A 101 -21.46 -24.96 -17.17
CA ASN A 101 -22.58 -25.24 -18.06
C ASN A 101 -22.32 -26.48 -18.91
N ILE A 102 -21.09 -26.64 -19.40
CA ILE A 102 -20.74 -27.85 -20.16
C ILE A 102 -21.07 -29.09 -19.33
N MET A 103 -20.59 -29.13 -18.10
CA MET A 103 -20.84 -30.30 -17.25
C MET A 103 -22.32 -30.49 -16.99
N SER A 104 -23.06 -29.41 -16.79
CA SER A 104 -24.48 -29.53 -16.47
C SER A 104 -25.23 -30.17 -17.62
N SER A 105 -24.82 -29.90 -18.86
CA SER A 105 -25.44 -30.57 -20.00
C SER A 105 -24.84 -31.95 -20.23
N ILE A 106 -23.53 -32.01 -20.47
CA ILE A 106 -22.93 -33.23 -20.97
C ILE A 106 -22.93 -34.34 -19.92
N VAL A 107 -22.81 -34.01 -18.63
CA VAL A 107 -22.70 -35.04 -17.62
C VAL A 107 -23.71 -34.81 -16.50
N GLY A 108 -24.72 -33.98 -16.76
CA GLY A 108 -25.69 -33.61 -15.74
C GLY A 108 -26.51 -34.77 -15.19
N ASN A 109 -27.27 -35.44 -16.06
CA ASN A 109 -28.17 -36.49 -15.65
C ASN A 109 -27.96 -37.82 -16.38
N VAL A 110 -27.33 -37.82 -17.56
CA VAL A 110 -27.35 -38.99 -18.42
C VAL A 110 -26.55 -40.17 -17.88
N PHE A 111 -25.78 -39.98 -16.81
CA PHE A 111 -25.04 -41.10 -16.23
C PHE A 111 -25.88 -41.92 -15.26
N GLY A 112 -27.10 -41.50 -14.95
CA GLY A 112 -27.91 -42.17 -13.96
C GLY A 112 -29.21 -42.76 -14.49
N PHE A 113 -29.33 -42.89 -15.80
CA PHE A 113 -30.55 -43.42 -16.40
C PHE A 113 -30.60 -44.94 -16.29
N LYS A 114 -31.80 -45.46 -16.02
CA LYS A 114 -31.99 -46.91 -15.99
C LYS A 114 -31.69 -47.55 -17.33
N ALA A 115 -31.90 -46.83 -18.43
CA ALA A 115 -31.69 -47.39 -19.75
C ALA A 115 -30.22 -47.56 -20.10
N VAL A 116 -29.32 -46.92 -19.37
CA VAL A 116 -27.88 -47.01 -19.59
C VAL A 116 -27.24 -47.40 -18.27
N GLN A 117 -26.75 -48.64 -18.19
CA GLN A 117 -26.21 -49.13 -16.93
C GLN A 117 -24.82 -48.59 -16.65
N ALA A 118 -24.07 -48.22 -17.69
CA ALA A 118 -22.77 -47.58 -17.51
C ALA A 118 -22.54 -46.63 -18.67
N LEU A 119 -21.78 -45.57 -18.40
CA LEU A 119 -21.54 -44.53 -19.38
C LEU A 119 -20.21 -43.86 -19.06
N ARG A 120 -19.33 -43.75 -20.05
CA ARG A 120 -18.06 -43.06 -19.87
C ARG A 120 -17.85 -42.06 -21.01
N LEU A 121 -17.61 -40.80 -20.65
CA LEU A 121 -17.23 -39.76 -21.60
C LEU A 121 -15.73 -39.88 -21.85
N GLU A 122 -15.36 -40.32 -23.06
CA GLU A 122 -13.97 -40.61 -23.39
C GLU A 122 -13.21 -39.39 -23.88
N ASP A 123 -13.87 -38.52 -24.64
CA ASP A 123 -13.22 -37.34 -25.20
C ASP A 123 -14.29 -36.36 -25.64
N MET A 124 -13.85 -35.14 -25.93
CA MET A 124 -14.76 -34.05 -26.29
C MET A 124 -14.03 -33.09 -27.20
N ARG A 125 -14.63 -32.79 -28.35
CA ARG A 125 -14.08 -31.82 -29.30
C ARG A 125 -14.65 -30.46 -28.96
N ILE A 126 -13.84 -29.60 -28.34
CA ILE A 126 -14.26 -28.24 -28.05
C ILE A 126 -14.07 -27.41 -29.31
N PRO A 127 -15.12 -26.86 -29.90
CA PRO A 127 -14.93 -26.08 -31.14
C PRO A 127 -14.19 -24.79 -30.87
N VAL A 128 -13.42 -24.35 -31.87
CA VAL A 128 -12.66 -23.12 -31.75
C VAL A 128 -13.57 -21.98 -31.32
N ALA A 129 -14.76 -21.89 -31.92
CA ALA A 129 -15.65 -20.76 -31.64
C ALA A 129 -16.08 -20.76 -30.17
N TYR A 130 -16.11 -21.91 -29.53
CA TYR A 130 -16.42 -21.95 -28.10
C TYR A 130 -15.18 -21.73 -27.24
N LEU A 131 -14.03 -22.26 -27.69
CA LEU A 131 -12.78 -22.04 -26.96
C LEU A 131 -12.48 -20.56 -26.81
N LYS A 132 -12.76 -19.76 -27.84
CA LYS A 132 -12.44 -18.34 -27.80
C LYS A 132 -13.22 -17.60 -26.71
N THR A 133 -14.22 -18.21 -26.10
CA THR A 133 -14.92 -17.61 -24.98
C THR A 133 -14.23 -17.87 -23.65
N PHE A 134 -13.09 -18.55 -23.65
CA PHE A 134 -12.33 -18.87 -22.44
C PHE A 134 -10.96 -18.20 -22.48
N PRO A 135 -10.42 -17.81 -21.30
CA PRO A 135 -9.15 -17.08 -21.30
C PRO A 135 -7.91 -17.96 -21.34
N GLY A 136 -8.04 -19.19 -20.86
CA GLY A 136 -6.92 -20.08 -20.79
C GLY A 136 -5.98 -19.73 -19.65
N PRO A 137 -4.80 -20.35 -19.63
CA PRO A 137 -3.86 -20.12 -18.51
C PRO A 137 -3.46 -18.67 -18.42
N PRO A 138 -3.28 -18.14 -17.19
CA PRO A 138 -2.88 -16.73 -17.06
C PRO A 138 -1.41 -16.49 -17.37
N THR A 139 -0.56 -17.48 -17.12
CA THR A 139 0.87 -17.32 -17.30
C THR A 139 1.37 -18.08 -18.54
N GLY A 140 1.26 -19.39 -18.54
CA GLY A 140 1.77 -20.17 -19.67
C GLY A 140 3.22 -20.58 -19.47
N ILE A 141 3.57 -21.70 -20.10
CA ILE A 141 4.88 -22.31 -19.90
C ILE A 141 5.99 -21.30 -20.17
N GLN A 142 5.90 -20.59 -21.30
CA GLN A 142 7.00 -19.73 -21.73
C GLN A 142 7.20 -18.57 -20.76
N VAL A 143 6.12 -17.87 -20.41
CA VAL A 143 6.23 -16.75 -19.48
C VAL A 143 6.72 -17.25 -18.13
N GLU A 144 6.25 -18.41 -17.68
CA GLU A 144 6.66 -18.94 -16.39
C GLU A 144 8.16 -19.20 -16.35
N ARG A 145 8.71 -19.79 -17.41
CA ARG A 145 10.15 -20.03 -17.46
C ARG A 145 10.91 -18.71 -17.41
N ASP A 146 10.42 -17.69 -18.10
CA ASP A 146 11.06 -16.37 -18.05
C ASP A 146 11.00 -15.80 -16.63
N ARG A 147 9.83 -15.88 -15.99
CA ARG A 147 9.71 -15.38 -14.63
C ARG A 147 10.64 -16.13 -13.68
N LEU A 148 10.85 -17.42 -13.92
CA LEU A 148 11.75 -18.21 -13.09
C LEU A 148 13.20 -18.14 -13.56
N ASN A 149 13.43 -17.78 -14.81
CA ASN A 149 14.78 -17.78 -15.38
C ASN A 149 15.39 -19.18 -15.35
N LYS A 150 14.58 -20.18 -15.70
CA LYS A 150 15.00 -21.58 -15.71
C LYS A 150 14.67 -22.17 -17.08
N TYR A 151 15.69 -22.71 -17.76
CA TYR A 151 15.52 -23.19 -19.12
C TYR A 151 16.26 -24.50 -19.32
N GLY A 152 15.73 -25.32 -20.22
CA GLY A 152 16.46 -26.47 -20.72
C GLY A 152 16.45 -27.69 -19.84
N ARG A 153 15.49 -27.82 -18.92
CA ARG A 153 15.42 -29.00 -18.06
C ARG A 153 14.03 -29.06 -17.46
N PRO A 154 13.59 -30.24 -17.03
CA PRO A 154 12.40 -30.31 -16.17
C PRO A 154 12.65 -29.54 -14.88
N LEU A 155 11.58 -29.00 -14.32
CA LEU A 155 11.66 -28.23 -13.09
C LEU A 155 11.39 -29.14 -11.89
N LEU A 156 12.08 -28.86 -10.79
CA LEU A 156 12.07 -29.73 -9.62
C LEU A 156 11.10 -29.18 -8.58
N GLY A 157 10.27 -30.06 -8.03
CA GLY A 157 9.37 -29.70 -6.95
C GLY A 157 9.24 -30.80 -5.92
N GLY A 158 8.31 -30.65 -4.99
CA GLY A 158 8.11 -31.66 -3.97
C GLY A 158 7.09 -31.26 -2.93
N THR A 159 6.23 -32.21 -2.55
CA THR A 159 5.23 -31.96 -1.52
C THR A 159 5.83 -32.11 -0.14
N ILE A 160 5.49 -31.18 0.75
CA ILE A 160 5.99 -31.24 2.12
C ILE A 160 5.28 -32.37 2.86
N LYS A 161 6.04 -33.21 3.54
CA LYS A 161 5.54 -34.32 4.32
C LYS A 161 5.99 -34.19 5.78
N PRO A 162 5.21 -34.69 6.74
CA PRO A 162 3.91 -35.37 6.64
C PRO A 162 2.84 -34.48 6.00
N LYS A 163 1.86 -35.09 5.34
CA LYS A 163 0.81 -34.31 4.69
C LYS A 163 0.25 -33.27 5.64
N LEU A 164 -0.13 -33.71 6.84
CA LEU A 164 -0.69 -32.86 7.88
C LEU A 164 0.05 -33.16 9.18
N GLY A 165 -0.04 -32.22 10.12
CA GLY A 165 0.48 -32.40 11.47
C GLY A 165 1.64 -31.49 11.83
N LEU A 166 2.29 -30.88 10.85
CA LEU A 166 3.39 -29.98 11.13
C LEU A 166 2.88 -28.59 11.47
N SER A 167 3.52 -27.97 12.46
CA SER A 167 3.25 -26.56 12.74
C SER A 167 3.72 -25.70 11.57
N ALA A 168 3.22 -24.46 11.54
CA ALA A 168 3.59 -23.56 10.45
C ALA A 168 5.08 -23.29 10.44
N LYS A 169 5.69 -23.06 11.61
CA LYS A 169 7.10 -22.73 11.64
C LYS A 169 7.97 -23.91 11.21
N GLU A 170 7.70 -25.09 11.76
CA GLU A 170 8.46 -26.26 11.37
C GLU A 170 8.16 -26.66 9.92
N TYR A 171 6.93 -26.48 9.48
CA TYR A 171 6.60 -26.71 8.08
C TYR A 171 7.55 -25.94 7.17
N ALA A 172 7.74 -24.65 7.46
CA ALA A 172 8.62 -23.82 6.63
C ALA A 172 10.09 -24.21 6.78
N ARG A 173 10.46 -24.80 7.93
CA ARG A 173 11.81 -25.35 8.04
C ARG A 173 12.06 -26.40 6.98
N VAL A 174 11.09 -27.29 6.75
CA VAL A 174 11.23 -28.30 5.71
C VAL A 174 11.30 -27.65 4.34
N VAL A 175 10.47 -26.63 4.10
CA VAL A 175 10.53 -25.88 2.84
C VAL A 175 11.93 -25.31 2.64
N TYR A 176 12.46 -24.65 3.67
CA TYR A 176 13.77 -24.02 3.56
C TYR A 176 14.84 -25.03 3.17
N GLU A 177 14.87 -26.18 3.84
CA GLU A 177 15.87 -27.20 3.53
C GLU A 177 15.74 -27.70 2.09
N CYS A 178 14.50 -27.89 1.63
CA CYS A 178 14.28 -28.39 0.28
C CYS A 178 14.79 -27.40 -0.76
N LEU A 179 14.36 -26.15 -0.66
CA LEU A 179 14.70 -25.17 -1.68
C LEU A 179 16.19 -24.87 -1.69
N ARG A 180 16.81 -24.73 -0.51
CA ARG A 180 18.24 -24.48 -0.46
C ARG A 180 19.05 -25.70 -0.90
N GLY A 181 18.43 -26.87 -0.95
CA GLY A 181 19.08 -28.08 -1.41
C GLY A 181 19.07 -28.31 -2.90
N GLY A 182 18.23 -27.58 -3.64
CA GLY A 182 18.23 -27.70 -5.09
C GLY A 182 16.87 -27.71 -5.75
N LEU A 183 15.80 -27.96 -4.99
CA LEU A 183 14.47 -27.93 -5.58
C LEU A 183 14.12 -26.52 -6.02
N ASP A 184 13.47 -26.41 -7.18
CA ASP A 184 12.99 -25.12 -7.63
C ASP A 184 11.77 -24.67 -6.84
N THR A 185 10.90 -25.62 -6.46
CA THR A 185 9.68 -25.30 -5.75
C THR A 185 9.38 -26.37 -4.72
N THR A 186 8.43 -26.05 -3.83
CA THR A 186 7.81 -27.01 -2.92
C THR A 186 6.32 -26.70 -2.91
N KCX A 187 5.50 -27.58 -2.32
CA KCX A 187 4.07 -27.31 -2.32
CB KCX A 187 3.36 -27.92 -3.57
CG KCX A 187 3.44 -29.46 -3.53
CD KCX A 187 2.80 -30.08 -4.78
CE KCX A 187 1.28 -29.94 -4.76
NZ KCX A 187 0.71 -30.67 -3.67
C KCX A 187 3.33 -27.81 -1.10
O KCX A 187 3.82 -28.84 -0.53
CX KCX A 187 0.40 -32.04 -3.75
OQ1 KCX A 187 0.64 -32.69 -4.75
OQ2 KCX A 187 -0.13 -32.47 -2.66
N ASP A 188 2.27 -27.13 -0.66
CA ASP A 188 1.34 -27.65 0.32
C ASP A 188 0.70 -28.92 -0.21
N ASP A 189 0.42 -29.88 0.67
CA ASP A 189 -0.37 -31.03 0.26
C ASP A 189 -1.78 -30.58 -0.11
N GLU A 190 -2.42 -31.35 -0.99
CA GLU A 190 -3.75 -30.97 -1.45
C GLU A 190 -4.71 -30.78 -0.29
N ASN A 191 -4.56 -31.54 0.80
CA ASN A 191 -5.47 -31.48 1.92
C ASN A 191 -4.99 -30.56 3.04
N LEU A 192 -3.87 -29.87 2.84
CA LEU A 192 -3.40 -28.86 3.79
C LEU A 192 -3.99 -27.52 3.36
N ASN A 193 -5.02 -27.08 4.07
CA ASN A 193 -5.64 -25.80 3.78
C ASN A 193 -5.45 -24.89 4.96
N SER A 194 -6.35 -24.83 5.93
CA SER A 194 -6.16 -24.16 7.20
C SER A 194 -6.78 -25.02 8.28
N GLN A 195 -5.96 -25.47 9.22
CA GLN A 195 -6.39 -26.43 10.25
C GLN A 195 -5.81 -26.04 11.59
N PRO A 196 -6.35 -26.59 12.69
CA PRO A 196 -5.88 -26.19 14.03
C PRO A 196 -4.37 -26.29 14.24
N PHE A 197 -3.74 -27.30 13.65
CA PHE A 197 -2.30 -27.50 13.82
C PHE A 197 -1.47 -26.61 12.91
N ASN A 198 -2.09 -25.93 11.94
CA ASN A 198 -1.35 -25.19 10.93
C ASN A 198 -2.31 -24.24 10.20
N ARG A 199 -2.44 -23.02 10.68
CA ARG A 199 -3.34 -22.04 10.08
C ARG A 199 -2.66 -21.36 8.90
N TRP A 200 -3.47 -21.00 7.90
CA TRP A 200 -2.91 -20.62 6.61
C TRP A 200 -2.10 -19.34 6.70
N ARG A 201 -2.58 -18.33 7.44
CA ARG A 201 -1.82 -17.09 7.55
C ARG A 201 -0.43 -17.34 8.13
N ASP A 202 -0.36 -18.10 9.22
CA ASP A 202 0.93 -18.45 9.80
C ASP A 202 1.82 -19.14 8.76
N ARG A 203 1.25 -20.14 8.06
CA ARG A 203 2.05 -20.89 7.08
C ARG A 203 2.54 -20.00 5.96
N PHE A 204 1.65 -19.17 5.40
CA PHE A 204 2.05 -18.31 4.28
C PHE A 204 3.22 -17.41 4.68
N LEU A 205 3.16 -16.83 5.89
CA LEU A 205 4.23 -15.95 6.35
C LEU A 205 5.54 -16.71 6.49
N TYR A 206 5.53 -17.83 7.23
CA TYR A 206 6.76 -18.57 7.46
C TYR A 206 7.33 -19.14 6.17
N VAL A 207 6.45 -19.61 5.28
CA VAL A 207 6.92 -20.19 4.01
C VAL A 207 7.69 -19.14 3.21
N MET A 208 7.14 -17.94 3.09
CA MET A 208 7.80 -16.93 2.28
C MET A 208 9.12 -16.47 2.89
N GLU A 209 9.24 -16.50 4.22
CA GLU A 209 10.55 -16.31 4.83
C GLU A 209 11.53 -17.36 4.34
N ALA A 210 11.11 -18.63 4.33
CA ALA A 210 11.97 -19.69 3.84
C ALA A 210 12.31 -19.51 2.37
N VAL A 211 11.31 -19.14 1.57
CA VAL A 211 11.53 -18.98 0.13
C VAL A 211 12.57 -17.90 -0.14
N ARG A 212 12.39 -16.72 0.47
CA ARG A 212 13.35 -15.64 0.27
C ARG A 212 14.74 -16.04 0.75
N LYS A 213 14.82 -16.73 1.89
CA LYS A 213 16.11 -17.13 2.43
C LYS A 213 16.82 -18.09 1.48
N ALA A 214 16.11 -19.09 0.98
CA ALA A 214 16.72 -20.04 0.06
C ALA A 214 17.12 -19.38 -1.25
N GLU A 215 16.31 -18.42 -1.71
CA GLU A 215 16.63 -17.70 -2.95
C GLU A 215 17.94 -16.93 -2.81
N ALA A 216 18.15 -16.29 -1.67
CA ALA A 216 19.36 -15.48 -1.47
C ALA A 216 20.59 -16.38 -1.32
N GLU A 217 20.44 -17.53 -0.66
CA GLU A 217 21.58 -18.39 -0.41
C GLU A 217 22.03 -19.15 -1.66
N THR A 218 21.08 -19.54 -2.52
CA THR A 218 21.41 -20.31 -3.71
C THR A 218 21.69 -19.45 -4.93
N GLY A 219 21.09 -18.27 -4.99
CA GLY A 219 21.15 -17.46 -6.19
C GLY A 219 20.16 -17.81 -7.26
N GLU A 220 19.30 -18.80 -7.02
CA GLU A 220 18.28 -19.22 -7.97
C GLU A 220 16.90 -18.81 -7.45
N ARG A 221 16.05 -18.37 -8.36
CA ARG A 221 14.70 -17.99 -7.98
C ARG A 221 13.92 -19.21 -7.49
N LYS A 222 13.09 -19.01 -6.48
CA LYS A 222 12.38 -20.09 -5.82
C LYS A 222 10.90 -19.76 -5.73
N GLY A 223 10.10 -20.78 -5.44
CA GLY A 223 8.67 -20.60 -5.25
C GLY A 223 8.10 -21.71 -4.41
N HIS A 224 6.98 -21.42 -3.77
CA HIS A 224 6.22 -22.41 -3.03
C HIS A 224 4.76 -22.30 -3.42
N TRP A 225 4.12 -23.44 -3.66
CA TRP A 225 2.74 -23.48 -4.11
C TRP A 225 1.84 -23.44 -2.87
N LEU A 226 1.49 -22.22 -2.48
CA LEU A 226 0.66 -21.98 -1.31
C LEU A 226 -0.79 -22.33 -1.63
N ASN A 227 -1.35 -23.29 -0.90
CA ASN A 227 -2.70 -23.78 -1.18
C ASN A 227 -3.72 -22.81 -0.64
N VAL A 228 -4.53 -22.23 -1.53
CA VAL A 228 -5.62 -21.35 -1.12
C VAL A 228 -6.95 -22.08 -1.06
N THR A 229 -6.98 -23.37 -1.40
CA THR A 229 -8.20 -24.16 -1.31
C THR A 229 -8.88 -23.95 0.04
N ALA A 230 -10.17 -23.63 0.00
CA ALA A 230 -10.90 -23.29 1.22
C ALA A 230 -12.38 -23.60 1.01
N GLY A 231 -13.17 -23.44 2.07
CA GLY A 231 -14.56 -23.85 2.06
C GLY A 231 -15.47 -22.95 1.25
N SER A 232 -15.04 -21.73 0.95
CA SER A 232 -15.84 -20.79 0.18
C SER A 232 -14.94 -20.05 -0.80
N THR A 233 -15.56 -19.52 -1.85
CA THR A 233 -14.79 -18.72 -2.82
C THR A 233 -14.20 -17.49 -2.16
N GLU A 234 -14.96 -16.82 -1.30
CA GLU A 234 -14.45 -15.63 -0.63
C GLU A 234 -13.19 -15.92 0.17
N GLU A 235 -13.16 -17.06 0.86
CA GLU A 235 -11.99 -17.41 1.66
C GLU A 235 -10.79 -17.69 0.76
N MET A 236 -11.01 -18.34 -0.38
CA MET A 236 -9.90 -18.61 -1.30
C MET A 236 -9.31 -17.32 -1.85
N LEU A 237 -10.17 -16.37 -2.23
CA LEU A 237 -9.67 -15.11 -2.79
C LEU A 237 -8.88 -14.33 -1.73
N LYS A 238 -9.34 -14.34 -0.50
CA LYS A 238 -8.60 -13.72 0.59
C LYS A 238 -7.21 -14.32 0.71
N ARG A 239 -7.11 -15.65 0.69
CA ARG A 239 -5.81 -16.30 0.82
C ARG A 239 -4.92 -16.02 -0.38
N ALA A 240 -5.50 -15.91 -1.57
CA ALA A 240 -4.71 -15.51 -2.73
C ALA A 240 -4.18 -14.09 -2.58
N GLU A 241 -5.03 -13.18 -2.09
CA GLU A 241 -4.61 -11.80 -1.87
C GLU A 241 -3.40 -11.74 -0.95
N PHE A 242 -3.44 -12.46 0.17
CA PHE A 242 -2.33 -12.42 1.11
C PHE A 242 -1.06 -12.98 0.49
N ALA A 243 -1.17 -14.10 -0.24
CA ALA A 243 0.00 -14.65 -0.92
C ALA A 243 0.64 -13.61 -1.83
N ALA A 244 -0.18 -12.82 -2.53
CA ALA A 244 0.36 -11.78 -3.40
C ALA A 244 1.01 -10.66 -2.58
N GLU A 245 0.37 -10.25 -1.49
CA GLU A 245 0.96 -9.23 -0.64
C GLU A 245 2.32 -9.64 -0.12
N LEU A 246 2.54 -10.94 0.11
CA LEU A 246 3.82 -11.44 0.58
C LEU A 246 4.84 -11.62 -0.53
N GLY A 247 4.46 -11.37 -1.78
CA GLY A 247 5.38 -11.50 -2.89
C GLY A 247 5.54 -12.91 -3.41
N SER A 248 4.61 -13.81 -3.10
CA SER A 248 4.72 -15.17 -3.60
C SER A 248 4.50 -15.19 -5.11
N ARG A 249 5.32 -15.99 -5.80
CA ARG A 249 5.13 -16.19 -7.23
C ARG A 249 3.97 -17.13 -7.54
N TYR A 250 3.51 -17.91 -6.56
CA TYR A 250 2.57 -18.99 -6.80
C TYR A 250 1.47 -19.02 -5.78
N ILE A 251 0.31 -19.53 -6.20
CA ILE A 251 -0.69 -20.11 -5.32
C ILE A 251 -1.08 -21.46 -5.90
N MET A 252 -1.86 -22.21 -5.13
CA MET A 252 -2.30 -23.55 -5.50
C MET A 252 -3.78 -23.68 -5.20
N VAL A 253 -4.50 -24.42 -6.04
CA VAL A 253 -5.92 -24.66 -5.85
C VAL A 253 -6.24 -26.10 -6.23
N ASP A 254 -7.07 -26.75 -5.42
CA ASP A 254 -7.65 -28.05 -5.75
C ASP A 254 -8.87 -27.76 -6.62
N PHE A 255 -8.68 -27.77 -7.94
CA PHE A 255 -9.72 -27.20 -8.80
C PHE A 255 -10.97 -28.08 -8.89
N LEU A 256 -10.84 -29.38 -8.63
CA LEU A 256 -12.02 -30.24 -8.67
C LEU A 256 -12.76 -30.27 -7.34
N THR A 257 -12.04 -30.31 -6.21
CA THR A 257 -12.73 -30.32 -4.92
C THR A 257 -13.33 -28.95 -4.61
N ALA A 258 -12.59 -27.87 -4.91
CA ALA A 258 -13.16 -26.54 -4.78
C ALA A 258 -14.29 -26.32 -5.78
N GLY A 259 -14.13 -26.82 -6.99
CA GLY A 259 -15.16 -26.75 -8.00
C GLY A 259 -14.83 -25.70 -9.06
N PHE A 260 -15.45 -25.89 -10.24
CA PHE A 260 -15.07 -25.08 -11.39
C PHE A 260 -15.52 -23.63 -11.26
N ALA A 261 -16.68 -23.37 -10.65
CA ALA A 261 -17.12 -22.00 -10.49
C ALA A 261 -16.16 -21.20 -9.60
N ALA A 262 -15.80 -21.78 -8.45
CA ALA A 262 -14.83 -21.12 -7.58
C ALA A 262 -13.43 -21.15 -8.21
N PHE A 263 -13.10 -22.21 -8.94
CA PHE A 263 -11.83 -22.26 -9.65
C PHE A 263 -11.71 -21.07 -10.61
N ALA A 264 -12.76 -20.81 -11.38
CA ALA A 264 -12.72 -19.70 -12.33
C ALA A 264 -12.54 -18.37 -11.61
N SER A 265 -13.20 -18.21 -10.45
CA SER A 265 -13.01 -17.00 -9.66
C SER A 265 -11.56 -16.83 -9.26
N VAL A 266 -10.93 -17.90 -8.77
CA VAL A 266 -9.55 -17.80 -8.31
C VAL A 266 -8.62 -17.53 -9.49
N ARG A 267 -8.86 -18.18 -10.62
CA ARG A 267 -8.02 -17.97 -11.79
C ARG A 267 -8.05 -16.52 -12.24
N ARG A 268 -9.23 -15.91 -12.23
CA ARG A 268 -9.33 -14.49 -12.56
C ARG A 268 -8.54 -13.64 -11.57
N ARG A 269 -8.74 -13.86 -10.28
CA ARG A 269 -8.02 -13.08 -9.28
C ARG A 269 -6.51 -13.31 -9.37
N ALA A 270 -6.10 -14.54 -9.65
CA ALA A 270 -4.67 -14.83 -9.76
C ALA A 270 -4.02 -13.96 -10.84
N GLU A 271 -4.66 -13.87 -12.01
CA GLU A 271 -4.11 -13.04 -13.08
C GLU A 271 -4.05 -11.58 -12.65
N GLU A 272 -5.10 -11.10 -11.97
CA GLU A 272 -5.11 -9.71 -11.53
C GLU A 272 -4.01 -9.44 -10.51
N LEU A 273 -3.63 -10.43 -9.72
CA LEU A 273 -2.59 -10.27 -8.71
C LEU A 273 -1.19 -10.58 -9.23
N GLY A 274 -1.07 -11.10 -10.45
CA GLY A 274 0.22 -11.50 -10.96
C GLY A 274 0.71 -12.84 -10.49
N LEU A 275 -0.16 -13.67 -9.92
CA LEU A 275 0.22 -14.97 -9.39
C LEU A 275 0.15 -16.04 -10.46
N MET A 276 1.08 -16.99 -10.40
CA MET A 276 1.00 -18.22 -11.19
C MET A 276 0.20 -19.25 -10.41
N LEU A 277 -0.57 -20.06 -11.14
CA LEU A 277 -1.62 -20.87 -10.55
C LEU A 277 -1.35 -22.36 -10.76
N HIS A 278 -0.91 -23.03 -9.70
CA HIS A 278 -0.77 -24.48 -9.71
C HIS A 278 -2.11 -25.12 -9.40
N CYS A 279 -2.48 -26.14 -10.17
CA CYS A 279 -3.77 -26.79 -10.03
C CYS A 279 -3.56 -28.26 -9.69
N HIS A 280 -4.11 -28.67 -8.56
CA HIS A 280 -4.08 -30.07 -8.10
C HIS A 280 -5.40 -30.72 -8.45
N ARG A 281 -5.33 -31.95 -8.95
CA ARG A 281 -6.50 -32.64 -9.48
C ARG A 281 -7.14 -33.59 -8.47
N ALA A 282 -7.05 -33.25 -7.18
CA ALA A 282 -7.66 -34.09 -6.15
C ALA A 282 -9.11 -34.41 -6.52
N MET A 283 -9.48 -35.68 -6.35
CA MET A 283 -10.81 -36.25 -6.56
C MET A 283 -10.98 -36.80 -7.98
N HIS A 284 -10.05 -36.53 -8.89
CA HIS A 284 -10.24 -36.94 -10.28
C HIS A 284 -10.43 -38.45 -10.41
N ALA A 285 -9.70 -39.23 -9.61
CA ALA A 285 -9.78 -40.68 -9.71
C ALA A 285 -11.14 -41.22 -9.26
N VAL A 286 -11.93 -40.42 -8.54
CA VAL A 286 -13.25 -40.86 -8.14
C VAL A 286 -14.11 -41.21 -9.35
N PHE A 287 -13.86 -40.54 -10.49
CA PHE A 287 -14.67 -40.77 -11.67
C PHE A 287 -13.91 -40.93 -12.98
N ASP A 288 -12.57 -40.88 -12.98
CA ASP A 288 -11.82 -41.07 -14.21
C ASP A 288 -11.00 -42.35 -14.21
N ARG A 289 -11.10 -43.18 -13.17
CA ARG A 289 -10.29 -44.38 -13.06
C ARG A 289 -10.88 -45.53 -13.88
N GLN A 290 -12.16 -45.84 -13.66
CA GLN A 290 -12.70 -47.08 -14.20
C GLN A 290 -13.04 -46.93 -15.68
N PRO A 291 -12.75 -47.95 -16.49
CA PRO A 291 -12.96 -47.83 -17.94
C PRO A 291 -14.41 -47.93 -18.40
N ASN A 292 -15.33 -48.33 -17.53
CA ASN A 292 -16.71 -48.52 -17.94
C ASN A 292 -17.62 -47.35 -17.58
N HIS A 293 -17.19 -46.46 -16.70
CA HIS A 293 -18.09 -45.42 -16.21
C HIS A 293 -17.29 -44.22 -15.75
N GLY A 294 -17.73 -43.01 -16.12
CA GLY A 294 -17.14 -41.80 -15.59
C GLY A 294 -16.69 -40.84 -16.71
N ILE A 295 -15.66 -40.06 -16.39
CA ILE A 295 -15.11 -39.07 -17.32
C ILE A 295 -13.60 -39.29 -17.39
N HIS A 296 -13.10 -39.58 -18.59
CA HIS A 296 -11.66 -39.75 -18.74
C HIS A 296 -10.94 -38.45 -18.39
N PHE A 297 -9.71 -38.59 -17.87
CA PHE A 297 -8.99 -37.41 -17.41
C PHE A 297 -8.64 -36.45 -18.55
N ARG A 298 -8.52 -36.95 -19.78
CA ARG A 298 -8.19 -36.04 -20.88
C ARG A 298 -9.26 -34.98 -21.07
N VAL A 299 -10.52 -35.31 -20.76
CA VAL A 299 -11.58 -34.31 -20.79
C VAL A 299 -11.37 -33.30 -19.67
N LEU A 300 -11.12 -33.79 -18.45
CA LEU A 300 -10.81 -32.88 -17.35
C LEU A 300 -9.61 -32.00 -17.66
N ALA A 301 -8.60 -32.58 -18.32
CA ALA A 301 -7.43 -31.80 -18.71
C ALA A 301 -7.79 -30.70 -19.69
N LYS A 302 -8.68 -31.00 -20.64
CA LYS A 302 -9.12 -29.96 -21.57
C LYS A 302 -9.83 -28.83 -20.84
N TRP A 303 -10.77 -29.17 -19.97
CA TRP A 303 -11.46 -28.14 -19.19
C TRP A 303 -10.46 -27.36 -18.34
N LEU A 304 -9.46 -28.04 -17.77
CA LEU A 304 -8.45 -27.37 -16.97
C LEU A 304 -7.74 -26.29 -17.79
N ARG A 305 -7.32 -26.63 -19.01
CA ARG A 305 -6.60 -25.66 -19.83
C ARG A 305 -7.52 -24.52 -20.26
N MET A 306 -8.81 -24.79 -20.43
CA MET A 306 -9.74 -23.75 -20.85
C MET A 306 -9.92 -22.69 -19.77
N VAL A 307 -10.20 -23.12 -18.54
CA VAL A 307 -10.33 -22.17 -17.44
C VAL A 307 -9.04 -21.40 -17.27
N GLY A 308 -7.92 -22.12 -17.18
CA GLY A 308 -6.63 -21.49 -17.10
C GLY A 308 -5.84 -21.82 -15.85
N GLY A 309 -5.39 -23.07 -15.73
CA GLY A 309 -4.35 -23.40 -14.79
C GLY A 309 -3.00 -23.30 -15.46
N ASP A 310 -1.99 -22.92 -14.67
CA ASP A 310 -0.63 -22.84 -15.21
C ASP A 310 0.08 -24.19 -15.18
N HIS A 311 -0.24 -25.04 -14.20
CA HIS A 311 0.15 -26.44 -14.22
C HIS A 311 -1.05 -27.29 -13.84
N VAL A 312 -0.96 -28.59 -14.16
CA VAL A 312 -1.87 -29.58 -13.61
C VAL A 312 -1.14 -30.91 -13.55
N HIS A 313 -1.44 -31.69 -12.52
CA HIS A 313 -0.88 -33.02 -12.39
C HIS A 313 -1.41 -33.92 -13.50
N THR A 314 -0.52 -34.73 -14.06
CA THR A 314 -0.88 -35.65 -15.14
C THR A 314 -0.57 -37.10 -14.80
N GLY A 315 0.00 -37.37 -13.63
CA GLY A 315 0.47 -38.70 -13.30
C GLY A 315 1.91 -38.92 -13.70
N THR A 316 2.47 -40.04 -13.21
CA THR A 316 3.86 -40.38 -13.47
C THR A 316 4.03 -41.61 -14.35
N VAL A 317 2.99 -42.43 -14.50
CA VAL A 317 3.08 -43.72 -15.17
C VAL A 317 3.80 -44.73 -14.28
N VAL A 318 5.01 -44.36 -13.84
CA VAL A 318 5.88 -45.32 -13.14
C VAL A 318 5.78 -45.23 -11.63
N GLY A 319 5.00 -44.31 -11.10
CA GLY A 319 4.92 -44.08 -9.67
C GLY A 319 3.86 -44.91 -8.98
N LYS A 320 3.41 -44.41 -7.83
CA LYS A 320 2.49 -45.14 -6.97
C LYS A 320 1.04 -45.02 -7.42
N LEU A 321 0.71 -44.03 -8.24
CA LEU A 321 -0.66 -43.81 -8.70
C LEU A 321 -0.81 -44.26 -10.15
N GLU A 322 -2.00 -44.77 -10.49
CA GLU A 322 -2.21 -45.37 -11.79
C GLU A 322 -2.21 -44.31 -12.88
N GLY A 323 -1.67 -44.68 -14.04
CA GLY A 323 -1.60 -43.79 -15.19
C GLY A 323 -1.02 -44.48 -16.40
N ASP A 324 -1.75 -44.48 -17.51
CA ASP A 324 -1.33 -45.20 -18.71
C ASP A 324 -0.32 -44.38 -19.50
N ARG A 325 0.74 -45.05 -19.97
CA ARG A 325 1.80 -44.34 -20.67
C ARG A 325 1.29 -43.66 -21.93
N ALA A 326 0.65 -44.42 -22.81
CA ALA A 326 0.21 -43.85 -24.09
C ALA A 326 -0.82 -42.76 -23.88
N GLU A 327 -1.77 -42.96 -22.96
CA GLU A 327 -2.77 -41.94 -22.69
C GLU A 327 -2.13 -40.69 -22.10
N THR A 328 -1.11 -40.88 -21.26
CA THR A 328 -0.43 -39.73 -20.66
C THR A 328 0.30 -38.91 -21.71
N LEU A 329 0.92 -39.58 -22.69
CA LEU A 329 1.57 -38.86 -23.77
C LEU A 329 0.58 -38.01 -24.55
N GLY A 330 -0.62 -38.55 -24.79
CA GLY A 330 -1.64 -37.76 -25.47
C GLY A 330 -2.10 -36.58 -24.63
N ILE A 331 -2.24 -36.79 -23.32
CA ILE A 331 -2.68 -35.71 -22.44
C ILE A 331 -1.61 -34.63 -22.34
N ALA A 332 -0.34 -35.00 -22.37
CA ALA A 332 0.72 -33.99 -22.33
C ALA A 332 0.67 -33.11 -23.57
N ASP A 333 0.36 -33.68 -24.73
CA ASP A 333 0.20 -32.87 -25.94
C ASP A 333 -1.03 -31.97 -25.84
N LEU A 334 -2.14 -32.51 -25.35
CA LEU A 334 -3.34 -31.70 -25.18
C LEU A 334 -3.06 -30.48 -24.31
N LEU A 335 -2.16 -30.60 -23.34
CA LEU A 335 -1.90 -29.49 -22.43
C LEU A 335 -0.88 -28.51 -23.00
N ARG A 336 0.03 -28.97 -23.87
CA ARG A 336 1.17 -28.16 -24.27
C ARG A 336 1.15 -27.69 -25.72
N GLU A 337 0.41 -28.36 -26.61
CA GLU A 337 0.49 -28.07 -28.04
C GLU A 337 -0.60 -27.10 -28.47
N ASP A 338 -0.34 -26.42 -29.59
CA ASP A 338 -1.31 -25.51 -30.19
C ASP A 338 -2.38 -26.26 -30.96
N TYR A 339 -2.07 -27.44 -31.48
CA TYR A 339 -3.01 -28.24 -32.25
C TYR A 339 -2.65 -29.71 -32.06
N VAL A 340 -3.63 -30.52 -31.70
CA VAL A 340 -3.39 -31.95 -31.46
C VAL A 340 -4.26 -32.75 -32.41
N PRO A 341 -3.69 -33.41 -33.42
CA PRO A 341 -4.50 -34.27 -34.29
C PRO A 341 -4.98 -35.52 -33.56
N ALA A 342 -6.10 -36.05 -34.04
CA ALA A 342 -6.65 -37.27 -33.48
C ALA A 342 -5.63 -38.39 -33.59
N ASP A 343 -5.68 -39.32 -32.63
CA ASP A 343 -4.72 -40.42 -32.58
C ASP A 343 -5.31 -41.56 -31.75
N PRO A 344 -5.87 -42.59 -32.39
CA PRO A 344 -6.45 -43.69 -31.60
C PRO A 344 -5.43 -44.40 -30.74
N GLY A 345 -4.15 -44.37 -31.13
CA GLY A 345 -3.11 -45.00 -30.35
C GLY A 345 -2.81 -44.31 -29.04
N ARG A 346 -3.38 -43.13 -28.80
CA ARG A 346 -3.26 -42.44 -27.52
C ARG A 346 -4.62 -42.04 -26.97
N GLY A 347 -5.70 -42.59 -27.52
CA GLY A 347 -7.03 -42.30 -27.03
C GLY A 347 -7.55 -40.92 -27.38
N LEU A 348 -6.97 -40.26 -28.37
CA LEU A 348 -7.41 -38.93 -28.79
C LEU A 348 -8.45 -39.12 -29.90
N PHE A 349 -9.73 -38.97 -29.54
CA PHE A 349 -10.82 -39.25 -30.47
C PHE A 349 -11.01 -38.18 -31.52
N PHE A 350 -10.59 -36.95 -31.24
CA PHE A 350 -10.84 -35.82 -32.12
C PHE A 350 -9.58 -34.99 -32.30
N ASP A 351 -9.51 -34.29 -33.42
CA ASP A 351 -8.55 -33.20 -33.56
C ASP A 351 -8.95 -32.06 -32.61
N GLN A 352 -7.97 -31.52 -31.90
CA GLN A 352 -8.21 -30.45 -30.94
C GLN A 352 -7.33 -29.25 -31.29
N ASP A 353 -7.98 -28.20 -31.80
CA ASP A 353 -7.33 -26.91 -32.01
C ASP A 353 -7.46 -26.11 -30.72
N TRP A 354 -6.36 -25.50 -30.27
CA TRP A 354 -6.37 -24.76 -29.02
C TRP A 354 -6.50 -23.25 -29.21
N ALA A 355 -6.70 -22.78 -30.44
CA ALA A 355 -7.14 -21.41 -30.71
C ALA A 355 -6.27 -20.38 -29.98
N GLY A 356 -4.98 -20.67 -29.88
CA GLY A 356 -4.04 -19.72 -29.31
C GLY A 356 -4.04 -19.62 -27.81
N LEU A 357 -4.73 -20.51 -27.10
CA LEU A 357 -4.64 -20.51 -25.64
C LEU A 357 -3.26 -20.97 -25.20
N LYS A 358 -2.75 -20.37 -24.12
CA LYS A 358 -1.43 -20.69 -23.62
C LYS A 358 -1.34 -22.14 -23.19
N PRO A 359 -0.13 -22.72 -23.18
CA PRO A 359 0.03 -24.10 -22.75
C PRO A 359 0.18 -24.23 -21.23
N VAL A 360 -0.09 -25.46 -20.76
CA VAL A 360 -0.07 -25.79 -19.35
C VAL A 360 1.10 -26.73 -19.07
N PHE A 361 1.78 -26.50 -17.95
CA PHE A 361 2.85 -27.38 -17.48
C PHE A 361 2.29 -28.71 -17.00
N PRO A 362 2.68 -29.84 -17.57
CA PRO A 362 2.40 -31.12 -16.90
C PRO A 362 3.23 -31.26 -15.62
N VAL A 363 2.62 -31.87 -14.60
CA VAL A 363 3.26 -32.09 -13.31
C VAL A 363 3.20 -33.58 -13.00
N ALA A 364 4.37 -34.21 -12.91
CA ALA A 364 4.47 -35.62 -12.58
C ALA A 364 4.85 -35.75 -11.11
N SER A 365 4.00 -36.42 -10.34
CA SER A 365 4.16 -36.51 -8.89
C SER A 365 3.51 -37.78 -8.39
N GLY A 366 4.17 -38.42 -7.42
CA GLY A 366 3.56 -39.54 -6.72
C GLY A 366 4.39 -40.81 -6.69
N GLY A 367 5.12 -41.01 -5.61
CA GLY A 367 5.87 -42.24 -5.43
C GLY A 367 7.06 -42.41 -6.33
N ILE A 368 7.70 -41.32 -6.74
CA ILE A 368 8.87 -41.41 -7.62
C ILE A 368 10.12 -41.05 -6.83
N HIS A 369 11.26 -41.54 -7.33
CA HIS A 369 12.56 -41.27 -6.74
C HIS A 369 13.59 -41.26 -7.85
N VAL A 370 14.87 -41.20 -7.48
CA VAL A 370 15.93 -40.91 -8.44
C VAL A 370 15.93 -41.92 -9.59
N TRP A 371 15.64 -43.18 -9.30
CA TRP A 371 15.71 -44.20 -10.34
C TRP A 371 14.69 -43.98 -11.44
N HIS A 372 13.62 -43.23 -11.16
CA HIS A 372 12.59 -42.96 -12.15
C HIS A 372 12.94 -41.81 -13.09
N VAL A 373 14.02 -41.07 -12.81
CA VAL A 373 14.28 -39.85 -13.57
C VAL A 373 14.50 -40.15 -15.05
N PRO A 374 15.29 -41.17 -15.44
CA PRO A 374 15.42 -41.44 -16.89
C PRO A 374 14.08 -41.69 -17.57
N ASP A 375 13.22 -42.51 -16.98
CA ASP A 375 11.89 -42.72 -17.54
C ASP A 375 11.11 -41.40 -17.63
N LEU A 376 11.16 -40.60 -16.57
CA LEU A 376 10.38 -39.38 -16.54
C LEU A 376 10.83 -38.41 -17.64
N VAL A 377 12.15 -38.21 -17.75
CA VAL A 377 12.67 -37.33 -18.81
C VAL A 377 12.25 -37.85 -20.18
N SER A 378 12.33 -39.17 -20.38
CA SER A 378 11.95 -39.75 -21.66
C SER A 378 10.47 -39.52 -21.97
N ILE A 379 9.63 -39.59 -20.96
CA ILE A 379 8.18 -39.47 -21.17
C ILE A 379 7.80 -38.02 -21.44
N PHE A 380 8.27 -37.09 -20.60
CA PHE A 380 7.76 -35.72 -20.60
C PHE A 380 8.65 -34.72 -21.30
N GLY A 381 9.94 -35.00 -21.44
CA GLY A 381 10.82 -33.97 -21.96
C GLY A 381 11.04 -32.87 -20.92
N ASP A 382 11.48 -31.71 -21.42
CA ASP A 382 11.88 -30.62 -20.53
C ASP A 382 10.69 -29.90 -19.90
N ASP A 383 9.56 -29.79 -20.62
CA ASP A 383 8.46 -28.93 -20.16
C ASP A 383 7.56 -29.75 -19.23
N ALA A 384 7.98 -29.85 -17.98
CA ALA A 384 7.24 -30.56 -16.96
C ALA A 384 7.91 -30.31 -15.61
N PHE A 385 7.12 -30.44 -14.55
CA PHE A 385 7.62 -30.48 -13.18
C PHE A 385 7.68 -31.94 -12.72
N PHE A 386 8.78 -32.31 -12.08
CA PHE A 386 8.90 -33.58 -11.38
C PHE A 386 8.91 -33.29 -9.89
N LEU A 387 7.92 -33.82 -9.16
CA LEU A 387 7.79 -33.56 -7.73
C LEU A 387 8.25 -34.78 -6.94
N PHE A 388 9.08 -34.53 -5.93
CA PHE A 388 9.59 -35.57 -5.04
C PHE A 388 9.29 -35.16 -3.60
N GLY A 389 8.21 -35.70 -3.04
CA GLY A 389 7.88 -35.48 -1.64
C GLY A 389 8.64 -36.45 -0.75
N GLY A 390 8.11 -37.66 -0.59
CA GLY A 390 8.84 -38.69 0.12
C GLY A 390 10.22 -38.93 -0.45
N GLY A 391 10.35 -38.84 -1.78
CA GLY A 391 11.63 -38.97 -2.43
C GLY A 391 12.62 -37.87 -2.11
N THR A 392 12.19 -36.82 -1.43
CA THR A 392 13.07 -35.78 -0.93
C THR A 392 13.29 -35.90 0.58
N HIS A 393 12.20 -35.82 1.37
CA HIS A 393 12.33 -35.87 2.82
C HIS A 393 12.70 -37.25 3.32
N GLY A 394 12.49 -38.30 2.52
CA GLY A 394 12.84 -39.64 2.90
C GLY A 394 14.30 -40.00 2.68
N HIS A 395 15.11 -39.05 2.24
CA HIS A 395 16.53 -39.28 2.06
C HIS A 395 17.17 -39.61 3.41
N PRO A 396 18.18 -40.49 3.44
CA PRO A 396 18.77 -40.85 4.73
C PRO A 396 19.28 -39.67 5.54
N ARG A 397 19.63 -38.56 4.89
CA ARG A 397 20.20 -37.40 5.58
C ARG A 397 19.28 -36.18 5.56
N GLY A 398 18.01 -36.36 5.23
CA GLY A 398 17.05 -35.28 5.32
C GLY A 398 16.76 -34.62 3.99
N SER A 399 16.04 -33.49 4.08
CA SER A 399 15.43 -32.88 2.90
C SER A 399 16.44 -32.16 2.03
N ARG A 400 17.41 -31.45 2.62
CA ARG A 400 18.40 -30.76 1.80
C ARG A 400 19.18 -31.76 0.95
N ALA A 401 19.67 -32.84 1.58
CA ALA A 401 20.38 -33.85 0.82
C ALA A 401 19.48 -34.50 -0.22
N GLY A 402 18.24 -34.80 0.14
CA GLY A 402 17.31 -35.38 -0.82
C GLY A 402 17.06 -34.46 -2.01
N ALA A 403 16.87 -33.16 -1.74
CA ALA A 403 16.70 -32.21 -2.82
C ALA A 403 17.90 -32.20 -3.76
N THR A 404 19.11 -32.22 -3.19
CA THR A 404 20.31 -32.19 -4.02
C THR A 404 20.40 -33.44 -4.90
N ALA A 405 20.07 -34.61 -4.33
CA ALA A 405 20.09 -35.84 -5.12
C ALA A 405 19.15 -35.74 -6.30
N ASN A 406 17.93 -35.23 -6.08
CA ASN A 406 16.94 -35.20 -7.16
C ASN A 406 17.31 -34.16 -8.21
N ARG A 407 17.85 -33.01 -7.80
CA ARG A 407 18.28 -32.01 -8.76
C ARG A 407 19.43 -32.52 -9.61
N VAL A 408 20.39 -33.22 -9.00
CA VAL A 408 21.53 -33.73 -9.74
C VAL A 408 21.10 -34.80 -10.72
N ALA A 409 20.23 -35.72 -10.29
CA ALA A 409 19.76 -36.77 -11.18
C ALA A 409 19.10 -36.20 -12.42
N VAL A 410 18.23 -35.20 -12.24
CA VAL A 410 17.55 -34.59 -13.39
C VAL A 410 18.58 -33.95 -14.32
N GLU A 411 19.52 -33.18 -13.76
CA GLU A 411 20.48 -32.48 -14.60
C GLU A 411 21.45 -33.44 -15.28
N ALA A 412 21.80 -34.54 -14.62
CA ALA A 412 22.69 -35.52 -15.25
C ALA A 412 22.00 -36.20 -16.43
N VAL A 413 20.73 -36.57 -16.27
CA VAL A 413 20.01 -37.23 -17.36
C VAL A 413 19.79 -36.27 -18.53
N VAL A 414 19.43 -35.02 -18.24
CA VAL A 414 19.26 -34.04 -19.31
C VAL A 414 20.57 -33.87 -20.08
N GLN A 415 21.68 -33.70 -19.36
CA GLN A 415 22.97 -33.59 -20.02
C GLN A 415 23.23 -34.79 -20.92
N ALA A 416 23.04 -36.00 -20.39
CA ALA A 416 23.27 -37.21 -21.19
C ALA A 416 22.41 -37.22 -22.45
N ARG A 417 21.12 -36.86 -22.31
CA ARG A 417 20.24 -36.82 -23.47
C ARG A 417 20.75 -35.84 -24.51
N ASN A 418 21.12 -34.63 -24.08
CA ASN A 418 21.58 -33.62 -25.03
C ASN A 418 22.88 -34.03 -25.71
N GLU A 419 23.69 -34.84 -25.05
CA GLU A 419 24.91 -35.35 -25.65
C GLU A 419 24.66 -36.49 -26.63
N GLY A 420 23.41 -36.97 -26.73
CA GLY A 420 23.07 -38.03 -27.64
C GLY A 420 23.05 -39.43 -27.06
N ARG A 421 23.10 -39.56 -25.74
CA ARG A 421 23.06 -40.87 -25.11
C ARG A 421 21.63 -41.37 -25.01
N ASP A 422 21.48 -42.70 -25.06
CA ASP A 422 20.18 -43.34 -24.85
C ASP A 422 19.93 -43.39 -23.35
N ILE A 423 19.11 -42.46 -22.84
CA ILE A 423 18.91 -42.35 -21.41
C ILE A 423 18.07 -43.48 -20.84
N LEU A 424 17.41 -44.27 -21.69
CA LEU A 424 16.70 -45.45 -21.22
C LEU A 424 17.61 -46.67 -21.17
N ALA A 425 18.45 -46.86 -22.18
CA ALA A 425 19.37 -48.00 -22.19
C ALA A 425 20.51 -47.80 -21.18
N GLU A 426 20.97 -46.56 -21.03
CA GLU A 426 22.07 -46.25 -20.13
C GLU A 426 21.62 -45.47 -18.90
N GLY A 427 20.32 -45.54 -18.57
CA GLY A 427 19.81 -44.78 -17.44
C GLY A 427 20.53 -45.10 -16.14
N ARG A 428 20.63 -46.38 -15.81
CA ARG A 428 21.38 -46.78 -14.61
C ARG A 428 22.82 -46.29 -14.68
N GLU A 429 23.46 -46.41 -15.85
CA GLU A 429 24.84 -45.99 -16.00
C GLU A 429 25.00 -44.48 -15.84
N ILE A 430 24.06 -43.71 -16.40
CA ILE A 430 24.12 -42.25 -16.26
C ILE A 430 24.01 -41.86 -14.79
N LEU A 431 23.11 -42.52 -14.05
CA LEU A 431 22.92 -42.17 -12.64
C LEU A 431 24.13 -42.56 -11.80
N GLU A 432 24.69 -43.76 -12.05
CA GLU A 432 25.85 -44.20 -11.29
C GLU A 432 27.04 -43.27 -11.53
N GLU A 433 27.21 -42.79 -12.76
CA GLU A 433 28.25 -41.82 -13.06
C GLU A 433 28.07 -40.55 -12.23
N ALA A 434 26.87 -39.99 -12.24
CA ALA A 434 26.61 -38.76 -11.49
C ALA A 434 26.79 -38.98 -9.99
N ALA A 435 26.48 -40.18 -9.50
CA ALA A 435 26.65 -40.47 -8.08
C ALA A 435 28.11 -40.43 -7.65
N ARG A 436 29.05 -40.63 -8.58
CA ARG A 436 30.47 -40.54 -8.24
C ARG A 436 30.81 -39.19 -7.65
N SER A 437 30.17 -38.13 -8.15
CA SER A 437 30.45 -36.76 -7.71
C SER A 437 29.36 -36.21 -6.80
N CYS A 438 28.37 -37.02 -6.42
CA CYS A 438 27.26 -36.56 -5.58
C CYS A 438 26.92 -37.64 -4.58
N PRO A 439 27.48 -37.58 -3.37
CA PRO A 439 27.15 -38.59 -2.35
C PRO A 439 25.67 -38.65 -2.02
N GLU A 440 24.98 -37.52 -2.06
CA GLU A 440 23.54 -37.53 -1.81
C GLU A 440 22.82 -38.44 -2.78
N LEU A 441 23.18 -38.38 -4.07
CA LEU A 441 22.54 -39.22 -5.07
C LEU A 441 22.82 -40.69 -4.81
N ARG A 442 24.06 -41.04 -4.48
CA ARG A 442 24.39 -42.43 -4.21
C ARG A 442 23.56 -42.98 -3.05
N GLU A 443 23.45 -42.21 -1.97
CA GLU A 443 22.66 -42.65 -0.82
C GLU A 443 21.19 -42.84 -1.19
N ALA A 444 20.65 -41.95 -2.03
CA ALA A 444 19.28 -42.13 -2.49
C ALA A 444 19.15 -43.38 -3.35
N MET A 445 20.10 -43.61 -4.25
CA MET A 445 20.04 -44.77 -5.13
C MET A 445 20.10 -46.07 -4.32
N GLU A 446 20.90 -46.09 -3.27
CA GLU A 446 21.03 -47.30 -2.45
C GLU A 446 19.76 -47.56 -1.65
N LEU A 447 19.14 -46.50 -1.12
CA LEU A 447 17.96 -46.69 -0.27
C LEU A 447 16.77 -47.22 -1.07
N TRP A 448 16.54 -46.70 -2.28
CA TRP A 448 15.34 -47.00 -3.03
C TRP A 448 15.59 -47.90 -4.24
N GLY A 449 16.73 -48.57 -4.28
CA GLY A 449 17.07 -49.39 -5.42
C GLY A 449 16.12 -50.55 -5.67
N ASP A 450 15.32 -50.93 -4.68
CA ASP A 450 14.42 -52.07 -4.80
C ASP A 450 12.95 -51.68 -4.64
N VAL A 451 12.60 -50.43 -4.94
CA VAL A 451 11.24 -49.92 -4.81
C VAL A 451 10.71 -49.68 -6.23
N LYS A 452 9.79 -50.55 -6.67
CA LYS A 452 9.20 -50.43 -7.99
C LYS A 452 7.68 -50.56 -7.92
N PHE A 453 7.01 -49.98 -8.90
CA PHE A 453 5.58 -50.13 -9.10
C PHE A 453 5.33 -50.71 -10.49
N GLU A 454 4.28 -51.51 -10.61
CA GLU A 454 3.96 -52.09 -11.91
C GLU A 454 3.45 -51.01 -12.85
N VAL A 455 3.79 -51.17 -14.13
CA VAL A 455 3.43 -50.20 -15.15
C VAL A 455 2.50 -50.83 -16.18
N MET B 1 26.73 -19.57 -4.77
CA MET B 1 25.67 -19.22 -5.75
C MET B 1 25.64 -20.22 -6.90
N HIS B 2 24.43 -20.64 -7.26
CA HIS B 2 24.21 -21.52 -8.40
C HIS B 2 23.71 -20.71 -9.59
N THR B 3 23.80 -21.32 -10.78
CA THR B 3 23.50 -20.65 -12.05
C THR B 3 22.51 -21.46 -12.86
N GLU B 4 21.58 -22.10 -12.19
CA GLU B 4 20.47 -22.82 -12.87
C GLU B 4 21.02 -24.03 -13.64
N THR B 5 20.53 -24.25 -14.85
CA THR B 5 20.70 -25.54 -15.50
C THR B 5 22.17 -25.93 -15.60
N PHE B 6 22.47 -27.13 -15.12
CA PHE B 6 23.78 -27.79 -15.12
C PHE B 6 24.67 -27.30 -13.98
N SER B 7 24.26 -26.29 -13.21
CA SER B 7 25.12 -25.76 -12.16
C SER B 7 25.27 -26.72 -10.98
N TYR B 8 24.50 -27.80 -10.93
CA TYR B 8 24.65 -28.82 -9.89
C TYR B 8 25.50 -30.00 -10.35
N LEU B 9 25.98 -29.98 -11.58
CA LEU B 9 26.94 -30.95 -12.08
C LEU B 9 28.34 -30.35 -12.05
N PRO B 10 29.38 -31.17 -12.16
CA PRO B 10 30.72 -30.62 -12.25
C PRO B 10 30.81 -29.65 -13.41
N PRO B 11 31.67 -28.63 -13.31
CA PRO B 11 31.78 -27.65 -14.39
C PRO B 11 31.99 -28.32 -15.74
N LEU B 12 31.41 -27.72 -16.78
CA LEU B 12 31.44 -28.30 -18.11
C LEU B 12 32.79 -28.07 -18.76
N THR B 13 33.34 -29.11 -19.36
CA THR B 13 34.52 -28.96 -20.21
C THR B 13 34.12 -28.35 -21.55
N ASP B 14 35.12 -27.86 -22.28
CA ASP B 14 34.85 -27.32 -23.61
C ASP B 14 34.24 -28.38 -24.51
N GLU B 15 34.53 -29.66 -24.26
CA GLU B 15 33.94 -30.72 -25.06
C GLU B 15 32.46 -30.90 -24.73
N GLU B 16 32.11 -30.85 -23.44
CA GLU B 16 30.71 -30.96 -23.06
C GLU B 16 29.92 -29.74 -23.51
N ILE B 17 30.54 -28.56 -23.49
CA ILE B 17 29.84 -27.36 -23.94
C ILE B 17 29.49 -27.48 -25.42
N LYS B 18 30.44 -27.95 -26.24
CA LYS B 18 30.18 -28.07 -27.67
C LYS B 18 29.06 -29.08 -27.93
N LYS B 19 29.07 -30.21 -27.22
CA LYS B 19 27.98 -31.17 -27.37
C LYS B 19 26.63 -30.52 -27.09
N GLN B 20 26.58 -29.63 -26.10
CA GLN B 20 25.33 -28.91 -25.84
C GLN B 20 25.04 -27.91 -26.96
N VAL B 21 26.07 -27.30 -27.54
CA VAL B 21 25.86 -26.41 -28.67
C VAL B 21 25.35 -27.20 -29.88
N GLU B 22 25.87 -28.41 -30.08
CA GLU B 22 25.35 -29.27 -31.14
C GLU B 22 23.87 -29.55 -30.93
N TYR B 23 23.48 -29.83 -29.68
CA TYR B 23 22.07 -30.08 -29.38
C TYR B 23 21.22 -28.87 -29.76
N ILE B 24 21.74 -27.66 -29.53
CA ILE B 24 21.01 -26.46 -29.92
C ILE B 24 20.81 -26.42 -31.43
N LEU B 25 21.89 -26.60 -32.19
CA LEU B 25 21.82 -26.47 -33.64
C LEU B 25 21.00 -27.59 -34.27
N LYS B 26 21.18 -28.82 -33.78
CA LYS B 26 20.44 -29.95 -34.34
C LYS B 26 18.94 -29.73 -34.24
N ASN B 27 18.47 -29.11 -33.16
CA ASN B 27 17.06 -28.81 -33.01
C ASN B 27 16.61 -27.61 -33.82
N GLY B 28 17.53 -26.94 -34.52
CA GLY B 28 17.17 -25.75 -35.26
C GLY B 28 16.99 -24.51 -34.42
N TRP B 29 17.58 -24.50 -33.22
CA TRP B 29 17.48 -23.36 -32.33
C TRP B 29 18.61 -22.37 -32.59
N ILE B 30 18.32 -21.10 -32.38
CA ILE B 30 19.29 -20.03 -32.62
C ILE B 30 20.23 -19.94 -31.42
N PRO B 31 21.51 -20.27 -31.57
CA PRO B 31 22.42 -20.17 -30.42
C PRO B 31 22.71 -18.72 -30.06
N GLY B 32 23.00 -18.50 -28.77
CA GLY B 32 23.30 -17.18 -28.29
C GLY B 32 24.37 -17.22 -27.21
N ILE B 33 24.90 -16.05 -26.91
CA ILE B 33 25.90 -15.89 -25.85
C ILE B 33 25.61 -14.59 -25.12
N GLU B 34 25.61 -14.64 -23.79
CA GLU B 34 25.40 -13.48 -22.95
C GLU B 34 26.44 -13.48 -21.83
N TYR B 35 26.65 -12.31 -21.23
CA TYR B 35 27.65 -12.18 -20.18
C TYR B 35 27.21 -11.07 -19.23
N THR B 36 27.71 -11.15 -17.99
CA THR B 36 27.45 -10.13 -16.99
C THR B 36 28.34 -10.40 -15.78
N ASP B 37 28.63 -9.34 -15.03
CA ASP B 37 29.34 -9.45 -13.76
C ASP B 37 28.39 -9.36 -12.57
N GLU B 38 27.08 -9.33 -12.82
CA GLU B 38 26.07 -9.20 -11.76
C GLU B 38 25.05 -10.32 -11.92
N PRO B 39 25.46 -11.57 -11.74
CA PRO B 39 24.50 -12.68 -11.80
C PRO B 39 23.74 -12.83 -10.50
N GLY B 40 22.49 -13.27 -10.63
CA GLY B 40 21.65 -13.47 -9.48
C GLY B 40 20.17 -13.45 -9.80
N PRO B 41 19.33 -13.56 -8.78
CA PRO B 41 17.88 -13.65 -9.02
C PRO B 41 17.27 -12.36 -9.56
N HIS B 42 17.95 -11.22 -9.44
CA HIS B 42 17.37 -9.93 -9.78
C HIS B 42 17.91 -9.35 -11.09
N ASN B 43 18.45 -10.20 -11.97
CA ASN B 43 18.98 -9.76 -13.26
C ASN B 43 18.41 -10.67 -14.34
N SER B 44 17.43 -10.16 -15.09
CA SER B 44 16.80 -10.90 -16.17
C SER B 44 17.38 -10.58 -17.54
N TYR B 45 18.16 -9.51 -17.66
CA TYR B 45 18.73 -9.07 -18.94
C TYR B 45 20.24 -8.94 -18.79
N TRP B 46 20.96 -10.00 -19.14
CA TRP B 46 22.40 -9.93 -19.22
C TRP B 46 22.81 -9.12 -20.44
N SER B 47 24.12 -8.94 -20.61
CA SER B 47 24.66 -8.16 -21.73
C SER B 47 24.84 -9.06 -22.94
N PHE B 48 24.13 -8.74 -24.02
CA PHE B 48 24.29 -9.47 -25.27
C PHE B 48 25.74 -9.36 -25.77
N TRP B 49 26.32 -10.50 -26.12
CA TRP B 49 27.58 -10.54 -26.85
C TRP B 49 27.24 -10.71 -28.33
N LYS B 50 27.20 -9.60 -29.06
CA LYS B 50 26.71 -9.59 -30.43
C LYS B 50 25.23 -9.98 -30.44
N LEU B 51 24.61 -9.95 -31.62
CA LEU B 51 23.21 -10.33 -31.74
C LEU B 51 23.06 -11.85 -31.76
N PRO B 52 21.86 -12.36 -31.54
CA PRO B 52 21.64 -13.80 -31.68
C PRO B 52 22.13 -14.30 -33.03
N PHE B 53 22.93 -15.36 -32.99
CA PHE B 53 23.60 -15.87 -34.19
C PHE B 53 22.59 -16.64 -35.05
N PHE B 54 21.78 -15.88 -35.79
CA PHE B 54 20.78 -16.48 -36.66
C PHE B 54 21.41 -17.25 -37.81
N ASN B 55 22.66 -16.95 -38.17
CA ASN B 55 23.32 -17.55 -39.31
C ASN B 55 24.30 -18.66 -38.92
N ALA B 56 24.34 -19.04 -37.66
CA ALA B 56 25.28 -20.07 -37.22
C ALA B 56 24.94 -21.40 -37.88
N GLU B 57 25.95 -22.04 -38.46
CA GLU B 57 25.81 -23.34 -39.10
C GLU B 57 26.51 -24.46 -38.33
N THR B 58 27.70 -24.22 -37.81
CA THR B 58 28.45 -25.21 -37.06
C THR B 58 28.59 -24.77 -35.61
N ALA B 59 28.92 -25.74 -34.75
CA ALA B 59 29.13 -25.43 -33.34
C ALA B 59 30.40 -24.64 -33.12
N GLU B 60 31.42 -24.84 -33.96
CA GLU B 60 32.68 -24.14 -33.78
C GLU B 60 32.51 -22.63 -33.93
N GLU B 61 31.63 -22.20 -34.85
CA GLU B 61 31.35 -20.78 -34.98
C GLU B 61 30.84 -20.18 -33.67
N VAL B 62 30.14 -20.99 -32.87
CA VAL B 62 29.63 -20.50 -31.59
C VAL B 62 30.73 -20.56 -30.53
N MET B 63 31.55 -21.61 -30.55
CA MET B 63 32.65 -21.70 -29.58
C MET B 63 33.66 -20.57 -29.79
N GLU B 64 33.85 -20.13 -31.04
CA GLU B 64 34.76 -19.02 -31.30
C GLU B 64 34.26 -17.74 -30.65
N GLU B 65 32.97 -17.43 -30.84
CA GLU B 65 32.39 -16.25 -30.19
C GLU B 65 32.46 -16.38 -28.67
N LEU B 66 32.31 -17.61 -28.15
CA LEU B 66 32.43 -17.82 -26.71
C LEU B 66 33.83 -17.51 -26.23
N GLU B 67 34.85 -18.02 -26.93
CA GLU B 67 36.23 -17.77 -26.52
C GLU B 67 36.57 -16.30 -26.64
N ALA B 68 36.04 -15.62 -27.66
CA ALA B 68 36.26 -14.18 -27.81
C ALA B 68 35.62 -13.43 -26.64
N CYS B 69 34.37 -13.77 -26.30
CA CYS B 69 33.74 -13.18 -25.13
C CYS B 69 34.48 -13.56 -23.85
N ARG B 70 34.99 -14.79 -23.80
CA ARG B 70 35.78 -15.21 -22.64
C ARG B 70 37.06 -14.40 -22.54
N GLU B 71 37.63 -13.97 -23.67
CA GLU B 71 38.83 -13.16 -23.66
C GLU B 71 38.52 -11.69 -23.38
N ALA B 72 37.39 -11.20 -23.90
CA ALA B 72 37.03 -9.80 -23.71
C ALA B 72 36.51 -9.52 -22.31
N ASN B 73 35.88 -10.50 -21.67
CA ASN B 73 35.32 -10.35 -20.32
C ASN B 73 35.74 -11.55 -19.48
N PRO B 74 37.01 -11.59 -19.05
CA PRO B 74 37.44 -12.74 -18.22
C PRO B 74 36.85 -12.74 -16.83
N ASP B 75 36.34 -11.61 -16.34
CA ASP B 75 35.81 -11.49 -14.99
C ASP B 75 34.29 -11.55 -14.96
N CYS B 76 33.66 -12.00 -16.04
CA CYS B 76 32.21 -12.08 -16.13
C CYS B 76 31.78 -13.54 -16.30
N TYR B 77 30.55 -13.82 -15.85
CA TYR B 77 29.92 -15.10 -16.15
C TYR B 77 29.39 -15.06 -17.59
N ILE B 78 29.64 -16.13 -18.34
CA ILE B 78 29.23 -16.23 -19.73
C ILE B 78 28.35 -17.46 -19.87
N LYS B 79 27.20 -17.31 -20.52
CA LYS B 79 26.24 -18.39 -20.67
C LYS B 79 25.86 -18.56 -22.13
N ILE B 80 25.53 -19.80 -22.49
CA ILE B 80 25.06 -20.15 -23.82
C ILE B 80 23.54 -20.25 -23.77
N THR B 81 22.87 -19.57 -24.71
CA THR B 81 21.43 -19.58 -24.78
C THR B 81 20.97 -20.15 -26.13
N GLY B 82 19.72 -20.60 -26.16
CA GLY B 82 19.14 -21.14 -27.37
C GLY B 82 17.69 -20.72 -27.51
N TYR B 83 17.33 -20.17 -28.66
CA TYR B 83 16.00 -19.62 -28.88
C TYR B 83 15.26 -20.43 -29.95
N ASP B 84 13.96 -20.59 -29.77
CA ASP B 84 13.09 -21.30 -30.70
C ASP B 84 12.13 -20.29 -31.30
N ASN B 85 12.35 -19.92 -32.56
CA ASN B 85 11.50 -18.93 -33.21
C ASN B 85 10.08 -19.46 -33.41
N ILE B 86 9.92 -20.78 -33.53
CA ILE B 86 8.59 -21.34 -33.74
C ILE B 86 7.78 -21.30 -32.44
N ARG B 87 8.43 -21.65 -31.32
CA ARG B 87 7.78 -21.55 -30.02
C ARG B 87 7.70 -20.12 -29.53
N GLN B 88 8.51 -19.22 -30.10
CA GLN B 88 8.52 -17.82 -29.68
C GLN B 88 9.00 -17.69 -28.23
N GLY B 89 10.20 -18.20 -27.97
CA GLY B 89 10.76 -18.13 -26.63
C GLY B 89 12.06 -18.88 -26.54
N GLN B 90 12.73 -18.69 -25.41
CA GLN B 90 14.00 -19.35 -25.13
C GLN B 90 13.77 -20.75 -24.60
N VAL B 91 14.72 -21.64 -24.87
CA VAL B 91 14.52 -23.06 -24.60
C VAL B 91 15.78 -23.75 -24.09
N LEU B 92 16.82 -22.98 -23.82
CA LEU B 92 18.02 -23.55 -23.21
C LEU B 92 18.92 -22.43 -22.71
N SER B 93 19.59 -22.68 -21.58
CA SER B 93 20.45 -21.68 -20.97
C SER B 93 21.32 -22.30 -19.89
N PHE B 94 22.64 -22.22 -20.05
CA PHE B 94 23.56 -22.70 -19.03
C PHE B 94 24.83 -21.87 -19.10
N VAL B 95 25.46 -21.67 -17.95
CA VAL B 95 26.72 -20.92 -17.90
C VAL B 95 27.84 -21.83 -18.37
N ALA B 96 28.59 -21.36 -19.36
CA ALA B 96 29.71 -22.12 -19.91
C ALA B 96 31.04 -21.76 -19.26
N TYR B 97 31.18 -20.52 -18.78
CA TYR B 97 32.41 -20.07 -18.16
C TYR B 97 32.09 -19.18 -16.97
N ARG B 98 32.81 -19.40 -15.87
CA ARG B 98 32.67 -18.61 -14.66
C ARG B 98 34.00 -17.95 -14.33
N PRO B 99 33.99 -16.72 -13.79
CA PRO B 99 35.25 -16.07 -13.43
C PRO B 99 36.00 -16.81 -12.33
N TYR C 6 -47.55 31.32 -36.82
CA TYR C 6 -47.29 29.93 -37.17
C TYR C 6 -47.94 29.56 -38.50
N GLU C 7 -47.14 29.00 -39.41
CA GLU C 7 -47.63 28.47 -40.67
C GLU C 7 -46.94 27.14 -40.90
N ALA C 8 -47.70 26.06 -40.89
CA ALA C 8 -47.14 24.75 -41.19
C ALA C 8 -46.70 24.68 -42.65
N GLY C 9 -45.78 23.77 -42.92
CA GLY C 9 -45.28 23.55 -44.26
C GLY C 9 -43.77 23.71 -44.34
N VAL C 10 -43.25 23.35 -45.51
CA VAL C 10 -41.82 23.34 -45.75
C VAL C 10 -41.39 24.71 -46.28
N ARG C 11 -40.34 25.26 -45.69
CA ARG C 11 -39.72 26.49 -46.15
C ARG C 11 -38.25 26.23 -46.48
N PRO C 12 -37.67 26.98 -47.41
CA PRO C 12 -36.22 26.85 -47.63
C PRO C 12 -35.45 27.13 -46.36
N TYR C 13 -34.41 26.32 -46.12
CA TYR C 13 -33.53 26.58 -44.97
C TYR C 13 -32.98 28.01 -45.02
N ARG C 14 -32.79 28.54 -46.23
CA ARG C 14 -32.14 29.84 -46.39
C ARG C 14 -32.91 30.95 -45.69
N GLU C 15 -34.24 30.86 -45.63
CA GLU C 15 -35.02 31.96 -45.07
C GLU C 15 -34.70 32.20 -43.61
N THR C 16 -34.26 31.18 -42.89
CA THR C 16 -34.02 31.28 -41.45
C THR C 16 -32.57 31.15 -41.06
N TYR C 17 -31.76 30.41 -41.81
CA TYR C 17 -30.42 30.05 -41.38
C TYR C 17 -29.31 30.62 -42.25
N TYR C 18 -29.63 31.42 -43.26
CA TYR C 18 -28.65 32.21 -43.99
C TYR C 18 -28.82 33.67 -43.60
N ASP C 19 -27.80 34.26 -42.99
CA ASP C 19 -27.86 35.64 -42.51
C ASP C 19 -26.52 36.33 -42.76
N PRO C 20 -26.31 36.83 -43.98
CA PRO C 20 -25.04 37.50 -44.29
C PRO C 20 -24.83 38.82 -43.57
N ASP C 21 -25.84 39.31 -42.86
CA ASP C 21 -25.69 40.50 -42.02
C ASP C 21 -25.20 40.18 -40.62
N TYR C 22 -25.12 38.91 -40.25
CA TYR C 22 -24.79 38.55 -38.87
C TYR C 22 -23.31 38.82 -38.58
N GLU C 23 -23.05 39.41 -37.43
CA GLU C 23 -21.69 39.71 -36.99
C GLU C 23 -21.30 38.72 -35.90
N PRO C 24 -20.36 37.81 -36.13
CA PRO C 24 -20.06 36.78 -35.11
C PRO C 24 -19.59 37.42 -33.81
N LYS C 25 -20.05 36.83 -32.70
CA LYS C 25 -19.61 37.24 -31.37
C LYS C 25 -18.34 36.49 -30.98
N ASP C 26 -17.59 37.09 -30.05
CA ASP C 26 -16.37 36.45 -29.57
C ASP C 26 -16.66 35.13 -28.86
N THR C 27 -17.89 34.93 -28.39
CA THR C 27 -18.27 33.69 -27.74
C THR C 27 -18.82 32.66 -28.71
N ASP C 28 -19.05 33.04 -29.97
CA ASP C 28 -19.57 32.10 -30.95
C ASP C 28 -18.51 31.07 -31.34
N LEU C 29 -18.96 29.84 -31.58
CA LEU C 29 -18.13 28.83 -32.21
C LEU C 29 -18.33 28.91 -33.72
N LEU C 30 -17.23 29.03 -34.47
CA LEU C 30 -17.27 29.24 -35.90
C LEU C 30 -16.75 28.00 -36.63
N CYS C 31 -17.36 27.69 -37.76
CA CYS C 31 -16.94 26.59 -38.61
C CYS C 31 -16.77 27.09 -40.04
N ALA C 32 -15.77 26.56 -40.73
CA ALA C 32 -15.55 26.80 -42.15
C ALA C 32 -15.79 25.47 -42.88
N PHE C 33 -16.91 25.36 -43.59
CA PHE C 33 -17.27 24.17 -44.34
C PHE C 33 -17.00 24.40 -45.82
N ARG C 34 -16.32 23.45 -46.46
CA ARG C 34 -16.23 23.41 -47.91
C ARG C 34 -17.42 22.60 -48.43
N ILE C 35 -18.30 23.26 -49.18
CA ILE C 35 -19.60 22.70 -49.55
C ILE C 35 -19.65 22.45 -51.05
N THR C 36 -19.97 21.21 -51.43
CA THR C 36 -20.32 20.88 -52.81
C THR C 36 -21.82 20.62 -52.86
N PRO C 37 -22.63 21.57 -53.30
CA PRO C 37 -24.08 21.34 -53.33
C PRO C 37 -24.47 20.31 -54.38
N LYS C 38 -25.61 19.68 -54.14
CA LYS C 38 -26.23 18.87 -55.18
C LYS C 38 -26.53 19.77 -56.38
N PRO C 39 -26.20 19.34 -57.60
CA PRO C 39 -26.54 20.18 -58.77
C PRO C 39 -27.99 20.60 -58.74
N GLY C 40 -28.20 21.92 -58.92
CA GLY C 40 -29.52 22.49 -58.84
C GLY C 40 -29.87 23.11 -57.51
N VAL C 41 -29.10 22.84 -56.47
CA VAL C 41 -29.32 23.40 -55.14
C VAL C 41 -28.39 24.60 -54.97
N PRO C 42 -28.92 25.81 -54.79
CA PRO C 42 -28.03 26.97 -54.63
C PRO C 42 -27.13 26.83 -53.42
N MET C 43 -25.95 27.45 -53.52
CA MET C 43 -24.97 27.39 -52.44
C MET C 43 -25.56 27.93 -51.14
N GLU C 44 -26.34 29.01 -51.22
CA GLU C 44 -26.91 29.59 -50.01
C GLU C 44 -27.87 28.63 -49.32
N GLU C 45 -28.61 27.84 -50.09
CA GLU C 45 -29.54 26.88 -49.49
C GLU C 45 -28.78 25.71 -48.89
N ALA C 46 -27.75 25.21 -49.58
CA ALA C 46 -26.95 24.12 -49.02
C ALA C 46 -26.28 24.56 -47.72
N ALA C 47 -25.74 25.77 -47.69
CA ALA C 47 -25.08 26.26 -46.48
C ALA C 47 -26.08 26.44 -45.35
N ALA C 48 -27.27 26.94 -45.67
CA ALA C 48 -28.29 27.12 -44.64
C ALA C 48 -28.77 25.78 -44.11
N ALA C 49 -28.83 24.76 -44.97
CA ALA C 49 -29.22 23.43 -44.52
C ALA C 49 -28.21 22.89 -43.51
N VAL C 50 -26.92 23.07 -43.78
CA VAL C 50 -25.90 22.62 -42.83
C VAL C 50 -26.08 23.33 -41.50
N ALA C 51 -26.26 24.66 -41.55
CA ALA C 51 -26.45 25.42 -40.33
C ALA C 51 -27.70 24.98 -39.57
N ALA C 52 -28.80 24.78 -40.30
CA ALA C 52 -30.06 24.43 -39.65
C ALA C 52 -29.98 23.07 -38.98
N GLU C 53 -29.57 22.06 -39.72
CA GLU C 53 -29.61 20.68 -39.23
C GLU C 53 -28.44 20.34 -38.32
N SER C 54 -27.57 21.31 -38.02
CA SER C 54 -26.54 21.14 -37.01
C SER C 54 -26.79 22.03 -35.79
N SER C 55 -27.96 22.67 -35.70
CA SER C 55 -28.27 23.50 -34.55
C SER C 55 -29.70 23.24 -34.06
N THR C 56 -30.69 23.86 -34.70
CA THR C 56 -32.05 23.86 -34.16
C THR C 56 -33.13 23.40 -35.13
N GLY C 57 -32.91 23.42 -36.44
CA GLY C 57 -33.98 23.26 -37.40
C GLY C 57 -34.12 21.85 -37.93
N THR C 58 -35.18 21.66 -38.70
CA THR C 58 -35.42 20.41 -39.42
C THR C 58 -36.07 20.77 -40.76
N TRP C 59 -36.70 19.78 -41.40
CA TRP C 59 -37.10 19.89 -42.80
C TRP C 59 -38.44 20.58 -43.00
N THR C 60 -39.22 20.81 -41.95
CA THR C 60 -40.52 21.46 -42.07
C THR C 60 -40.76 22.27 -40.81
N GLU C 61 -41.57 23.32 -40.95
CA GLU C 61 -41.85 24.19 -39.81
C GLU C 61 -42.65 23.42 -38.77
N VAL C 62 -42.30 23.64 -37.49
CA VAL C 62 -42.95 22.97 -36.38
C VAL C 62 -43.48 24.01 -35.40
N TRP C 63 -44.66 23.73 -34.84
CA TRP C 63 -45.28 24.67 -33.91
C TRP C 63 -44.37 24.96 -32.72
N SER C 64 -43.60 23.98 -32.28
CA SER C 64 -42.76 24.14 -31.09
C SER C 64 -41.58 25.09 -31.31
N ASN C 65 -41.28 25.44 -32.56
CA ASN C 65 -40.24 26.45 -32.79
C ASN C 65 -40.56 27.74 -32.04
N LEU C 66 -41.85 28.09 -31.96
CA LEU C 66 -42.28 29.33 -31.33
C LEU C 66 -42.30 29.23 -29.81
N LEU C 67 -41.90 28.10 -29.23
CA LEU C 67 -41.77 27.96 -27.79
C LEU C 67 -40.38 28.32 -27.29
N THR C 68 -39.44 28.65 -28.18
CA THR C 68 -38.10 29.02 -27.77
C THR C 68 -37.68 30.26 -28.57
N ASP C 69 -36.42 30.65 -28.40
CA ASP C 69 -35.86 31.88 -28.95
C ASP C 69 -34.85 31.52 -30.02
N LEU C 70 -35.35 31.23 -31.23
CA LEU C 70 -34.47 30.76 -32.29
C LEU C 70 -33.49 31.84 -32.74
N GLU C 71 -33.85 33.12 -32.61
CA GLU C 71 -32.89 34.17 -32.92
C GLU C 71 -31.66 34.07 -32.02
N ARG C 72 -31.84 33.57 -30.81
CA ARG C 72 -30.72 33.44 -29.88
C ARG C 72 -29.94 32.15 -30.12
N TYR C 73 -30.65 31.05 -30.42
CA TYR C 73 -30.04 29.72 -30.38
C TYR C 73 -29.62 29.20 -31.76
N LYS C 74 -30.19 29.71 -32.84
CA LYS C 74 -29.92 29.12 -34.15
C LYS C 74 -28.49 29.40 -34.60
N ALA C 75 -27.91 28.42 -35.29
CA ALA C 75 -26.69 28.67 -36.03
C ALA C 75 -27.02 29.44 -37.30
N ARG C 76 -26.05 30.23 -37.78
CA ARG C 76 -26.24 31.10 -38.92
C ARG C 76 -25.03 31.02 -39.84
N CYS C 77 -25.27 30.73 -41.11
CA CYS C 77 -24.26 30.96 -42.14
C CYS C 77 -24.19 32.46 -42.41
N TYR C 78 -23.09 33.08 -42.00
CA TYR C 78 -22.94 34.52 -42.11
C TYR C 78 -22.04 34.96 -43.25
N ARG C 79 -21.39 34.04 -43.94
CA ARG C 79 -20.52 34.39 -45.05
C ARG C 79 -20.28 33.17 -45.91
N ILE C 80 -20.38 33.34 -47.22
CA ILE C 80 -20.01 32.32 -48.20
C ILE C 80 -18.97 32.95 -49.11
N GLU C 81 -17.79 32.34 -49.17
CA GLU C 81 -16.69 32.83 -50.00
C GLU C 81 -16.15 31.67 -50.80
N GLY C 82 -16.28 31.74 -52.11
CA GLY C 82 -15.97 30.58 -52.93
C GLY C 82 -16.91 29.45 -52.56
N ASP C 83 -16.34 28.27 -52.32
CA ASP C 83 -17.12 27.13 -51.87
C ASP C 83 -16.99 26.89 -50.37
N VAL C 84 -16.62 27.92 -49.61
CA VAL C 84 -16.46 27.82 -48.17
C VAL C 84 -17.58 28.59 -47.49
N ALA C 85 -18.36 27.90 -46.67
CA ALA C 85 -19.43 28.50 -45.89
C ALA C 85 -18.95 28.70 -44.46
N TYR C 86 -19.06 29.94 -43.98
CA TYR C 86 -18.76 30.27 -42.59
C TYR C 86 -20.06 30.25 -41.79
N ILE C 87 -20.09 29.47 -40.71
CA ILE C 87 -21.28 29.30 -39.90
C ILE C 87 -20.92 29.57 -38.44
N ALA C 88 -21.75 30.36 -37.77
CA ALA C 88 -21.54 30.74 -36.37
C ALA C 88 -22.56 30.02 -35.49
N TYR C 89 -22.08 29.43 -34.41
CA TYR C 89 -22.92 28.67 -33.48
C TYR C 89 -22.90 29.35 -32.12
N PRO C 90 -24.04 29.78 -31.58
CA PRO C 90 -24.03 30.40 -30.25
C PRO C 90 -23.45 29.49 -29.18
N LEU C 91 -22.78 30.10 -28.20
CA LEU C 91 -22.14 29.34 -27.14
C LEU C 91 -23.13 28.49 -26.35
N ASP C 92 -24.37 28.96 -26.20
CA ASP C 92 -25.35 28.24 -25.39
C ASP C 92 -25.74 26.89 -25.98
N LEU C 93 -25.39 26.62 -27.24
CA LEU C 93 -25.76 25.37 -27.87
C LEU C 93 -24.94 24.18 -27.39
N PHE C 94 -23.82 24.40 -26.70
CA PHE C 94 -22.85 23.36 -26.45
C PHE C 94 -22.76 23.02 -24.97
N GLU C 95 -22.49 21.73 -24.70
CA GLU C 95 -22.27 21.30 -23.33
C GLU C 95 -20.83 21.57 -22.93
N GLU C 96 -20.65 22.15 -21.75
CA GLU C 96 -19.33 22.53 -21.29
C GLU C 96 -18.41 21.30 -21.18
N GLY C 97 -17.21 21.42 -21.74
CA GLY C 97 -16.19 20.41 -21.57
C GLY C 97 -16.39 19.12 -22.33
N SER C 98 -17.27 19.10 -23.33
CA SER C 98 -17.64 17.87 -24.03
C SER C 98 -17.30 18.00 -25.52
N ILE C 99 -16.18 17.42 -25.92
CA ILE C 99 -15.89 17.31 -27.36
C ILE C 99 -16.97 16.47 -28.04
N VAL C 100 -17.50 15.46 -27.33
CA VAL C 100 -18.53 14.61 -27.92
C VAL C 100 -19.73 15.45 -28.36
N ASN C 101 -20.11 16.44 -27.55
CA ASN C 101 -21.24 17.27 -27.92
C ASN C 101 -20.94 18.11 -29.16
N ILE C 102 -19.73 18.69 -29.23
CA ILE C 102 -19.34 19.45 -30.41
C ILE C 102 -19.52 18.60 -31.65
N MET C 103 -19.00 17.38 -31.62
CA MET C 103 -19.11 16.49 -32.78
C MET C 103 -20.57 16.18 -33.10
N SER C 104 -21.38 15.91 -32.07
CA SER C 104 -22.75 15.51 -32.31
C SER C 104 -23.54 16.59 -33.04
N SER C 105 -23.17 17.86 -32.85
CA SER C 105 -23.80 18.96 -33.58
C SER C 105 -23.11 19.21 -34.92
N ILE C 106 -21.81 19.52 -34.89
CA ILE C 106 -21.13 20.04 -36.07
C ILE C 106 -21.04 18.98 -37.17
N VAL C 107 -20.80 17.73 -36.80
CA VAL C 107 -20.57 16.67 -37.78
C VAL C 107 -21.54 15.51 -37.60
N GLY C 108 -22.65 15.73 -36.89
CA GLY C 108 -23.58 14.66 -36.58
C GLY C 108 -24.33 14.08 -37.76
N ASN C 109 -25.10 14.92 -38.46
CA ASN C 109 -25.91 14.48 -39.57
C ASN C 109 -25.65 15.22 -40.88
N VAL C 110 -25.05 16.42 -40.83
CA VAL C 110 -25.05 17.29 -42.00
C VAL C 110 -24.22 16.75 -43.15
N PHE C 111 -23.34 15.78 -42.91
CA PHE C 111 -22.53 15.23 -43.98
C PHE C 111 -23.28 14.23 -44.86
N GLY C 112 -24.53 13.91 -44.53
CA GLY C 112 -25.26 12.88 -45.25
C GLY C 112 -26.53 13.35 -45.92
N PHE C 113 -26.68 14.66 -46.09
CA PHE C 113 -27.89 15.21 -46.70
C PHE C 113 -27.83 15.11 -48.22
N LYS C 114 -28.96 14.71 -48.81
CA LYS C 114 -29.03 14.62 -50.26
C LYS C 114 -28.76 15.96 -50.93
N ALA C 115 -29.11 17.06 -50.27
CA ALA C 115 -28.94 18.37 -50.86
C ALA C 115 -27.49 18.82 -50.90
N VAL C 116 -26.62 18.16 -50.15
CA VAL C 116 -25.20 18.51 -50.08
C VAL C 116 -24.43 17.27 -50.53
N GLN C 117 -23.86 17.33 -51.74
CA GLN C 117 -23.22 16.17 -52.33
C GLN C 117 -21.89 15.83 -51.66
N ALA C 118 -21.18 16.83 -51.16
CA ALA C 118 -19.92 16.61 -50.45
C ALA C 118 -19.70 17.76 -49.49
N LEU C 119 -19.10 17.46 -48.35
CA LEU C 119 -18.94 18.42 -47.28
C LEU C 119 -17.65 18.12 -46.53
N ARG C 120 -16.82 19.14 -46.33
CA ARG C 120 -15.55 18.99 -45.62
C ARG C 120 -15.40 20.10 -44.60
N LEU C 121 -15.32 19.73 -43.33
CA LEU C 121 -15.04 20.68 -42.26
C LEU C 121 -13.56 20.99 -42.27
N GLU C 122 -13.22 22.24 -42.56
CA GLU C 122 -11.82 22.63 -42.74
C GLU C 122 -11.20 23.14 -41.45
N ASP C 123 -11.95 23.94 -40.68
CA ASP C 123 -11.40 24.60 -39.50
C ASP C 123 -12.55 24.97 -38.58
N MET C 124 -12.22 25.25 -37.34
CA MET C 124 -13.20 25.59 -36.32
C MET C 124 -12.56 26.56 -35.35
N ARG C 125 -13.27 27.66 -35.06
CA ARG C 125 -12.83 28.66 -34.09
C ARG C 125 -13.52 28.33 -32.77
N ILE C 126 -12.77 27.74 -31.84
CA ILE C 126 -13.29 27.46 -30.50
C ILE C 126 -13.15 28.74 -29.69
N PRO C 127 -14.23 29.32 -29.18
CA PRO C 127 -14.12 30.57 -28.44
C PRO C 127 -13.44 30.36 -27.10
N VAL C 128 -12.81 31.44 -26.61
CA VAL C 128 -12.04 31.36 -25.38
C VAL C 128 -12.94 30.94 -24.21
N ALA C 129 -14.17 31.44 -24.19
CA ALA C 129 -15.05 31.14 -23.06
C ALA C 129 -15.41 29.66 -23.00
N TYR C 130 -15.42 28.98 -24.15
CA TYR C 130 -15.71 27.55 -24.19
C TYR C 130 -14.45 26.73 -23.93
N LEU C 131 -13.30 27.18 -24.42
CA LEU C 131 -12.05 26.47 -24.16
C LEU C 131 -11.77 26.35 -22.67
N LYS C 132 -12.15 27.34 -21.87
CA LYS C 132 -11.86 27.31 -20.44
C LYS C 132 -12.64 26.23 -19.71
N THR C 133 -13.67 25.64 -20.33
CA THR C 133 -14.35 24.51 -19.73
C THR C 133 -13.64 23.19 -20.01
N PHE C 134 -12.51 23.21 -20.71
CA PHE C 134 -11.75 22.01 -21.03
C PHE C 134 -10.43 22.00 -20.24
N PRO C 135 -9.96 20.82 -19.82
CA PRO C 135 -8.75 20.78 -18.98
C PRO C 135 -7.44 20.87 -19.76
N GLY C 136 -7.42 20.46 -21.02
CA GLY C 136 -6.20 20.45 -21.80
C GLY C 136 -5.30 19.30 -21.43
N PRO C 137 -4.08 19.30 -21.96
CA PRO C 137 -3.16 18.18 -21.72
C PRO C 137 -2.94 17.93 -20.24
N PRO C 138 -2.88 16.66 -19.82
CA PRO C 138 -2.64 16.38 -18.41
C PRO C 138 -1.23 16.75 -17.95
N THR C 139 -0.27 16.82 -18.87
CA THR C 139 1.11 17.16 -18.53
C THR C 139 1.56 18.44 -19.24
N GLY C 140 1.61 18.44 -20.57
CA GLY C 140 2.09 19.58 -21.31
C GLY C 140 3.59 19.53 -21.53
N ILE C 141 4.02 20.23 -22.59
CA ILE C 141 5.43 20.16 -23.01
C ILE C 141 6.36 20.52 -21.85
N GLN C 142 6.13 21.68 -21.23
CA GLN C 142 7.05 22.16 -20.20
C GLN C 142 7.14 21.19 -19.03
N VAL C 143 5.99 20.78 -18.49
CA VAL C 143 6.00 19.87 -17.35
C VAL C 143 6.59 18.52 -17.77
N GLU C 144 6.30 18.07 -18.98
CA GLU C 144 6.86 16.80 -19.45
C GLU C 144 8.38 16.85 -19.49
N ARG C 145 8.94 17.93 -20.05
CA ARG C 145 10.39 18.09 -20.05
C ARG C 145 10.95 18.11 -18.63
N ASP C 146 10.21 18.73 -17.70
CA ASP C 146 10.64 18.73 -16.30
C ASP C 146 10.65 17.32 -15.74
N ARG C 147 9.59 16.55 -15.98
CA ARG C 147 9.54 15.18 -15.49
C ARG C 147 10.66 14.33 -16.08
N LEU C 148 11.06 14.61 -17.31
CA LEU C 148 12.13 13.86 -17.96
C LEU C 148 13.51 14.43 -17.69
N ASN C 149 13.60 15.70 -17.29
CA ASN C 149 14.89 16.38 -17.13
C ASN C 149 15.64 16.42 -18.46
N LYS C 150 14.91 16.74 -19.53
CA LYS C 150 15.45 16.80 -20.88
C LYS C 150 15.16 18.17 -21.48
N TYR C 151 16.20 18.92 -21.78
CA TYR C 151 16.04 20.28 -22.28
C TYR C 151 17.04 20.53 -23.40
N GLY C 152 16.57 21.20 -24.46
CA GLY C 152 17.43 21.73 -25.47
C GLY C 152 17.57 20.93 -26.74
N ARG C 153 16.72 19.94 -26.95
CA ARG C 153 16.78 19.13 -28.17
C ARG C 153 15.44 18.45 -28.36
N PRO C 154 15.12 18.03 -29.59
CA PRO C 154 14.00 17.12 -29.78
C PRO C 154 14.21 15.83 -29.01
N LEU C 155 13.10 15.17 -28.71
CA LEU C 155 13.12 13.87 -28.03
C LEU C 155 12.92 12.77 -29.06
N LEU C 156 13.55 11.63 -28.81
CA LEU C 156 13.57 10.53 -29.76
C LEU C 156 12.76 9.35 -29.24
N GLY C 157 12.05 8.68 -30.17
CA GLY C 157 11.30 7.49 -29.85
C GLY C 157 11.39 6.48 -30.98
N GLY C 158 10.68 5.37 -30.80
CA GLY C 158 10.64 4.33 -31.81
C GLY C 158 9.68 3.22 -31.47
N THR C 159 8.99 2.66 -32.47
CA THR C 159 8.04 1.58 -32.25
C THR C 159 8.75 0.25 -32.30
N ILE C 160 8.59 -0.56 -31.25
CA ILE C 160 9.16 -1.93 -31.16
C ILE C 160 8.51 -2.80 -32.25
N LYS C 161 9.28 -3.43 -33.12
CA LYS C 161 8.73 -4.24 -34.26
C LYS C 161 9.31 -5.66 -34.31
N PRO C 162 8.59 -6.68 -34.87
CA PRO C 162 7.48 -6.50 -35.83
C PRO C 162 6.18 -5.93 -35.20
N LYS C 163 5.30 -5.28 -35.99
CA LYS C 163 4.09 -4.58 -35.44
C LYS C 163 3.32 -5.53 -34.55
N LEU C 164 2.86 -6.64 -35.13
CA LEU C 164 2.22 -7.73 -34.36
C LEU C 164 3.04 -8.99 -34.67
N GLY C 165 3.23 -9.88 -33.69
CA GLY C 165 3.97 -11.14 -33.90
C GLY C 165 4.94 -11.47 -32.79
N LEU C 166 5.69 -10.49 -32.32
CA LEU C 166 6.75 -10.73 -31.32
C LEU C 166 6.17 -11.14 -29.97
N SER C 167 6.89 -11.92 -29.14
CA SER C 167 6.54 -12.34 -27.77
C SER C 167 6.86 -11.27 -26.71
N ALA C 168 6.73 -11.54 -25.38
CA ALA C 168 6.91 -10.51 -24.31
C ALA C 168 8.35 -10.26 -23.82
N LYS C 169 9.04 -11.20 -23.15
CA LYS C 169 10.39 -10.96 -22.56
C LYS C 169 11.35 -10.54 -23.67
N GLU C 170 11.10 -10.99 -24.91
CA GLU C 170 11.93 -10.62 -26.08
C GLU C 170 11.52 -9.24 -26.59
N TYR C 171 10.23 -8.99 -26.74
CA TYR C 171 9.70 -7.65 -27.12
C TYR C 171 10.39 -6.62 -26.24
N ALA C 172 10.60 -6.96 -24.98
CA ALA C 172 11.25 -6.07 -24.02
C ALA C 172 12.76 -6.00 -24.23
N ARG C 173 13.39 -7.06 -24.77
CA ARG C 173 14.81 -6.97 -25.10
C ARG C 173 15.04 -5.94 -26.19
N VAL C 174 14.12 -5.84 -27.15
CA VAL C 174 14.23 -4.80 -28.18
C VAL C 174 14.10 -3.43 -27.54
N VAL C 175 13.19 -3.28 -26.57
CA VAL C 175 13.04 -2.00 -25.86
C VAL C 175 14.35 -1.65 -25.16
N TYR C 176 14.90 -2.61 -24.41
CA TYR C 176 16.15 -2.37 -23.68
C TYR C 176 17.25 -1.91 -24.62
N GLU C 177 17.39 -2.57 -25.78
CA GLU C 177 18.46 -2.21 -26.70
C GLU C 177 18.26 -0.81 -27.26
N CYS C 178 17.02 -0.46 -27.62
CA CYS C 178 16.76 0.88 -28.15
C CYS C 178 17.09 1.95 -27.11
N LEU C 179 16.63 1.75 -25.88
CA LEU C 179 16.77 2.80 -24.88
C LEU C 179 18.20 2.90 -24.38
N ARG C 180 18.90 1.78 -24.23
CA ARG C 180 20.29 1.83 -23.81
C ARG C 180 21.19 2.42 -24.89
N GLY C 181 20.73 2.47 -26.13
CA GLY C 181 21.46 3.11 -27.20
C GLY C 181 21.27 4.61 -27.30
N GLY C 182 20.33 5.17 -26.55
CA GLY C 182 20.17 6.62 -26.49
C GLY C 182 18.80 7.14 -26.89
N LEU C 183 17.86 6.31 -27.32
CA LEU C 183 16.50 6.80 -27.52
C LEU C 183 15.86 7.10 -26.18
N ASP C 184 15.08 8.18 -26.13
CA ASP C 184 14.42 8.54 -24.88
C ASP C 184 13.24 7.63 -24.61
N THR C 185 12.53 7.22 -25.64
CA THR C 185 11.32 6.42 -25.48
C THR C 185 11.24 5.36 -26.56
N THR C 186 10.36 4.39 -26.32
CA THR C 186 9.95 3.42 -27.33
C THR C 186 8.44 3.32 -27.19
N KCX C 187 7.77 2.61 -28.09
CA KCX C 187 6.31 2.52 -27.98
CB KCX C 187 5.62 3.72 -28.70
CG KCX C 187 5.93 3.63 -30.20
CD KCX C 187 5.52 4.91 -30.92
CE KCX C 187 4.02 5.15 -30.78
NZ KCX C 187 3.28 4.04 -31.29
C KCX C 187 5.69 1.25 -28.51
O KCX C 187 6.38 0.59 -29.36
CX KCX C 187 3.19 3.77 -32.67
OQ1 KCX C 187 2.59 2.78 -33.09
OQ2 KCX C 187 3.77 4.68 -33.37
N ASP C 188 4.49 0.90 -28.03
CA ASP C 188 3.69 -0.16 -28.61
C ASP C 188 3.12 0.30 -29.95
N ASP C 189 2.86 -0.64 -30.86
CA ASP C 189 2.11 -0.33 -32.06
C ASP C 189 0.65 -0.04 -31.70
N GLU C 190 0.01 0.80 -32.51
CA GLU C 190 -1.35 1.21 -32.18
C GLU C 190 -2.30 0.03 -32.08
N ASN C 191 -2.05 -1.03 -32.86
CA ASN C 191 -2.91 -2.20 -32.87
C ASN C 191 -2.40 -3.31 -31.95
N LEU C 192 -1.34 -3.06 -31.19
CA LEU C 192 -0.89 -3.97 -30.14
C LEU C 192 -1.62 -3.60 -28.86
N ASN C 193 -2.60 -4.42 -28.48
CA ASN C 193 -3.36 -4.20 -27.26
C ASN C 193 -3.14 -5.42 -26.38
N SER C 194 -4.09 -6.37 -26.35
CA SER C 194 -3.86 -7.67 -25.74
C SER C 194 -4.38 -8.73 -26.71
N GLN C 195 -3.48 -9.54 -27.23
CA GLN C 195 -3.80 -10.57 -28.22
C GLN C 195 -3.16 -11.89 -27.82
N PRO C 196 -3.68 -13.01 -28.35
CA PRO C 196 -3.12 -14.32 -27.97
C PRO C 196 -1.61 -14.40 -28.09
N PHE C 197 -1.02 -13.77 -29.11
CA PHE C 197 0.43 -13.78 -29.27
C PHE C 197 1.13 -12.86 -28.29
N ASN C 198 0.44 -11.86 -27.73
CA ASN C 198 1.11 -10.84 -26.93
C ASN C 198 0.05 -10.21 -26.00
N ARG C 199 -0.05 -10.75 -24.79
CA ARG C 199 -1.02 -10.28 -23.80
C ARG C 199 -0.45 -9.09 -23.02
N TRP C 200 -1.35 -8.17 -22.62
CA TRP C 200 -0.92 -6.87 -22.15
C TRP C 200 -0.19 -6.94 -20.82
N ARG C 201 -0.69 -7.75 -19.88
CA ARG C 201 -0.03 -7.84 -18.57
C ARG C 201 1.41 -8.33 -18.73
N ASP C 202 1.63 -9.35 -19.55
CA ASP C 202 2.98 -9.85 -19.78
C ASP C 202 3.86 -8.75 -20.38
N ARG C 203 3.37 -8.07 -21.42
CA ARG C 203 4.15 -7.03 -22.07
C ARG C 203 4.48 -5.90 -21.11
N PHE C 204 3.48 -5.44 -20.35
CA PHE C 204 3.71 -4.35 -19.41
C PHE C 204 4.82 -4.71 -18.41
N LEU C 205 4.76 -5.93 -17.88
CA LEU C 205 5.71 -6.32 -16.84
C LEU C 205 7.14 -6.36 -17.37
N TYR C 206 7.34 -6.96 -18.54
CA TYR C 206 8.70 -7.13 -19.04
C TYR C 206 9.22 -5.88 -19.74
N VAL C 207 8.34 -5.10 -20.35
CA VAL C 207 8.78 -3.83 -20.93
C VAL C 207 9.34 -2.92 -19.84
N MET C 208 8.67 -2.88 -18.68
CA MET C 208 9.09 -1.95 -17.64
C MET C 208 10.38 -2.41 -16.96
N GLU C 209 10.60 -3.72 -16.85
CA GLU C 209 11.90 -4.19 -16.38
C GLU C 209 13.02 -3.71 -17.31
N ALA C 210 12.74 -3.68 -18.62
CA ALA C 210 13.71 -3.18 -19.57
C ALA C 210 13.91 -1.67 -19.44
N VAL C 211 12.85 -0.93 -19.11
CA VAL C 211 12.97 0.51 -18.96
C VAL C 211 13.80 0.86 -17.74
N ARG C 212 13.51 0.22 -16.60
CA ARG C 212 14.29 0.49 -15.39
C ARG C 212 15.76 0.17 -15.62
N LYS C 213 16.05 -0.94 -16.31
CA LYS C 213 17.43 -1.34 -16.56
C LYS C 213 18.15 -0.33 -17.44
N ALA C 214 17.54 0.03 -18.57
CA ALA C 214 18.16 1.00 -19.48
C ALA C 214 18.35 2.35 -18.79
N GLU C 215 17.39 2.76 -17.96
CA GLU C 215 17.53 4.02 -17.25
C GLU C 215 18.67 3.98 -16.25
N ALA C 216 18.83 2.87 -15.53
CA ALA C 216 19.91 2.75 -14.55
C ALA C 216 21.27 2.77 -15.24
N GLU C 217 21.39 2.07 -16.37
CA GLU C 217 22.69 1.96 -17.03
C GLU C 217 23.10 3.26 -17.69
N THR C 218 22.17 3.92 -18.40
CA THR C 218 22.52 5.14 -19.12
C THR C 218 22.54 6.36 -18.21
N GLY C 219 21.77 6.34 -17.12
CA GLY C 219 21.62 7.50 -16.27
C GLY C 219 20.62 8.52 -16.76
N GLU C 220 19.97 8.27 -17.89
CA GLU C 220 18.97 9.16 -18.44
C GLU C 220 17.59 8.56 -18.23
N ARG C 221 16.61 9.42 -17.96
CA ARG C 221 15.25 8.94 -17.72
C ARG C 221 14.65 8.42 -19.01
N LYS C 222 13.93 7.30 -18.91
CA LYS C 222 13.41 6.58 -20.06
C LYS C 222 11.92 6.31 -19.86
N GLY C 223 11.25 5.96 -20.97
CA GLY C 223 9.85 5.58 -20.91
C GLY C 223 9.47 4.73 -22.09
N HIS C 224 8.37 4.00 -21.92
CA HIS C 224 7.76 3.25 -23.01
C HIS C 224 6.28 3.61 -23.05
N TRP C 225 5.78 3.94 -24.23
CA TRP C 225 4.38 4.32 -24.40
C TRP C 225 3.56 3.04 -24.44
N LEU C 226 3.16 2.58 -23.25
CA LEU C 226 2.40 1.34 -23.12
C LEU C 226 0.97 1.57 -23.57
N ASN C 227 0.53 0.81 -24.57
CA ASN C 227 -0.80 0.99 -25.16
C ASN C 227 -1.84 0.37 -24.25
N VAL C 228 -2.71 1.22 -23.69
CA VAL C 228 -3.83 0.75 -22.86
C VAL C 228 -5.11 0.63 -23.66
N THR C 229 -5.09 0.89 -24.97
CA THR C 229 -6.28 0.81 -25.79
C THR C 229 -6.94 -0.56 -25.62
N ALA C 230 -8.26 -0.56 -25.37
CA ALA C 230 -9.00 -1.77 -25.08
C ALA C 230 -10.44 -1.59 -25.49
N GLY C 231 -11.23 -2.67 -25.35
CA GLY C 231 -12.59 -2.70 -25.86
C GLY C 231 -13.59 -1.88 -25.06
N SER C 232 -13.25 -1.54 -23.81
CA SER C 232 -14.14 -0.76 -22.96
C SER C 232 -13.31 0.23 -22.16
N THR C 233 -13.99 1.27 -21.67
CA THR C 233 -13.31 2.26 -20.85
C THR C 233 -12.76 1.63 -19.58
N GLU C 234 -13.55 0.75 -18.95
CA GLU C 234 -13.09 0.11 -17.72
C GLU C 234 -11.80 -0.66 -17.94
N GLU C 235 -11.70 -1.38 -19.06
CA GLU C 235 -10.50 -2.16 -19.31
C GLU C 235 -9.30 -1.27 -19.55
N MET C 236 -9.48 -0.14 -20.25
CA MET C 236 -8.38 0.79 -20.46
C MET C 236 -7.90 1.37 -19.14
N LEU C 237 -8.82 1.76 -18.26
CA LEU C 237 -8.44 2.31 -16.97
C LEU C 237 -7.67 1.27 -16.15
N LYS C 238 -8.08 0.01 -16.25
CA LYS C 238 -7.36 -1.07 -15.57
C LYS C 238 -5.92 -1.14 -16.04
N ARG C 239 -5.71 -1.09 -17.35
CA ARG C 239 -4.35 -1.19 -17.88
C ARG C 239 -3.53 0.05 -17.55
N ALA C 240 -4.17 1.22 -17.46
CA ALA C 240 -3.45 2.41 -17.03
C ALA C 240 -3.04 2.32 -15.57
N GLU C 241 -3.92 1.81 -14.71
CA GLU C 241 -3.57 1.61 -13.30
C GLU C 241 -2.35 0.70 -13.17
N PHE C 242 -2.35 -0.41 -13.91
CA PHE C 242 -1.22 -1.34 -13.83
C PHE C 242 0.07 -0.69 -14.32
N ALA C 243 -0.01 0.09 -15.40
CA ALA C 243 1.17 0.81 -15.86
C ALA C 243 1.71 1.74 -14.79
N ALA C 244 0.81 2.46 -14.10
CA ALA C 244 1.23 3.33 -13.02
C ALA C 244 1.83 2.54 -11.86
N GLU C 245 1.22 1.40 -11.51
CA GLU C 245 1.75 0.58 -10.42
C GLU C 245 3.16 0.12 -10.72
N LEU C 246 3.50 -0.08 -11.99
CA LEU C 246 4.84 -0.49 -12.37
C LEU C 246 5.81 0.67 -12.49
N GLY C 247 5.37 1.90 -12.25
CA GLY C 247 6.26 3.05 -12.32
C GLY C 247 6.48 3.59 -13.71
N SER C 248 5.64 3.25 -14.67
CA SER C 248 5.76 3.82 -16.00
C SER C 248 5.45 5.31 -15.96
N ARG C 249 6.25 6.09 -16.69
CA ARG C 249 5.96 7.51 -16.84
C ARG C 249 4.92 7.79 -17.92
N TYR C 250 4.65 6.81 -18.78
CA TYR C 250 3.80 7.00 -19.96
C TYR C 250 2.77 5.89 -20.08
N ILE C 251 1.63 6.26 -20.69
CA ILE C 251 0.73 5.31 -21.31
C ILE C 251 0.38 5.88 -22.69
N MET C 252 -0.33 5.06 -23.47
CA MET C 252 -0.68 5.39 -24.84
C MET C 252 -2.12 4.98 -25.08
N VAL C 253 -2.83 5.78 -25.86
CA VAL C 253 -4.20 5.48 -26.25
C VAL C 253 -4.41 5.87 -27.71
N ASP C 254 -5.10 5.01 -28.45
CA ASP C 254 -5.60 5.33 -29.78
C ASP C 254 -6.88 6.13 -29.59
N PHE C 255 -6.76 7.46 -29.59
CA PHE C 255 -7.88 8.28 -29.10
C PHE C 255 -9.05 8.30 -30.07
N LEU C 256 -8.82 8.03 -31.35
CA LEU C 256 -9.93 8.02 -32.31
C LEU C 256 -10.63 6.66 -32.37
N THR C 257 -9.89 5.56 -32.32
CA THR C 257 -10.53 4.24 -32.35
C THR C 257 -11.21 3.93 -31.03
N ALA C 258 -10.58 4.29 -29.90
CA ALA C 258 -11.24 4.17 -28.62
C ALA C 258 -12.41 5.13 -28.51
N GLY C 259 -12.23 6.36 -28.99
CA GLY C 259 -13.29 7.34 -28.99
C GLY C 259 -13.07 8.42 -27.93
N PHE C 260 -13.73 9.56 -28.16
CA PHE C 260 -13.44 10.75 -27.37
C PHE C 260 -13.98 10.62 -25.94
N ALA C 261 -15.16 10.02 -25.77
CA ALA C 261 -15.69 9.83 -24.43
C ALA C 261 -14.74 9.00 -23.57
N ALA C 262 -14.29 7.86 -24.10
CA ALA C 262 -13.33 7.05 -23.36
C ALA C 262 -11.97 7.73 -23.28
N PHE C 263 -11.59 8.47 -24.33
CA PHE C 263 -10.37 9.28 -24.29
C PHE C 263 -10.41 10.24 -23.11
N ALA C 264 -11.53 10.94 -22.92
CA ALA C 264 -11.63 11.86 -21.80
C ALA C 264 -11.47 11.14 -20.47
N SER C 265 -12.01 9.92 -20.36
CA SER C 265 -11.88 9.16 -19.13
C SER C 265 -10.42 8.79 -18.85
N VAL C 266 -9.68 8.40 -19.90
CA VAL C 266 -8.29 8.02 -19.70
C VAL C 266 -7.45 9.25 -19.38
N ARG C 267 -7.77 10.39 -20.01
CA ARG C 267 -7.02 11.61 -19.72
C ARG C 267 -7.17 12.02 -18.26
N ARG C 268 -8.36 11.89 -17.70
CA ARG C 268 -8.56 12.20 -16.29
C ARG C 268 -7.74 11.27 -15.41
N ARG C 269 -7.86 9.96 -15.64
CA ARG C 269 -7.14 8.99 -14.82
C ARG C 269 -5.64 9.18 -14.95
N ALA C 270 -5.16 9.51 -16.16
CA ALA C 270 -3.74 9.71 -16.36
C ALA C 270 -3.20 10.83 -15.48
N GLU C 271 -3.91 11.96 -15.43
CA GLU C 271 -3.49 13.06 -14.58
C GLU C 271 -3.54 12.66 -13.11
N GLU C 272 -4.59 11.94 -12.71
CA GLU C 272 -4.68 11.48 -11.32
C GLU C 272 -3.51 10.57 -10.96
N LEU C 273 -3.11 9.70 -11.87
CA LEU C 273 -2.03 8.75 -11.63
C LEU C 273 -0.65 9.30 -11.93
N GLY C 274 -0.56 10.53 -12.44
CA GLY C 274 0.74 11.08 -12.80
C GLY C 274 1.34 10.49 -14.06
N LEU C 275 0.52 9.89 -14.92
CA LEU C 275 0.99 9.34 -16.17
C LEU C 275 0.92 10.39 -17.27
N MET C 276 1.90 10.36 -18.16
CA MET C 276 1.87 11.16 -19.37
C MET C 276 1.22 10.36 -20.49
N LEU C 277 0.46 11.05 -21.35
CA LEU C 277 -0.47 10.40 -22.26
C LEU C 277 -0.08 10.66 -23.70
N HIS C 278 0.54 9.66 -24.33
CA HIS C 278 0.75 9.69 -25.77
C HIS C 278 -0.54 9.29 -26.49
N CYS C 279 -0.88 10.04 -27.53
CA CYS C 279 -2.11 9.83 -28.28
C CYS C 279 -1.79 9.45 -29.71
N HIS C 280 -2.19 8.24 -30.10
CA HIS C 280 -2.00 7.76 -31.46
C HIS C 280 -3.25 8.08 -32.27
N ARG C 281 -3.06 8.60 -33.48
CA ARG C 281 -4.16 9.07 -34.30
C ARG C 281 -4.63 8.02 -35.30
N ALA C 282 -4.49 6.74 -34.97
CA ALA C 282 -4.99 5.68 -35.82
C ALA C 282 -6.45 5.94 -36.17
N MET C 283 -6.78 5.80 -37.45
CA MET C 283 -8.10 5.96 -38.06
C MET C 283 -8.30 7.38 -38.60
N HIS C 284 -7.39 8.32 -38.31
CA HIS C 284 -7.60 9.70 -38.71
C HIS C 284 -7.81 9.82 -40.22
N ALA C 285 -7.09 9.02 -41.00
CA ALA C 285 -7.18 9.12 -42.46
C ALA C 285 -8.53 8.66 -42.99
N VAL C 286 -9.28 7.86 -42.21
CA VAL C 286 -10.65 7.55 -42.58
C VAL C 286 -11.47 8.83 -42.66
N PHE C 287 -11.17 9.80 -41.79
CA PHE C 287 -11.93 11.05 -41.74
C PHE C 287 -11.33 12.15 -42.61
N ASP C 288 -10.00 12.23 -42.68
CA ASP C 288 -9.35 13.48 -43.07
C ASP C 288 -8.54 13.40 -44.35
N ARG C 289 -8.65 12.32 -45.11
CA ARG C 289 -7.77 12.13 -46.27
C ARG C 289 -8.22 12.92 -47.48
N GLN C 290 -9.52 12.93 -47.76
CA GLN C 290 -9.95 13.50 -49.04
C GLN C 290 -10.26 15.00 -48.89
N PRO C 291 -9.87 15.81 -49.88
CA PRO C 291 -10.10 17.26 -49.76
C PRO C 291 -11.52 17.71 -50.01
N ASN C 292 -12.40 16.83 -50.53
CA ASN C 292 -13.76 17.21 -50.84
C ASN C 292 -14.76 16.80 -49.77
N HIS C 293 -14.41 15.88 -48.88
CA HIS C 293 -15.38 15.36 -47.92
C HIS C 293 -14.63 14.81 -46.72
N GLY C 294 -15.10 15.16 -45.52
CA GLY C 294 -14.55 14.65 -44.28
C GLY C 294 -14.25 15.77 -43.31
N ILE C 295 -13.31 15.50 -42.40
CA ILE C 295 -12.86 16.46 -41.41
C ILE C 295 -11.34 16.55 -41.52
N HIS C 296 -10.82 17.75 -41.74
CA HIS C 296 -9.37 17.90 -41.83
C HIS C 296 -8.74 17.64 -40.47
N PHE C 297 -7.51 17.11 -40.49
CA PHE C 297 -6.88 16.69 -39.24
C PHE C 297 -6.70 17.86 -38.27
N ARG C 298 -6.51 19.08 -38.78
CA ARG C 298 -6.29 20.21 -37.88
C ARG C 298 -7.45 20.38 -36.92
N VAL C 299 -8.67 20.03 -37.35
CA VAL C 299 -9.81 20.07 -36.44
C VAL C 299 -9.69 18.98 -35.38
N LEU C 300 -9.30 17.78 -35.80
CA LEU C 300 -9.07 16.70 -34.86
C LEU C 300 -7.96 17.06 -33.88
N ALA C 301 -6.94 17.77 -34.35
CA ALA C 301 -5.85 18.18 -33.47
C ALA C 301 -6.33 19.17 -32.42
N LYS C 302 -7.22 20.09 -32.79
CA LYS C 302 -7.76 21.03 -31.80
C LYS C 302 -8.53 20.29 -30.72
N TRP C 303 -9.44 19.39 -31.11
CA TRP C 303 -10.17 18.60 -30.13
C TRP C 303 -9.22 17.79 -29.27
N LEU C 304 -8.13 17.29 -29.87
CA LEU C 304 -7.14 16.53 -29.11
C LEU C 304 -6.51 17.39 -28.02
N ARG C 305 -6.09 18.60 -28.37
CA ARG C 305 -5.48 19.48 -27.35
C ARG C 305 -6.50 19.89 -26.30
N MET C 306 -7.78 19.98 -26.67
CA MET C 306 -8.81 20.40 -25.73
C MET C 306 -9.09 19.32 -24.68
N VAL C 307 -9.31 18.09 -25.12
CA VAL C 307 -9.50 16.99 -24.17
C VAL C 307 -8.26 16.85 -23.31
N GLY C 308 -7.09 16.81 -23.95
CA GLY C 308 -5.84 16.71 -23.23
C GLY C 308 -5.03 15.50 -23.63
N GLY C 309 -4.22 15.63 -24.67
CA GLY C 309 -3.18 14.68 -24.96
C GLY C 309 -1.83 15.36 -24.82
N ASP C 310 -0.81 14.58 -24.42
CA ASP C 310 0.53 15.13 -24.25
C ASP C 310 1.33 15.13 -25.55
N HIS C 311 1.11 14.14 -26.42
CA HIS C 311 1.65 14.16 -27.77
C HIS C 311 0.57 13.69 -28.75
N VAL C 312 0.78 14.02 -30.01
CA VAL C 312 -0.02 13.43 -31.10
C VAL C 312 0.83 13.44 -32.36
N HIS C 313 0.69 12.38 -33.16
CA HIS C 313 1.40 12.30 -34.43
C HIS C 313 0.92 13.39 -35.37
N THR C 314 1.83 13.93 -36.17
CA THR C 314 1.52 14.94 -37.15
C THR C 314 1.94 14.56 -38.57
N GLY C 315 2.62 13.44 -38.76
CA GLY C 315 3.00 12.98 -40.07
C GLY C 315 4.48 13.09 -40.37
N THR C 316 4.82 13.24 -41.65
CA THR C 316 6.21 13.35 -42.08
C THR C 316 6.30 14.38 -43.20
N VAL C 317 7.42 15.11 -43.21
CA VAL C 317 7.70 16.07 -44.27
C VAL C 317 9.12 16.60 -44.08
N GLY C 323 1.52 15.75 -43.76
CA GLY C 323 1.27 15.82 -45.19
C GLY C 323 2.07 16.93 -45.87
N ASP C 324 1.41 18.07 -46.08
CA ASP C 324 2.07 19.21 -46.71
C ASP C 324 2.85 20.00 -45.66
N ARG C 325 3.91 20.68 -46.12
CA ARG C 325 4.75 21.43 -45.20
C ARG C 325 3.99 22.57 -44.55
N ALA C 326 3.36 23.42 -45.37
CA ALA C 326 2.52 24.49 -44.83
C ALA C 326 1.46 23.93 -43.89
N GLU C 327 0.80 22.85 -44.31
CA GLU C 327 -0.23 22.24 -43.47
C GLU C 327 0.35 21.77 -42.14
N THR C 328 1.55 21.18 -42.16
CA THR C 328 2.13 20.66 -40.92
C THR C 328 2.57 21.78 -40.00
N LEU C 329 3.14 22.85 -40.55
CA LEU C 329 3.52 23.99 -39.71
C LEU C 329 2.30 24.60 -39.02
N GLY C 330 1.16 24.66 -39.72
CA GLY C 330 -0.05 25.14 -39.08
C GLY C 330 -0.50 24.25 -37.94
N ILE C 331 -0.44 22.93 -38.14
CA ILE C 331 -0.84 22.00 -37.10
C ILE C 331 0.10 22.09 -35.90
N ALA C 332 1.41 22.19 -36.16
CA ALA C 332 2.36 22.32 -35.06
C ALA C 332 2.09 23.57 -34.23
N ASP C 333 1.77 24.69 -34.89
CA ASP C 333 1.41 25.89 -34.16
C ASP C 333 0.14 25.68 -33.34
N LEU C 334 -0.88 25.05 -33.94
CA LEU C 334 -2.11 24.81 -33.20
C LEU C 334 -1.87 23.99 -31.95
N LEU C 335 -0.87 23.11 -31.97
CA LEU C 335 -0.62 22.24 -30.82
C LEU C 335 0.24 22.91 -29.75
N ARG C 336 1.11 23.85 -30.13
CA ARG C 336 2.14 24.35 -29.24
C ARG C 336 1.98 25.79 -28.79
N GLU C 337 1.38 26.66 -29.61
CA GLU C 337 1.35 28.08 -29.31
C GLU C 337 0.11 28.45 -28.51
N ASP C 338 0.20 29.59 -27.81
CA ASP C 338 -0.94 30.09 -27.06
C ASP C 338 -1.88 30.93 -27.92
N TYR C 339 -1.43 31.37 -29.09
CA TYR C 339 -2.28 32.08 -30.04
C TYR C 339 -1.79 31.77 -31.43
N VAL C 340 -2.70 31.43 -32.34
CA VAL C 340 -2.35 31.11 -33.71
C VAL C 340 -3.18 31.97 -34.66
N PRO C 341 -2.58 32.93 -35.35
CA PRO C 341 -3.35 33.74 -36.31
C PRO C 341 -3.79 32.91 -37.51
N ALA C 342 -4.87 33.37 -38.14
CA ALA C 342 -5.38 32.70 -39.32
C ALA C 342 -4.35 32.77 -40.45
N ASP C 343 -4.46 31.81 -41.36
CA ASP C 343 -3.61 31.71 -42.54
C ASP C 343 -4.20 30.64 -43.45
N PRO C 344 -5.17 31.00 -44.30
CA PRO C 344 -5.79 29.97 -45.15
C PRO C 344 -4.81 29.23 -46.03
N GLY C 345 -3.62 29.79 -46.28
CA GLY C 345 -2.60 29.04 -46.99
C GLY C 345 -2.22 27.76 -46.30
N ARG C 346 -2.27 27.76 -44.96
CA ARG C 346 -2.05 26.57 -44.16
C ARG C 346 -3.36 25.93 -43.72
N GLY C 347 -4.48 26.31 -44.34
CA GLY C 347 -5.78 25.79 -43.96
C GLY C 347 -6.33 26.32 -42.67
N LEU C 348 -5.71 27.34 -42.09
CA LEU C 348 -6.21 28.00 -40.88
C LEU C 348 -7.12 29.14 -41.32
N PHE C 349 -8.42 28.93 -41.22
CA PHE C 349 -9.38 29.95 -41.64
C PHE C 349 -9.71 30.94 -40.54
N PHE C 350 -9.42 30.61 -39.28
CA PHE C 350 -9.71 31.48 -38.15
C PHE C 350 -8.47 31.67 -37.30
N ASP C 351 -8.44 32.78 -36.57
CA ASP C 351 -7.51 32.91 -35.46
C ASP C 351 -7.94 31.99 -34.31
N GLN C 352 -6.98 31.42 -33.60
CA GLN C 352 -7.26 30.51 -32.50
C GLN C 352 -6.49 30.94 -31.28
N ASP C 353 -7.20 31.48 -30.29
CA ASP C 353 -6.65 31.76 -28.97
C ASP C 353 -6.83 30.50 -28.11
N TRP C 354 -5.76 30.08 -27.46
CA TRP C 354 -5.78 28.82 -26.71
C TRP C 354 -6.02 29.02 -25.22
N ALA C 355 -6.27 30.25 -24.78
CA ALA C 355 -6.83 30.52 -23.45
C ALA C 355 -6.02 29.86 -22.33
N GLY C 356 -4.71 29.71 -22.54
CA GLY C 356 -3.83 29.20 -21.52
C GLY C 356 -3.75 27.69 -21.40
N LEU C 357 -4.41 26.94 -22.28
CA LEU C 357 -4.27 25.50 -22.28
C LEU C 357 -2.82 25.11 -22.55
N LYS C 358 -2.35 24.06 -21.86
CA LYS C 358 -0.99 23.60 -22.04
C LYS C 358 -0.75 23.17 -23.49
N PRO C 359 0.49 23.20 -23.96
CA PRO C 359 0.80 22.78 -25.32
C PRO C 359 1.04 21.28 -25.43
N VAL C 360 0.87 20.79 -26.66
CA VAL C 360 1.02 19.37 -27.00
C VAL C 360 2.30 19.19 -27.80
N PHE C 361 3.01 18.09 -27.51
CA PHE C 361 4.17 17.70 -28.32
C PHE C 361 3.72 17.18 -29.68
N PRO C 362 4.16 17.77 -30.78
CA PRO C 362 3.98 17.09 -32.07
C PRO C 362 4.99 15.96 -32.23
N VAL C 363 4.56 14.91 -32.93
CA VAL C 363 5.36 13.71 -33.12
C VAL C 363 5.47 13.46 -34.62
N ALA C 364 6.71 13.41 -35.12
CA ALA C 364 7.00 13.06 -36.50
C ALA C 364 7.40 11.60 -36.56
N SER C 365 6.68 10.81 -37.36
CA SER C 365 6.93 9.38 -37.46
C SER C 365 6.54 8.89 -38.84
N GLY C 366 7.16 7.78 -39.24
CA GLY C 366 6.87 7.18 -40.53
C GLY C 366 8.06 7.08 -41.45
N GLY C 367 8.81 5.98 -41.33
CA GLY C 367 9.92 5.72 -42.23
C GLY C 367 10.93 6.85 -42.32
N ILE C 368 11.38 7.36 -41.19
CA ILE C 368 12.39 8.42 -41.15
C ILE C 368 13.66 7.85 -40.56
N HIS C 369 14.80 8.41 -40.98
CA HIS C 369 16.11 7.92 -40.57
C HIS C 369 17.06 9.12 -40.49
N VAL C 370 18.35 8.83 -40.29
CA VAL C 370 19.31 9.87 -39.95
C VAL C 370 19.33 10.99 -40.98
N TRP C 371 19.13 10.66 -42.25
CA TRP C 371 19.23 11.68 -43.29
C TRP C 371 18.18 12.78 -43.16
N HIS C 372 17.06 12.50 -42.48
CA HIS C 372 15.99 13.46 -42.35
C HIS C 372 16.15 14.40 -41.16
N VAL C 373 17.14 14.16 -40.29
CA VAL C 373 17.23 14.93 -39.05
C VAL C 373 17.44 16.41 -39.29
N PRO C 374 18.35 16.84 -40.18
CA PRO C 374 18.48 18.29 -40.41
C PRO C 374 17.18 18.96 -40.80
N ASP C 375 16.41 18.36 -41.72
CA ASP C 375 15.13 18.94 -42.12
C ASP C 375 14.15 18.94 -40.95
N LEU C 376 14.11 17.86 -40.17
CA LEU C 376 13.16 17.77 -39.07
C LEU C 376 13.45 18.82 -38.00
N VAL C 377 14.72 19.05 -37.69
CA VAL C 377 15.06 20.07 -36.70
C VAL C 377 14.69 21.45 -37.21
N SER C 378 14.96 21.72 -38.49
CA SER C 378 14.58 23.00 -39.08
C SER C 378 13.07 23.22 -39.02
N ILE C 379 12.30 22.16 -39.27
CA ILE C 379 10.85 22.31 -39.32
C ILE C 379 10.28 22.51 -37.92
N PHE C 380 10.59 21.61 -36.99
CA PHE C 380 9.92 21.56 -35.70
C PHE C 380 10.65 22.29 -34.59
N GLY C 381 11.97 22.43 -34.68
CA GLY C 381 12.72 22.96 -33.57
C GLY C 381 12.90 21.93 -32.47
N ASP C 382 13.04 22.40 -31.23
CA ASP C 382 13.31 21.51 -30.12
C ASP C 382 12.07 20.74 -29.67
N ASP C 383 10.89 21.36 -29.72
CA ASP C 383 9.70 20.81 -29.08
C ASP C 383 8.97 19.87 -30.05
N ALA C 384 9.45 18.63 -30.10
CA ALA C 384 8.83 17.60 -30.92
C ALA C 384 9.48 16.27 -30.58
N PHE C 385 8.77 15.19 -30.90
CA PHE C 385 9.30 13.84 -30.83
C PHE C 385 9.60 13.36 -32.25
N PHE C 386 10.79 12.80 -32.46
CA PHE C 386 11.14 12.14 -33.71
C PHE C 386 11.15 10.64 -33.45
N LEU C 387 10.32 9.91 -34.17
CA LEU C 387 10.20 8.46 -33.99
C LEU C 387 11.00 7.74 -35.08
N PHE C 388 11.81 6.78 -34.66
CA PHE C 388 12.59 5.92 -35.54
C PHE C 388 12.24 4.48 -35.20
N GLY C 389 11.20 3.96 -35.84
CA GLY C 389 10.81 2.58 -35.62
C GLY C 389 11.77 1.62 -36.28
N GLY C 390 11.50 1.27 -37.54
CA GLY C 390 12.46 0.51 -38.31
C GLY C 390 13.79 1.20 -38.48
N GLY C 391 13.82 2.53 -38.34
CA GLY C 391 15.07 3.27 -38.38
C GLY C 391 15.99 2.99 -37.22
N THR C 392 15.52 2.28 -36.21
CA THR C 392 16.35 1.83 -35.09
C THR C 392 16.67 0.35 -35.16
N HIS C 393 15.65 -0.50 -35.36
CA HIS C 393 15.87 -1.93 -35.36
C HIS C 393 16.57 -2.40 -36.64
N GLY C 394 16.40 -1.68 -37.74
CA GLY C 394 16.98 -2.05 -39.01
C GLY C 394 18.43 -1.66 -39.18
N HIS C 395 19.07 -1.11 -38.15
CA HIS C 395 20.48 -0.74 -38.25
C HIS C 395 21.32 -2.00 -38.46
N PRO C 396 22.45 -1.89 -39.18
CA PRO C 396 23.26 -3.08 -39.42
C PRO C 396 23.62 -3.87 -38.17
N ARG C 397 23.89 -3.18 -37.05
CA ARG C 397 24.30 -3.84 -35.82
C ARG C 397 23.17 -3.88 -34.78
N GLY C 398 21.93 -3.67 -35.20
CA GLY C 398 20.79 -3.86 -34.33
C GLY C 398 20.26 -2.57 -33.74
N SER C 399 19.32 -2.75 -32.81
CA SER C 399 18.59 -1.61 -32.25
C SER C 399 19.52 -0.68 -31.49
N ARG C 400 20.44 -1.24 -30.69
CA ARG C 400 21.30 -0.41 -29.86
C ARG C 400 22.11 0.57 -30.71
N ALA C 401 22.80 0.06 -31.73
CA ALA C 401 23.62 0.93 -32.58
C ALA C 401 22.75 1.92 -33.35
N GLY C 402 21.59 1.47 -33.82
CA GLY C 402 20.70 2.38 -34.52
C GLY C 402 20.23 3.53 -33.63
N ALA C 403 19.91 3.22 -32.37
CA ALA C 403 19.52 4.27 -31.43
C ALA C 403 20.64 5.29 -31.26
N THR C 404 21.89 4.82 -31.16
CA THR C 404 23.00 5.73 -30.97
C THR C 404 23.18 6.65 -32.18
N ALA C 405 23.09 6.08 -33.39
CA ALA C 405 23.23 6.91 -34.59
C ALA C 405 22.19 8.02 -34.62
N ASN C 406 20.93 7.68 -34.31
CA ASN C 406 19.87 8.68 -34.34
C ASN C 406 20.08 9.76 -33.28
N ARG C 407 20.43 9.35 -32.06
CA ARG C 407 20.67 10.31 -30.99
C ARG C 407 21.79 11.27 -31.36
N VAL C 408 22.91 10.73 -31.86
CA VAL C 408 24.04 11.58 -32.21
C VAL C 408 23.65 12.56 -33.31
N ALA C 409 22.90 12.08 -34.31
CA ALA C 409 22.50 12.95 -35.41
C ALA C 409 21.69 14.14 -34.92
N VAL C 410 20.73 13.90 -34.02
CA VAL C 410 19.93 14.99 -33.48
C VAL C 410 20.81 15.97 -32.72
N GLU C 411 21.62 15.45 -31.79
CA GLU C 411 22.45 16.32 -30.96
C GLU C 411 23.44 17.11 -31.81
N ALA C 412 24.04 16.47 -32.80
CA ALA C 412 25.01 17.17 -33.65
C ALA C 412 24.34 18.31 -34.41
N VAL C 413 23.14 18.07 -34.95
CA VAL C 413 22.44 19.12 -35.68
C VAL C 413 22.03 20.26 -34.76
N VAL C 414 21.55 19.93 -33.56
CA VAL C 414 21.18 20.98 -32.60
C VAL C 414 22.40 21.82 -32.26
N GLN C 415 23.55 21.18 -32.03
CA GLN C 415 24.76 21.92 -31.72
C GLN C 415 25.10 22.91 -32.84
N ALA C 416 25.07 22.43 -34.09
CA ALA C 416 25.39 23.30 -35.22
C ALA C 416 24.41 24.46 -35.31
N ARG C 417 23.11 24.19 -35.16
CA ARG C 417 22.11 25.25 -35.18
C ARG C 417 22.43 26.30 -34.11
N ASN C 418 22.67 25.86 -32.87
CA ASN C 418 22.94 26.81 -31.79
C ASN C 418 24.21 27.61 -32.06
N GLU C 419 25.18 27.03 -32.77
CA GLU C 419 26.40 27.74 -33.10
C GLU C 419 26.21 28.77 -34.20
N GLY C 420 25.03 28.81 -34.83
CA GLY C 420 24.76 29.75 -35.89
C GLY C 420 24.92 29.23 -37.30
N ARG C 421 25.07 27.92 -37.46
CA ARG C 421 25.23 27.33 -38.79
C ARG C 421 23.87 27.08 -39.43
N ASP C 422 23.84 27.14 -40.76
CA ASP C 422 22.63 26.89 -41.53
C ASP C 422 22.49 25.38 -41.70
N ILE C 423 21.63 24.77 -40.87
CA ILE C 423 21.53 23.31 -40.85
C ILE C 423 20.84 22.74 -42.08
N LEU C 424 20.19 23.58 -42.89
CA LEU C 424 19.63 23.10 -44.15
C LEU C 424 20.69 23.02 -45.23
N ALA C 425 21.43 24.12 -45.43
CA ALA C 425 22.47 24.13 -46.46
C ALA C 425 23.66 23.28 -46.07
N GLU C 426 23.91 23.12 -44.76
CA GLU C 426 25.03 22.34 -44.26
C GLU C 426 24.59 21.04 -43.61
N GLY C 427 23.35 20.63 -43.84
CA GLY C 427 22.86 19.40 -43.21
C GLY C 427 23.74 18.20 -43.49
N ARG C 428 24.08 18.00 -44.77
CA ARG C 428 24.96 16.89 -45.14
C ARG C 428 26.31 17.01 -44.44
N GLU C 429 26.95 18.17 -44.55
CA GLU C 429 28.26 18.36 -43.94
C GLU C 429 28.23 18.14 -42.44
N ILE C 430 27.17 18.61 -41.77
CA ILE C 430 27.07 18.45 -40.32
C ILE C 430 27.04 16.98 -39.95
N LEU C 431 26.21 16.20 -40.65
CA LEU C 431 26.11 14.77 -40.32
C LEU C 431 27.42 14.05 -40.59
N GLU C 432 28.11 14.41 -41.67
CA GLU C 432 29.39 13.76 -41.98
C GLU C 432 30.46 14.14 -40.97
N GLU C 433 30.44 15.38 -40.47
CA GLU C 433 31.34 15.77 -39.39
C GLU C 433 31.10 14.92 -38.16
N ALA C 434 29.84 14.80 -37.74
CA ALA C 434 29.54 14.01 -36.56
C ALA C 434 29.84 12.53 -36.77
N ALA C 435 29.71 12.04 -38.00
CA ALA C 435 29.97 10.64 -38.27
C ALA C 435 31.44 10.27 -38.08
N ARG C 436 32.35 11.24 -38.14
CA ARG C 436 33.77 10.93 -37.99
C ARG C 436 34.10 10.44 -36.59
N SER C 437 33.30 10.81 -35.59
CA SER C 437 33.52 10.40 -34.21
C SER C 437 32.45 9.45 -33.70
N CYS C 438 31.57 8.95 -34.58
CA CYS C 438 30.51 8.05 -34.19
C CYS C 438 30.36 6.96 -35.25
N PRO C 439 30.99 5.80 -35.06
CA PRO C 439 30.87 4.74 -36.07
C PRO C 439 29.42 4.34 -36.36
N GLU C 440 28.57 4.33 -35.34
CA GLU C 440 27.17 3.98 -35.56
C GLU C 440 26.52 4.90 -36.57
N LEU C 441 26.78 6.21 -36.45
CA LEU C 441 26.19 7.16 -37.39
C LEU C 441 26.73 6.95 -38.80
N ARG C 442 28.04 6.74 -38.94
CA ARG C 442 28.62 6.50 -40.25
C ARG C 442 27.97 5.28 -40.91
N GLU C 443 27.76 4.21 -40.14
CA GLU C 443 27.14 3.01 -40.69
C GLU C 443 25.71 3.28 -41.11
N ALA C 444 24.91 3.90 -40.23
CA ALA C 444 23.52 4.15 -40.55
C ALA C 444 23.37 4.98 -41.82
N MET C 445 24.24 5.97 -42.01
CA MET C 445 24.17 6.79 -43.20
C MET C 445 24.46 5.98 -44.46
N GLU C 446 25.32 4.97 -44.36
CA GLU C 446 25.61 4.12 -45.51
C GLU C 446 24.42 3.23 -45.85
N LEU C 447 23.76 2.66 -44.84
CA LEU C 447 22.66 1.75 -45.09
C LEU C 447 21.53 2.44 -45.83
N TRP C 448 20.97 3.50 -45.24
CA TRP C 448 19.90 4.25 -45.87
C TRP C 448 20.44 5.50 -46.56
N MET D 1 27.76 6.45 -17.99
CA MET D 1 26.61 7.35 -17.69
C MET D 1 26.58 8.54 -18.63
N HIS D 2 25.40 8.83 -19.16
CA HIS D 2 25.17 10.00 -20.00
C HIS D 2 24.41 11.07 -19.21
N THR D 3 24.52 12.31 -19.68
CA THR D 3 23.98 13.47 -18.98
C THR D 3 23.12 14.30 -19.92
N GLU D 4 22.31 13.62 -20.72
CA GLU D 4 21.33 14.26 -21.60
C GLU D 4 22.01 15.09 -22.70
N THR D 5 21.54 16.32 -22.93
CA THR D 5 21.82 17.00 -24.19
C THR D 5 23.32 17.20 -24.40
N PHE D 6 23.80 16.74 -25.56
CA PHE D 6 25.18 16.82 -26.04
C PHE D 6 26.08 15.75 -25.43
N SER D 7 25.58 14.91 -24.51
CA SER D 7 26.43 13.91 -23.89
C SER D 7 26.80 12.78 -24.85
N TYR D 8 26.16 12.70 -26.01
CA TYR D 8 26.53 11.71 -27.03
C TYR D 8 27.48 12.28 -28.07
N LEU D 9 27.87 13.53 -27.94
CA LEU D 9 28.92 14.14 -28.74
C LEU D 9 30.21 14.15 -27.95
N PRO D 10 31.35 14.38 -28.60
CA PRO D 10 32.60 14.51 -27.85
C PRO D 10 32.49 15.63 -26.83
N PRO D 11 33.26 15.55 -25.75
CA PRO D 11 33.22 16.60 -24.74
C PRO D 11 33.48 17.97 -25.36
N LEU D 12 32.71 18.95 -24.91
CA LEU D 12 32.76 20.29 -25.50
C LEU D 12 34.01 21.05 -25.03
N THR D 13 34.64 21.72 -25.98
CA THR D 13 35.71 22.65 -25.65
C THR D 13 35.11 23.94 -25.09
N ASP D 14 35.98 24.76 -24.49
CA ASP D 14 35.50 26.03 -23.92
C ASP D 14 34.93 26.94 -25.01
N GLU D 15 35.47 26.88 -26.23
CA GLU D 15 34.91 27.69 -27.30
C GLU D 15 33.55 27.17 -27.75
N GLU D 16 33.36 25.86 -27.74
CA GLU D 16 32.05 25.31 -28.04
C GLU D 16 31.04 25.68 -26.95
N ILE D 17 31.44 25.54 -25.68
CA ILE D 17 30.58 25.95 -24.58
C ILE D 17 30.18 27.41 -24.74
N LYS D 18 31.17 28.26 -25.02
CA LYS D 18 30.91 29.69 -25.15
C LYS D 18 29.87 29.97 -26.23
N LYS D 19 29.94 29.24 -27.35
CA LYS D 19 28.96 29.46 -28.41
C LYS D 19 27.56 29.07 -27.94
N GLN D 20 27.45 28.00 -27.15
CA GLN D 20 26.15 27.65 -26.57
C GLN D 20 25.65 28.77 -25.65
N VAL D 21 26.55 29.36 -24.88
CA VAL D 21 26.17 30.47 -24.01
C VAL D 21 25.73 31.67 -24.84
N GLU D 22 26.42 31.93 -25.96
CA GLU D 22 26.02 33.02 -26.84
C GLU D 22 24.63 32.76 -27.41
N TYR D 23 24.33 31.49 -27.73
CA TYR D 23 23.01 31.14 -28.21
C TYR D 23 21.95 31.42 -27.15
N ILE D 24 22.24 31.11 -25.89
CA ILE D 24 21.32 31.39 -24.81
C ILE D 24 21.07 32.89 -24.71
N LEU D 25 22.14 33.68 -24.70
CA LEU D 25 22.00 35.12 -24.54
C LEU D 25 21.34 35.77 -25.76
N LYS D 26 21.78 35.39 -26.96
CA LYS D 26 21.23 36.00 -28.16
C LYS D 26 19.71 35.88 -28.22
N ASN D 27 19.16 34.79 -27.68
CA ASN D 27 17.72 34.58 -27.66
C ASN D 27 17.05 35.19 -26.43
N GLY D 28 17.79 35.93 -25.62
CA GLY D 28 17.20 36.60 -24.48
C GLY D 28 16.92 35.72 -23.29
N TRP D 29 17.58 34.57 -23.19
CA TRP D 29 17.37 33.65 -22.09
C TRP D 29 18.44 33.86 -21.02
N ILE D 30 18.23 33.23 -19.86
CA ILE D 30 19.06 33.45 -18.68
C ILE D 30 20.01 32.27 -18.54
N PRO D 31 21.32 32.48 -18.68
CA PRO D 31 22.26 31.38 -18.46
C PRO D 31 22.52 31.11 -16.98
N GLY D 32 22.74 29.85 -16.66
CA GLY D 32 23.01 29.44 -15.29
C GLY D 32 24.05 28.34 -15.24
N ILE D 33 24.58 28.12 -14.03
CA ILE D 33 25.60 27.12 -13.80
C ILE D 33 25.19 26.30 -12.60
N GLU D 34 25.20 24.97 -12.75
CA GLU D 34 24.90 24.05 -11.67
C GLU D 34 25.94 22.93 -11.66
N TYR D 35 26.06 22.27 -10.51
CA TYR D 35 27.08 21.24 -10.36
C TYR D 35 26.62 20.21 -9.34
N THR D 36 27.10 18.98 -9.51
CA THR D 36 26.79 17.89 -8.59
C THR D 36 27.84 16.81 -8.73
N ASP D 37 28.04 16.08 -7.65
CA ASP D 37 28.86 14.88 -7.68
C ASP D 37 28.02 13.61 -7.77
N GLU D 38 26.70 13.75 -7.90
CA GLU D 38 25.77 12.62 -7.94
C GLU D 38 24.78 12.80 -9.08
N PRO D 39 25.25 12.83 -10.32
CA PRO D 39 24.33 12.86 -11.46
C PRO D 39 23.59 11.54 -11.58
N GLY D 40 22.43 11.59 -12.24
CA GLY D 40 21.65 10.39 -12.46
C GLY D 40 20.16 10.64 -12.54
N PRO D 41 19.39 9.58 -12.74
CA PRO D 41 17.94 9.74 -12.96
C PRO D 41 17.19 10.24 -11.74
N HIS D 42 17.74 10.08 -10.54
CA HIS D 42 17.04 10.48 -9.32
C HIS D 42 17.37 11.89 -8.86
N ASN D 43 18.28 12.59 -9.56
CA ASN D 43 18.71 13.92 -9.17
C ASN D 43 18.16 14.93 -10.17
N SER D 44 17.15 15.69 -9.76
CA SER D 44 16.58 16.75 -10.57
C SER D 44 16.87 18.14 -10.02
N TYR D 45 17.76 18.25 -9.02
CA TYR D 45 18.11 19.54 -8.40
C TYR D 45 19.61 19.55 -8.11
N TRP D 46 20.41 19.83 -9.14
CA TRP D 46 21.83 20.02 -8.91
C TRP D 46 22.06 21.26 -8.05
N SER D 47 23.27 21.40 -7.54
CA SER D 47 23.61 22.56 -6.73
C SER D 47 23.76 23.80 -7.60
N PHE D 48 23.17 24.90 -7.14
CA PHE D 48 23.37 26.19 -7.80
C PHE D 48 24.78 26.70 -7.57
N TRP D 49 25.43 27.17 -8.64
CA TRP D 49 26.62 28.00 -8.52
C TRP D 49 26.15 29.45 -8.59
N LYS D 50 26.11 30.11 -7.43
CA LYS D 50 25.55 31.46 -7.32
C LYS D 50 24.08 31.37 -7.77
N LEU D 51 23.57 32.41 -8.38
CA LEU D 51 22.23 32.43 -8.94
C LEU D 51 22.29 32.42 -10.46
N PRO D 52 21.17 32.13 -11.14
CA PRO D 52 21.11 32.37 -12.58
C PRO D 52 21.55 33.79 -12.89
N PHE D 53 22.39 33.93 -13.92
CA PHE D 53 23.05 35.20 -14.20
C PHE D 53 22.12 36.09 -15.00
N PHE D 54 21.13 36.65 -14.30
CA PHE D 54 20.17 37.55 -14.94
C PHE D 54 20.84 38.77 -15.53
N ASN D 55 21.94 39.23 -14.93
CA ASN D 55 22.59 40.48 -15.33
C ASN D 55 23.75 40.28 -16.29
N ALA D 56 24.07 39.04 -16.65
CA ALA D 56 25.19 38.80 -17.56
C ALA D 56 24.88 39.41 -18.92
N GLU D 57 25.84 40.16 -19.46
CA GLU D 57 25.69 40.80 -20.76
C GLU D 57 26.53 40.15 -21.85
N THR D 58 27.56 39.38 -21.49
CA THR D 58 28.44 38.74 -22.45
C THR D 58 28.65 37.29 -22.06
N ALA D 59 28.94 36.47 -23.07
CA ALA D 59 29.21 35.06 -22.80
C ALA D 59 30.48 34.89 -21.96
N GLU D 60 31.45 35.78 -22.12
CA GLU D 60 32.70 35.63 -21.38
C GLU D 60 32.48 35.77 -19.88
N GLU D 61 31.55 36.63 -19.46
CA GLU D 61 31.23 36.73 -18.04
C GLU D 61 30.75 35.39 -17.51
N VAL D 62 29.91 34.69 -18.27
CA VAL D 62 29.47 33.36 -17.87
C VAL D 62 30.66 32.40 -17.85
N MET D 63 31.51 32.45 -18.87
CA MET D 63 32.64 31.55 -18.94
C MET D 63 33.58 31.73 -17.76
N GLU D 64 33.74 32.96 -17.27
CA GLU D 64 34.57 33.18 -16.08
C GLU D 64 33.97 32.51 -14.86
N GLU D 65 32.65 32.55 -14.72
CA GLU D 65 32.00 31.85 -13.61
C GLU D 65 32.14 30.34 -13.75
N LEU D 66 32.07 29.83 -14.98
CA LEU D 66 32.28 28.41 -15.20
C LEU D 66 33.67 27.99 -14.75
N GLU D 67 34.70 28.74 -15.15
CA GLU D 67 36.06 28.41 -14.73
C GLU D 67 36.21 28.48 -13.21
N ALA D 68 35.52 29.43 -12.57
CA ALA D 68 35.60 29.52 -11.11
C ALA D 68 34.87 28.35 -10.44
N CYS D 69 33.70 27.98 -10.97
CA CYS D 69 33.02 26.79 -10.47
C CYS D 69 33.85 25.54 -10.72
N ARG D 70 34.47 25.45 -11.90
CA ARG D 70 35.30 24.29 -12.23
C ARG D 70 36.50 24.21 -11.31
N GLU D 71 37.12 25.34 -11.00
CA GLU D 71 38.25 25.34 -10.07
C GLU D 71 37.79 24.98 -8.66
N ALA D 72 36.63 25.48 -8.24
CA ALA D 72 36.16 25.24 -6.88
C ALA D 72 35.66 23.81 -6.69
N ASN D 73 35.11 23.20 -7.74
CA ASN D 73 34.50 21.86 -7.66
C ASN D 73 35.10 20.97 -8.74
N PRO D 74 36.38 20.61 -8.62
CA PRO D 74 37.02 19.81 -9.67
C PRO D 74 36.50 18.39 -9.77
N ASP D 75 35.86 17.86 -8.73
CA ASP D 75 35.37 16.49 -8.70
C ASP D 75 33.87 16.40 -8.95
N CYS D 76 33.28 17.41 -9.59
CA CYS D 76 31.85 17.45 -9.83
C CYS D 76 31.57 17.59 -11.31
N TYR D 77 30.42 17.06 -11.73
CA TYR D 77 29.86 17.42 -13.02
C TYR D 77 29.32 18.84 -12.95
N ILE D 78 29.52 19.60 -14.02
CA ILE D 78 29.10 21.00 -14.09
C ILE D 78 28.38 21.21 -15.40
N LYS D 79 27.18 21.78 -15.33
CA LYS D 79 26.34 21.97 -16.50
C LYS D 79 25.97 23.44 -16.66
N ILE D 80 25.75 23.83 -17.92
CA ILE D 80 25.21 25.14 -18.26
C ILE D 80 23.71 24.98 -18.49
N THR D 81 22.93 25.89 -17.93
CA THR D 81 21.49 25.91 -18.14
C THR D 81 21.10 27.20 -18.85
N GLY D 82 19.98 27.14 -19.56
CA GLY D 82 19.39 28.32 -20.18
C GLY D 82 17.92 28.37 -19.88
N TYR D 83 17.46 29.43 -19.22
CA TYR D 83 16.08 29.52 -18.74
C TYR D 83 15.31 30.59 -19.50
N ASP D 84 14.08 30.24 -19.88
CA ASP D 84 13.16 31.13 -20.59
C ASP D 84 12.01 31.45 -19.64
N ASN D 85 11.99 32.69 -19.13
CA ASN D 85 10.99 33.07 -18.14
C ASN D 85 9.61 33.29 -18.76
N ILE D 86 9.54 33.52 -20.07
CA ILE D 86 8.25 33.60 -20.74
C ILE D 86 7.62 32.21 -20.84
N ARG D 87 8.46 31.20 -21.06
CA ARG D 87 8.03 29.81 -21.11
C ARG D 87 7.93 29.18 -19.73
N GLN D 88 8.59 29.76 -18.73
CA GLN D 88 8.68 29.16 -17.40
C GLN D 88 9.24 27.74 -17.50
N GLY D 89 10.40 27.64 -18.14
CA GLY D 89 11.05 26.35 -18.28
C GLY D 89 12.44 26.46 -18.89
N GLN D 90 13.29 25.49 -18.59
CA GLN D 90 14.60 25.43 -19.20
C GLN D 90 14.48 25.11 -20.67
N VAL D 91 15.22 25.83 -21.51
CA VAL D 91 15.25 25.58 -22.94
C VAL D 91 16.56 24.97 -23.40
N LEU D 92 17.55 24.84 -22.52
CA LEU D 92 18.81 24.19 -22.86
C LEU D 92 19.52 23.84 -21.57
N SER D 93 20.08 22.63 -21.53
CA SER D 93 20.87 22.17 -20.40
C SER D 93 21.87 21.15 -20.91
N PHE D 94 23.15 21.35 -20.61
CA PHE D 94 24.19 20.44 -21.06
C PHE D 94 25.36 20.49 -20.10
N VAL D 95 26.04 19.36 -19.95
CA VAL D 95 27.20 19.27 -19.07
C VAL D 95 28.40 19.88 -19.77
N ALA D 96 29.04 20.85 -19.11
CA ALA D 96 30.21 21.51 -19.66
C ALA D 96 31.52 20.90 -19.18
N TYR D 97 31.53 20.29 -18.00
CA TYR D 97 32.73 19.73 -17.40
C TYR D 97 32.38 18.43 -16.68
N ARG D 98 33.27 17.45 -16.81
CA ARG D 98 33.13 16.16 -16.14
C ARG D 98 34.36 15.90 -15.28
N PRO D 99 34.20 15.31 -14.09
CA PRO D 99 35.38 15.03 -13.26
C PRO D 99 36.22 13.89 -13.81
N THR E 16 -38.06 41.08 28.43
CA THR E 16 -36.88 41.49 29.19
C THR E 16 -35.61 40.82 28.67
N TYR E 17 -34.70 41.63 28.13
CA TYR E 17 -33.42 41.14 27.63
C TYR E 17 -32.22 41.86 28.21
N TYR E 18 -32.42 42.91 29.00
CA TYR E 18 -31.37 43.55 29.78
C TYR E 18 -31.64 43.27 31.26
N ASP E 19 -30.73 42.57 31.91
CA ASP E 19 -30.90 42.13 33.30
C ASP E 19 -29.60 42.31 34.04
N PRO E 20 -29.35 43.50 34.59
CA PRO E 20 -28.08 43.74 35.29
C PRO E 20 -27.91 42.94 36.57
N ASP E 21 -28.97 42.29 37.05
CA ASP E 21 -28.88 41.44 38.23
C ASP E 21 -28.61 39.98 37.90
N TYR E 22 -28.52 39.64 36.62
CA TYR E 22 -28.26 38.25 36.21
C TYR E 22 -26.80 37.91 36.43
N GLU E 23 -26.56 36.77 37.09
CA GLU E 23 -25.22 36.26 37.31
C GLU E 23 -24.91 35.19 36.28
N PRO E 24 -23.92 35.36 35.41
CA PRO E 24 -23.66 34.35 34.38
C PRO E 24 -23.30 33.00 35.00
N LYS E 25 -23.72 31.94 34.33
CA LYS E 25 -23.36 30.58 34.73
C LYS E 25 -22.06 30.16 34.06
N ASP E 26 -21.37 29.21 34.71
CA ASP E 26 -20.16 28.65 34.11
C ASP E 26 -20.45 27.93 32.79
N THR E 27 -21.70 27.58 32.53
CA THR E 27 -22.09 26.97 31.27
C THR E 27 -22.52 28.00 30.22
N ASP E 28 -22.68 29.26 30.61
CA ASP E 28 -23.10 30.28 29.67
C ASP E 28 -21.98 30.61 28.69
N LEU E 29 -22.37 30.92 27.45
CA LEU E 29 -21.49 31.54 26.48
C LEU E 29 -21.65 33.05 26.59
N LEU E 30 -20.53 33.75 26.75
CA LEU E 30 -20.54 35.19 26.99
C LEU E 30 -19.91 35.92 25.82
N CYS E 31 -20.48 37.09 25.51
CA CYS E 31 -19.99 37.93 24.42
C CYS E 31 -19.80 39.36 24.92
N ALA E 32 -18.75 40.01 24.45
CA ALA E 32 -18.50 41.43 24.69
C ALA E 32 -18.63 42.16 23.36
N PHE E 33 -19.71 42.92 23.20
CA PHE E 33 -20.00 43.67 21.99
C PHE E 33 -19.70 45.14 22.22
N ARG E 34 -19.03 45.77 21.26
CA ARG E 34 -18.92 47.23 21.19
C ARG E 34 -20.02 47.71 20.24
N ILE E 35 -20.99 48.45 20.77
CA ILE E 35 -22.20 48.82 20.05
C ILE E 35 -22.15 50.30 19.71
N THR E 36 -22.38 50.63 18.45
CA THR E 36 -22.65 51.99 17.99
C THR E 36 -24.12 52.03 17.59
N PRO E 37 -25.02 52.42 18.48
CA PRO E 37 -26.46 52.35 18.17
C PRO E 37 -26.86 53.41 17.15
N LYS E 38 -27.94 53.12 16.45
CA LYS E 38 -28.60 54.14 15.64
C LYS E 38 -28.89 55.35 16.50
N PRO E 39 -28.71 56.58 15.97
CA PRO E 39 -29.02 57.76 16.78
C PRO E 39 -30.42 57.70 17.36
N GLY E 40 -30.53 58.06 18.64
CA GLY E 40 -31.79 57.97 19.35
C GLY E 40 -32.04 56.62 20.00
N VAL E 41 -31.25 55.61 19.69
CA VAL E 41 -31.38 54.29 20.31
C VAL E 41 -30.40 54.24 21.48
N PRO E 42 -30.86 54.27 22.72
CA PRO E 42 -29.93 54.25 23.85
C PRO E 42 -29.23 52.90 23.97
N MET E 43 -28.07 52.94 24.62
CA MET E 43 -27.21 51.77 24.70
C MET E 43 -27.93 50.58 25.33
N GLU E 44 -28.66 50.83 26.40
CA GLU E 44 -29.36 49.76 27.10
C GLU E 44 -30.33 49.04 26.16
N GLU E 45 -31.06 49.81 25.35
CA GLU E 45 -32.05 49.20 24.45
C GLU E 45 -31.38 48.54 23.25
N ALA E 46 -30.26 49.09 22.77
CA ALA E 46 -29.54 48.45 21.68
C ALA E 46 -28.96 47.11 22.13
N ALA E 47 -28.39 47.06 23.33
CA ALA E 47 -27.86 45.80 23.84
C ALA E 47 -28.98 44.76 23.98
N ALA E 48 -30.13 45.18 24.50
CA ALA E 48 -31.26 44.26 24.61
C ALA E 48 -31.69 43.75 23.24
N ALA E 49 -31.65 44.62 22.23
CA ALA E 49 -32.04 44.21 20.88
C ALA E 49 -31.05 43.20 20.31
N VAL E 50 -29.76 43.40 20.54
CA VAL E 50 -28.76 42.42 20.09
C VAL E 50 -29.01 41.07 20.76
N ALA E 51 -29.26 41.07 22.06
CA ALA E 51 -29.50 39.82 22.78
C ALA E 51 -30.73 39.11 22.22
N ALA E 52 -31.79 39.84 21.92
CA ALA E 52 -33.01 39.22 21.45
C ALA E 52 -32.83 38.62 20.05
N GLU E 53 -32.28 39.41 19.12
CA GLU E 53 -32.12 38.94 17.75
C GLU E 53 -31.09 37.82 17.62
N SER E 54 -30.15 37.72 18.57
CA SER E 54 -29.17 36.65 18.56
C SER E 54 -29.59 35.46 19.39
N SER E 55 -30.81 35.48 19.95
CA SER E 55 -31.35 34.32 20.65
C SER E 55 -32.75 34.02 20.14
N THR E 56 -33.78 34.52 20.82
CA THR E 56 -35.15 34.12 20.56
C THR E 56 -36.02 35.19 19.92
N GLY E 57 -35.90 36.44 20.36
CA GLY E 57 -36.85 37.49 20.04
C GLY E 57 -37.36 37.58 18.61
N THR E 58 -38.55 38.13 18.46
CA THR E 58 -39.17 38.40 17.17
C THR E 58 -39.51 39.89 17.09
N TRP E 59 -40.32 40.27 16.10
CA TRP E 59 -40.74 41.65 15.93
C TRP E 59 -42.23 41.86 16.20
N THR E 60 -43.00 40.80 16.45
CA THR E 60 -44.40 40.93 16.81
C THR E 60 -44.81 39.69 17.58
N GLU E 61 -45.84 39.83 18.41
CA GLU E 61 -46.32 38.72 19.21
C GLU E 61 -46.82 37.60 18.30
N VAL E 62 -46.58 36.36 18.73
CA VAL E 62 -46.93 35.17 17.95
C VAL E 62 -47.62 34.17 18.87
N TRP E 63 -48.64 33.50 18.34
CA TRP E 63 -49.42 32.57 19.16
C TRP E 63 -48.59 31.38 19.61
N SER E 64 -47.65 30.92 18.79
CA SER E 64 -46.87 29.73 19.11
C SER E 64 -45.83 29.99 20.19
N ASN E 65 -45.56 31.25 20.54
CA ASN E 65 -44.66 31.53 21.66
C ASN E 65 -45.24 31.01 22.97
N LEU E 66 -46.56 30.93 23.07
CA LEU E 66 -47.22 30.47 24.29
C LEU E 66 -47.12 28.97 24.51
N LEU E 67 -46.65 28.22 23.51
CA LEU E 67 -46.46 26.79 23.63
C LEU E 67 -45.06 26.42 24.10
N THR E 68 -44.26 27.39 24.51
CA THR E 68 -42.87 27.16 24.89
C THR E 68 -42.57 27.90 26.18
N ASP E 69 -41.34 27.74 26.67
CA ASP E 69 -40.79 28.49 27.79
C ASP E 69 -39.54 29.21 27.27
N LEU E 70 -39.75 30.37 26.67
CA LEU E 70 -38.64 31.09 26.04
C LEU E 70 -37.59 31.51 27.05
N GLU E 71 -37.99 31.70 28.33
CA GLU E 71 -37.04 32.11 29.34
C GLU E 71 -35.83 31.17 29.40
N ARG E 72 -36.02 29.91 29.02
CA ARG E 72 -34.93 28.96 29.01
C ARG E 72 -33.92 29.22 27.90
N TYR E 73 -34.30 29.99 26.88
CA TYR E 73 -33.46 30.20 25.71
C TYR E 73 -33.07 31.65 25.47
N LYS E 74 -33.63 32.60 26.21
CA LYS E 74 -33.30 34.00 26.00
C LYS E 74 -31.84 34.27 26.34
N ALA E 75 -31.19 35.08 25.52
CA ALA E 75 -29.91 35.68 25.88
C ALA E 75 -30.18 36.94 26.67
N ARG E 76 -29.25 37.28 27.55
CA ARG E 76 -29.42 38.41 28.47
C ARG E 76 -28.17 39.27 28.49
N CYS E 77 -28.35 40.57 28.24
CA CYS E 77 -27.30 41.54 28.53
C CYS E 77 -27.30 41.81 30.03
N TYR E 78 -26.21 41.47 30.71
CA TYR E 78 -26.14 41.54 32.15
C TYR E 78 -25.21 42.64 32.66
N ARG E 79 -24.51 43.33 31.77
CA ARG E 79 -23.64 44.43 32.17
C ARG E 79 -23.35 45.30 30.97
N ILE E 80 -23.34 46.62 31.20
CA ILE E 80 -22.97 47.59 30.19
C ILE E 80 -22.00 48.58 30.82
N GLU E 81 -20.88 48.83 30.14
CA GLU E 81 -19.94 49.89 30.52
C GLU E 81 -19.60 50.66 29.26
N GLY E 82 -19.93 51.94 29.25
CA GLY E 82 -19.69 52.74 28.06
C GLY E 82 -20.47 52.17 26.88
N ASP E 83 -19.75 51.89 25.80
CA ASP E 83 -20.34 51.34 24.60
C ASP E 83 -20.11 49.83 24.48
N VAL E 84 -19.80 49.16 25.59
CA VAL E 84 -19.55 47.73 25.62
C VAL E 84 -20.70 47.05 26.35
N ALA E 85 -21.28 46.04 25.72
CA ALA E 85 -22.37 45.26 26.30
C ALA E 85 -21.91 43.82 26.48
N TYR E 86 -22.09 43.29 27.69
CA TYR E 86 -21.82 41.90 28.00
C TYR E 86 -23.13 41.12 27.95
N ILE E 87 -23.15 40.06 27.14
CA ILE E 87 -24.37 39.28 26.89
C ILE E 87 -24.08 37.81 27.15
N ALA E 88 -24.97 37.16 27.89
CA ALA E 88 -24.85 35.75 28.24
C ALA E 88 -25.87 34.93 27.48
N TYR E 89 -25.43 33.80 26.92
CA TYR E 89 -26.27 32.92 26.13
C TYR E 89 -26.33 31.54 26.77
N PRO E 90 -27.50 30.96 26.96
CA PRO E 90 -27.57 29.61 27.55
C PRO E 90 -26.89 28.56 26.69
N LEU E 91 -26.34 27.55 27.35
CA LEU E 91 -25.60 26.50 26.66
C LEU E 91 -26.48 25.78 25.63
N ASP E 92 -27.75 25.57 25.95
CA ASP E 92 -28.64 24.81 25.09
C ASP E 92 -29.04 25.54 23.81
N LEU E 93 -28.59 26.78 23.61
CA LEU E 93 -28.91 27.49 22.37
C LEU E 93 -28.09 27.02 21.18
N PHE E 94 -27.00 26.29 21.40
CA PHE E 94 -25.99 26.06 20.39
C PHE E 94 -25.88 24.59 20.04
N GLU E 95 -25.57 24.32 18.77
CA GLU E 95 -25.32 22.96 18.32
C GLU E 95 -23.92 22.53 18.70
N GLU E 96 -23.81 21.36 19.32
CA GLU E 96 -22.54 20.87 19.81
C GLU E 96 -21.52 20.75 18.67
N GLY E 97 -20.30 21.23 18.92
CA GLY E 97 -19.21 21.03 18.00
C GLY E 97 -19.29 21.78 16.69
N SER E 98 -20.14 22.80 16.60
CA SER E 98 -20.38 23.52 15.35
C SER E 98 -20.05 24.99 15.53
N ILE E 99 -18.86 25.40 15.09
CA ILE E 99 -18.55 26.83 15.02
C ILE E 99 -19.51 27.52 14.06
N VAL E 100 -19.94 26.82 13.01
CA VAL E 100 -20.89 27.39 12.06
C VAL E 100 -22.14 27.86 12.78
N ASN E 101 -22.63 27.06 13.73
CA ASN E 101 -23.83 27.45 14.46
C ASN E 101 -23.58 28.67 15.34
N ILE E 102 -22.41 28.73 15.99
CA ILE E 102 -22.08 29.91 16.80
C ILE E 102 -22.18 31.17 15.95
N MET E 103 -21.54 31.16 14.79
CA MET E 103 -21.55 32.33 13.93
C MET E 103 -22.96 32.67 13.49
N SER E 104 -23.75 31.66 13.11
CA SER E 104 -25.11 31.92 12.65
C SER E 104 -25.93 32.61 13.72
N SER E 105 -25.71 32.28 14.99
CA SER E 105 -26.46 32.91 16.08
C SER E 105 -25.81 34.22 16.51
N ILE E 106 -24.51 34.20 16.80
CA ILE E 106 -23.89 35.34 17.45
C ILE E 106 -23.61 36.47 16.46
N VAL E 107 -23.26 36.15 15.22
CA VAL E 107 -22.94 37.16 14.22
C VAL E 107 -23.76 36.97 12.96
N GLY E 108 -24.95 36.39 13.10
CA GLY E 108 -25.76 36.04 11.95
C GLY E 108 -26.60 37.16 11.39
N ASN E 109 -27.31 37.89 12.25
CA ASN E 109 -28.18 38.98 11.82
C ASN E 109 -28.00 40.27 12.60
N VAL E 110 -27.46 40.23 13.82
CA VAL E 110 -27.39 41.42 14.65
C VAL E 110 -26.45 42.48 14.12
N PHE E 111 -25.60 42.16 13.14
CA PHE E 111 -24.71 43.16 12.56
C PHE E 111 -25.38 43.99 11.47
N GLY E 112 -26.50 43.51 10.93
CA GLY E 112 -27.23 44.26 9.92
C GLY E 112 -28.52 44.87 10.44
N PHE E 113 -28.82 44.62 11.72
CA PHE E 113 -30.03 45.13 12.34
C PHE E 113 -30.08 46.66 12.24
N LYS E 114 -31.30 47.19 12.10
CA LYS E 114 -31.46 48.62 11.86
C LYS E 114 -31.08 49.46 13.07
N ALA E 115 -31.33 48.96 14.27
CA ALA E 115 -31.14 49.77 15.48
C ALA E 115 -29.68 49.94 15.87
N VAL E 116 -28.74 49.28 15.19
CA VAL E 116 -27.32 49.48 15.41
C VAL E 116 -26.69 49.99 14.12
N GLN E 117 -25.86 51.01 14.23
CA GLN E 117 -25.13 51.54 13.09
C GLN E 117 -23.82 50.80 12.85
N ALA E 118 -23.20 50.30 13.92
CA ALA E 118 -21.98 49.50 13.81
C ALA E 118 -21.92 48.59 15.04
N LEU E 119 -21.21 47.48 14.88
CA LEU E 119 -21.15 46.46 15.93
C LEU E 119 -19.87 45.68 15.77
N ARG E 120 -19.12 45.52 16.87
CA ARG E 120 -17.91 44.71 16.87
C ARG E 120 -17.95 43.73 18.02
N LEU E 121 -17.79 42.44 17.71
CA LEU E 121 -17.61 41.41 18.72
C LEU E 121 -16.16 41.42 19.17
N GLU E 122 -15.93 41.87 20.42
CA GLU E 122 -14.58 42.02 20.93
C GLU E 122 -14.01 40.74 21.50
N ASP E 123 -14.83 39.94 22.18
CA ASP E 123 -14.34 38.75 22.86
C ASP E 123 -15.53 37.84 23.14
N MET E 124 -15.22 36.59 23.45
CA MET E 124 -16.25 35.59 23.71
C MET E 124 -15.69 34.60 24.73
N ARG E 125 -16.47 34.31 25.75
CA ARG E 125 -16.12 33.31 26.77
C ARG E 125 -16.77 32.01 26.36
N ILE E 126 -15.97 31.09 25.82
CA ILE E 126 -16.46 29.76 25.47
C ILE E 126 -16.50 28.92 26.75
N PRO E 127 -17.67 28.48 27.22
CA PRO E 127 -17.70 27.69 28.45
C PRO E 127 -17.09 26.32 28.24
N VAL E 128 -16.51 25.79 29.32
CA VAL E 128 -15.83 24.50 29.24
C VAL E 128 -16.78 23.42 28.72
N ALA E 129 -18.05 23.49 29.11
CA ALA E 129 -18.99 22.45 28.71
C ALA E 129 -19.25 22.47 27.21
N TYR E 130 -19.08 23.62 26.57
CA TYR E 130 -19.19 23.68 25.11
C TYR E 130 -17.88 23.33 24.42
N LEU E 131 -16.74 23.67 25.04
CA LEU E 131 -15.45 23.33 24.46
C LEU E 131 -15.27 21.82 24.33
N LYS E 132 -15.80 21.06 25.29
CA LYS E 132 -15.62 19.61 25.27
C LYS E 132 -16.32 18.94 24.09
N THR E 133 -17.18 19.65 23.36
CA THR E 133 -17.79 19.11 22.17
C THR E 133 -16.94 19.32 20.93
N PHE E 134 -15.74 19.90 21.07
CA PHE E 134 -14.82 20.14 19.98
C PHE E 134 -13.54 19.34 20.17
N PRO E 135 -12.88 18.94 19.08
CA PRO E 135 -11.68 18.09 19.23
C PRO E 135 -10.39 18.88 19.43
N GLY E 136 -10.38 20.14 19.01
CA GLY E 136 -9.18 20.94 19.08
C GLY E 136 -8.18 20.53 18.01
N PRO E 137 -6.96 21.08 18.10
CA PRO E 137 -5.94 20.82 17.07
C PRO E 137 -5.70 19.32 16.89
N PRO E 138 -5.45 18.88 15.65
CA PRO E 138 -5.17 17.45 15.45
C PRO E 138 -3.80 17.04 15.97
N THR E 139 -2.83 17.95 15.99
CA THR E 139 -1.49 17.63 16.46
C THR E 139 -1.14 18.39 17.74
N GLY E 140 -1.09 19.72 17.70
CA GLY E 140 -0.75 20.50 18.86
C GLY E 140 0.75 20.75 18.96
N ILE E 141 1.09 21.82 19.72
CA ILE E 141 2.48 22.27 19.78
C ILE E 141 3.38 21.14 20.25
N GLN E 142 3.03 20.49 21.36
CA GLN E 142 3.93 19.51 21.95
C GLN E 142 4.16 18.34 20.99
N VAL E 143 3.08 17.75 20.49
CA VAL E 143 3.23 16.60 19.59
C VAL E 143 3.93 17.03 18.30
N GLU E 144 3.68 18.25 17.84
CA GLU E 144 4.32 18.73 16.62
C GLU E 144 5.83 18.85 16.81
N ARG E 145 6.25 19.45 17.93
CA ARG E 145 7.68 19.51 18.21
C ARG E 145 8.28 18.12 18.31
N ASP E 146 7.54 17.17 18.88
CA ASP E 146 8.00 15.79 18.91
C ASP E 146 8.14 15.23 17.50
N ARG E 147 7.14 15.47 16.65
CA ARG E 147 7.22 14.96 15.28
C ARG E 147 8.37 15.58 14.51
N LEU E 148 8.72 16.83 14.81
CA LEU E 148 9.83 17.50 14.15
C LEU E 148 11.17 17.29 14.86
N ASN E 149 11.15 16.90 16.13
CA ASN E 149 12.37 16.82 16.94
C ASN E 149 13.07 18.17 16.99
N LYS E 150 12.31 19.21 17.32
CA LYS E 150 12.82 20.58 17.40
C LYS E 150 12.34 21.19 18.70
N TYR E 151 13.28 21.53 19.58
CA TYR E 151 12.95 22.07 20.88
C TYR E 151 13.88 23.24 21.20
N GLY E 152 13.34 24.29 21.80
CA GLY E 152 14.13 25.34 22.39
C GLY E 152 14.31 26.60 21.58
N ARG E 153 13.57 26.78 20.49
CA ARG E 153 13.71 27.98 19.67
C ARG E 153 12.44 28.15 18.85
N PRO E 154 12.12 29.37 18.43
CA PRO E 154 11.10 29.55 17.40
C PRO E 154 11.48 28.81 16.14
N LEU E 155 10.48 28.36 15.40
CA LEU E 155 10.69 27.61 14.18
C LEU E 155 10.65 28.54 12.98
N LEU E 156 11.44 28.20 11.97
CA LEU E 156 11.67 29.08 10.82
C LEU E 156 10.85 28.62 9.62
N GLY E 157 10.22 29.58 8.94
CA GLY E 157 9.47 29.30 7.75
C GLY E 157 9.53 30.43 6.75
N GLY E 158 8.75 30.34 5.67
CA GLY E 158 8.74 31.38 4.67
C GLY E 158 7.87 31.04 3.49
N THR E 159 7.14 32.04 2.99
CA THR E 159 6.30 31.86 1.81
C THR E 159 7.14 31.97 0.55
N ILE E 160 6.90 31.05 -0.39
CA ILE E 160 7.60 31.09 -1.67
C ILE E 160 7.08 32.26 -2.49
N LYS E 161 7.99 33.03 -3.08
CA LYS E 161 7.65 34.16 -3.92
C LYS E 161 8.30 33.99 -5.29
N PRO E 162 7.73 34.58 -6.36
CA PRO E 162 6.48 35.34 -6.45
C PRO E 162 5.26 34.58 -5.93
N LYS E 163 4.26 35.30 -5.42
CA LYS E 163 3.04 34.63 -4.95
C LYS E 163 2.55 33.64 -5.99
N LEU E 164 2.49 34.08 -7.24
CA LEU E 164 2.01 33.27 -8.34
C LEU E 164 2.95 33.47 -9.53
N GLY E 165 2.96 32.49 -10.43
CA GLY E 165 3.67 32.60 -11.70
C GLY E 165 4.79 31.60 -11.89
N LEU E 166 5.27 30.95 -10.83
CA LEU E 166 6.34 29.98 -10.95
C LEU E 166 5.79 28.63 -11.40
N SER E 167 6.54 27.95 -12.27
CA SER E 167 6.22 26.58 -12.61
C SER E 167 6.42 25.69 -11.39
N ALA E 168 5.81 24.50 -11.45
CA ALA E 168 5.95 23.56 -10.34
C ALA E 168 7.41 23.22 -10.07
N LYS E 169 8.19 22.98 -11.12
CA LYS E 169 9.57 22.55 -10.90
C LYS E 169 10.43 23.69 -10.37
N GLU E 170 10.29 24.89 -10.94
CA GLU E 170 11.04 26.03 -10.44
C GLU E 170 10.55 26.43 -9.05
N TYR E 171 9.25 26.27 -8.79
CA TYR E 171 8.73 26.53 -7.44
C TYR E 171 9.47 25.68 -6.41
N ALA E 172 9.66 24.40 -6.69
CA ALA E 172 10.32 23.51 -5.74
C ALA E 172 11.82 23.76 -5.65
N ARG E 173 12.42 24.32 -6.69
CA ARG E 173 13.81 24.77 -6.58
C ARG E 173 13.97 25.79 -5.46
N VAL E 174 13.06 26.76 -5.39
CA VAL E 174 13.13 27.76 -4.33
C VAL E 174 12.92 27.09 -2.98
N VAL E 175 11.96 26.16 -2.90
CA VAL E 175 11.76 25.41 -1.66
C VAL E 175 13.05 24.73 -1.25
N TYR E 176 13.71 24.07 -2.20
CA TYR E 176 14.95 23.36 -1.90
C TYR E 176 16.00 24.30 -1.31
N GLU E 177 16.21 25.44 -1.97
CA GLU E 177 17.21 26.39 -1.50
C GLU E 177 16.90 26.90 -0.10
N CYS E 178 15.62 27.20 0.17
CA CYS E 178 15.22 27.66 1.50
C CYS E 178 15.51 26.61 2.56
N LEU E 179 14.97 25.41 2.37
CA LEU E 179 15.05 24.38 3.40
C LEU E 179 16.49 23.97 3.67
N ARG E 180 17.28 23.78 2.62
CA ARG E 180 18.66 23.36 2.83
C ARG E 180 19.50 24.46 3.47
N GLY E 181 19.04 25.71 3.40
CA GLY E 181 19.76 26.82 4.02
C GLY E 181 19.46 27.05 5.48
N GLY E 182 18.47 26.36 6.05
CA GLY E 182 18.24 26.43 7.47
C GLY E 182 16.80 26.67 7.88
N LEU E 183 15.92 27.00 6.94
CA LEU E 183 14.50 27.09 7.27
C LEU E 183 13.98 25.70 7.64
N ASP E 184 13.09 25.67 8.63
CA ASP E 184 12.43 24.41 8.99
C ASP E 184 11.32 24.08 8.00
N THR E 185 10.59 25.10 7.52
CA THR E 185 9.47 24.90 6.63
C THR E 185 9.46 25.97 5.55
N THR E 186 8.62 25.74 4.55
CA THR E 186 8.27 26.72 3.53
C THR E 186 6.77 26.54 3.29
N KCX E 187 6.13 27.46 2.58
CA KCX E 187 4.68 27.33 2.36
CB KCX E 187 3.87 28.02 3.48
CG KCX E 187 4.10 29.55 3.44
CD KCX E 187 3.40 30.25 4.61
CE KCX E 187 1.87 30.27 4.42
NZ KCX E 187 1.53 31.00 3.23
C KCX E 187 4.20 27.89 1.02
O KCX E 187 4.88 28.86 0.54
CX KCX E 187 1.25 32.38 3.26
OQ1 KCX E 187 0.97 32.83 2.09
OQ2 KCX E 187 1.28 33.00 4.30
N ASP E 188 3.13 27.33 0.46
CA ASP E 188 2.42 27.93 -0.66
C ASP E 188 1.78 29.24 -0.21
N ASP E 189 1.74 30.24 -1.09
CA ASP E 189 0.98 31.43 -0.78
C ASP E 189 -0.50 31.07 -0.65
N GLU E 190 -1.22 31.89 0.12
CA GLU E 190 -2.63 31.59 0.39
C GLU E 190 -3.43 31.48 -0.90
N ASN E 191 -3.05 32.23 -1.93
CA ASN E 191 -3.80 32.24 -3.18
C ASN E 191 -3.27 31.25 -4.21
N LEU E 192 -2.21 30.52 -3.88
CA LEU E 192 -1.70 29.47 -4.77
C LEU E 192 -2.45 28.18 -4.44
N ASN E 193 -3.34 27.78 -5.35
CA ASN E 193 -4.08 26.54 -5.18
C ASN E 193 -3.77 25.61 -6.34
N SER E 194 -4.53 25.71 -7.43
CA SER E 194 -4.23 25.00 -8.67
C SER E 194 -4.62 25.90 -9.83
N GLN E 195 -3.63 26.35 -10.59
CA GLN E 195 -3.81 27.33 -11.64
C GLN E 195 -3.08 26.90 -12.91
N PRO E 196 -3.41 27.50 -14.05
CA PRO E 196 -2.80 27.07 -15.32
C PRO E 196 -1.27 27.03 -15.30
N PHE E 197 -0.63 28.01 -14.68
CA PHE E 197 0.82 28.08 -14.62
C PHE E 197 1.43 27.12 -13.62
N ASN E 198 0.62 26.51 -12.76
CA ASN E 198 1.13 25.69 -11.66
C ASN E 198 0.01 24.84 -11.09
N ARG E 199 -0.19 23.64 -11.64
CA ARG E 199 -1.23 22.73 -11.15
C ARG E 199 -0.76 22.02 -9.89
N TRP E 200 -1.72 21.67 -9.03
CA TRP E 200 -1.37 21.26 -7.67
C TRP E 200 -0.65 19.91 -7.64
N ARG E 201 -1.07 18.96 -8.48
CA ARG E 201 -0.39 17.67 -8.48
C ARG E 201 1.07 17.82 -8.88
N ASP E 202 1.35 18.63 -9.90
CA ASP E 202 2.73 18.89 -10.29
C ASP E 202 3.52 19.50 -9.13
N ARG E 203 2.94 20.51 -8.49
CA ARG E 203 3.62 21.18 -7.39
C ARG E 203 3.87 20.23 -6.23
N PHE E 204 2.83 19.48 -5.82
CA PHE E 204 2.97 18.60 -4.68
C PHE E 204 4.10 17.60 -4.88
N LEU E 205 4.21 17.01 -6.07
CA LEU E 205 5.26 16.04 -6.33
C LEU E 205 6.64 16.69 -6.26
N TYR E 206 6.85 17.78 -7.00
CA TYR E 206 8.17 18.38 -7.06
C TYR E 206 8.58 18.94 -5.70
N VAL E 207 7.65 19.55 -4.98
CA VAL E 207 7.96 20.11 -3.66
C VAL E 207 8.47 19.01 -2.73
N MET E 208 7.79 17.85 -2.72
CA MET E 208 8.19 16.80 -1.79
C MET E 208 9.54 16.19 -2.17
N GLU E 209 9.89 16.16 -3.46
CA GLU E 209 11.24 15.80 -3.83
C GLU E 209 12.25 16.75 -3.20
N ALA E 210 11.94 18.05 -3.20
CA ALA E 210 12.85 19.04 -2.61
C ALA E 210 12.90 18.88 -1.10
N VAL E 211 11.77 18.63 -0.46
CA VAL E 211 11.74 18.48 0.99
C VAL E 211 12.60 17.30 1.41
N ARG E 212 12.41 16.14 0.78
CA ARG E 212 13.22 14.98 1.11
C ARG E 212 14.69 15.25 0.88
N LYS E 213 15.02 15.96 -0.21
CA LYS E 213 16.41 16.22 -0.53
C LYS E 213 17.05 17.11 0.52
N ALA E 214 16.37 18.18 0.93
CA ALA E 214 16.93 19.08 1.93
C ALA E 214 17.03 18.41 3.29
N GLU E 215 16.08 17.52 3.61
CA GLU E 215 16.13 16.83 4.89
C GLU E 215 17.33 15.91 4.98
N ALA E 216 17.63 15.17 3.90
CA ALA E 216 18.76 14.25 3.90
C ALA E 216 20.08 14.99 3.96
N GLU E 217 20.16 16.14 3.30
CA GLU E 217 21.43 16.87 3.21
C GLU E 217 21.74 17.64 4.49
N THR E 218 20.72 18.11 5.21
CA THR E 218 20.95 18.88 6.42
C THR E 218 20.91 18.04 7.68
N GLY E 219 20.21 16.91 7.67
CA GLY E 219 20.03 16.10 8.86
C GLY E 219 18.93 16.55 9.78
N GLU E 220 18.18 17.58 9.40
CA GLU E 220 17.06 18.08 10.19
C GLU E 220 15.75 17.82 9.44
N ARG E 221 14.70 17.51 10.18
CA ARG E 221 13.41 17.23 9.56
C ARG E 221 12.81 18.50 8.99
N LYS E 222 12.26 18.38 7.78
CA LYS E 222 11.75 19.51 7.02
C LYS E 222 10.27 19.31 6.70
N GLY E 223 9.65 20.37 6.22
CA GLY E 223 8.25 20.31 5.81
C GLY E 223 7.92 21.46 4.89
N HIS E 224 6.89 21.25 4.08
CA HIS E 224 6.32 22.30 3.25
C HIS E 224 4.82 22.32 3.45
N TRP E 225 4.26 23.51 3.68
CA TRP E 225 2.83 23.66 3.92
C TRP E 225 2.14 23.71 2.56
N LEU E 226 1.76 22.53 2.08
CA LEU E 226 1.09 22.38 0.78
C LEU E 226 -0.37 22.83 0.90
N ASN E 227 -0.75 23.81 0.10
CA ASN E 227 -2.07 24.42 0.19
C ASN E 227 -3.09 23.50 -0.49
N VAL E 228 -4.01 22.94 0.30
CA VAL E 228 -5.10 22.14 -0.26
C VAL E 228 -6.36 22.97 -0.50
N THR E 229 -6.33 24.26 -0.19
CA THR E 229 -7.49 25.12 -0.41
C THR E 229 -7.98 24.98 -1.85
N ALA E 230 -9.28 24.76 -1.98
CA ALA E 230 -9.88 24.53 -3.30
C ALA E 230 -11.34 24.98 -3.26
N GLY E 231 -12.03 24.80 -4.38
CA GLY E 231 -13.38 25.32 -4.54
C GLY E 231 -14.46 24.51 -3.84
N SER E 232 -14.17 23.26 -3.49
CA SER E 232 -15.14 22.42 -2.80
C SER E 232 -14.42 21.58 -1.76
N THR E 233 -15.19 21.14 -0.76
CA THR E 233 -14.62 20.28 0.27
C THR E 233 -14.03 19.01 -0.33
N GLU E 234 -14.77 18.37 -1.25
CA GLU E 234 -14.29 17.12 -1.84
C GLU E 234 -12.93 17.31 -2.50
N GLU E 235 -12.73 18.43 -3.20
CA GLU E 235 -11.45 18.67 -3.86
C GLU E 235 -10.34 18.88 -2.83
N MET E 236 -10.64 19.59 -1.75
CA MET E 236 -9.63 19.79 -0.70
C MET E 236 -9.23 18.47 -0.07
N LEU E 237 -10.20 17.59 0.18
CA LEU E 237 -9.88 16.29 0.76
C LEU E 237 -9.02 15.47 -0.20
N LYS E 238 -9.31 15.55 -1.50
CA LYS E 238 -8.51 14.85 -2.49
C LYS E 238 -7.05 15.32 -2.43
N ARG E 239 -6.85 16.64 -2.35
CA ARG E 239 -5.48 17.16 -2.30
C ARG E 239 -4.79 16.79 -0.99
N ALA E 240 -5.55 16.71 0.11
CA ALA E 240 -4.96 16.25 1.36
C ALA E 240 -4.53 14.79 1.25
N GLU E 241 -5.35 13.95 0.62
CA GLU E 241 -4.99 12.56 0.42
C GLU E 241 -3.67 12.43 -0.34
N PHE E 242 -3.51 13.19 -1.42
CA PHE E 242 -2.30 13.09 -2.22
C PHE E 242 -1.08 13.57 -1.43
N ALA E 243 -1.22 14.63 -0.65
CA ALA E 243 -0.12 15.08 0.20
C ALA E 243 0.31 13.97 1.16
N ALA E 244 -0.65 13.27 1.75
CA ALA E 244 -0.32 12.18 2.67
C ALA E 244 0.33 11.01 1.93
N GLU E 245 -0.14 10.71 0.72
CA GLU E 245 0.47 9.64 -0.06
C GLU E 245 1.93 9.94 -0.38
N LEU E 246 2.28 11.22 -0.51
CA LEU E 246 3.65 11.62 -0.76
C LEU E 246 4.49 11.68 0.52
N GLY E 247 3.90 11.42 1.67
CA GLY E 247 4.62 11.46 2.93
C GLY E 247 4.81 12.85 3.50
N SER E 248 4.10 13.85 2.99
CA SER E 248 4.22 15.19 3.53
C SER E 248 3.79 15.22 4.99
N ARG E 249 4.54 15.96 5.81
CA ARG E 249 4.16 16.15 7.20
C ARG E 249 3.07 17.20 7.36
N TYR E 250 2.82 18.02 6.35
CA TYR E 250 1.96 19.18 6.48
C TYR E 250 1.01 19.30 5.30
N ILE E 251 -0.16 19.88 5.57
CA ILE E 251 -0.97 20.54 4.57
C ILE E 251 -1.37 21.91 5.12
N MET E 252 -1.93 22.74 4.25
CA MET E 252 -2.31 24.11 4.57
C MET E 252 -3.71 24.36 4.05
N VAL E 253 -4.48 25.16 4.79
CA VAL E 253 -5.83 25.54 4.38
C VAL E 253 -6.09 26.99 4.79
N ASP E 254 -6.73 27.73 3.88
CA ASP E 254 -7.26 29.07 4.19
C ASP E 254 -8.63 28.86 4.82
N PHE E 255 -8.67 28.83 6.17
CA PHE E 255 -9.87 28.32 6.83
C PHE E 255 -11.04 29.30 6.76
N LEU E 256 -10.78 30.60 6.55
CA LEU E 256 -11.88 31.56 6.43
C LEU E 256 -12.42 31.63 5.00
N THR E 257 -11.55 31.67 3.99
CA THR E 257 -12.04 31.71 2.61
C THR E 257 -12.68 30.39 2.22
N ALA E 258 -12.08 29.26 2.62
CA ALA E 258 -12.73 27.97 2.42
C ALA E 258 -13.96 27.84 3.30
N GLY E 259 -13.91 28.35 4.53
CA GLY E 259 -15.03 28.34 5.42
C GLY E 259 -14.90 27.29 6.51
N PHE E 260 -15.64 27.51 7.60
CA PHE E 260 -15.48 26.67 8.78
C PHE E 260 -16.04 25.27 8.59
N ALA E 261 -17.09 25.12 7.80
CA ALA E 261 -17.67 23.78 7.59
C ALA E 261 -16.69 22.90 6.81
N ALA E 262 -16.13 23.42 5.72
CA ALA E 262 -15.14 22.65 4.97
C ALA E 262 -13.83 22.55 5.76
N PHE E 263 -13.51 23.56 6.55
CA PHE E 263 -12.32 23.50 7.40
C PHE E 263 -12.41 22.34 8.38
N ALA E 264 -13.58 22.17 9.02
CA ALA E 264 -13.76 21.05 9.94
C ALA E 264 -13.58 19.72 9.22
N SER E 265 -14.11 19.61 8.00
CA SER E 265 -13.94 18.37 7.24
C SER E 265 -12.46 18.09 6.97
N VAL E 266 -11.70 19.13 6.61
CA VAL E 266 -10.28 18.94 6.31
C VAL E 266 -9.52 18.60 7.58
N ARG E 267 -9.88 19.21 8.70
CA ARG E 267 -9.18 18.94 9.95
C ARG E 267 -9.37 17.49 10.38
N ARG E 268 -10.61 16.97 10.28
CA ARG E 268 -10.85 15.58 10.60
C ARG E 268 -10.00 14.66 9.72
N ARG E 269 -9.99 14.90 8.41
CA ARG E 269 -9.20 14.07 7.51
C ARG E 269 -7.71 14.19 7.83
N ALA E 270 -7.26 15.39 8.17
CA ALA E 270 -5.84 15.59 8.48
C ALA E 270 -5.41 14.68 9.62
N GLU E 271 -6.19 14.63 10.70
CA GLU E 271 -5.86 13.76 11.81
C GLU E 271 -5.87 12.30 11.39
N GLU E 272 -6.87 11.90 10.59
CA GLU E 272 -6.93 10.52 10.14
C GLU E 272 -5.69 10.14 9.34
N LEU E 273 -5.21 11.05 8.50
CA LEU E 273 -4.06 10.79 7.64
C LEU E 273 -2.72 11.06 8.33
N GLY E 274 -2.74 11.61 9.54
CA GLY E 274 -1.50 11.95 10.22
C GLY E 274 -0.86 13.24 9.74
N LEU E 275 -1.62 14.11 9.10
CA LEU E 275 -1.11 15.38 8.58
C LEU E 275 -1.24 16.48 9.62
N MET E 276 -0.19 17.29 9.74
CA MET E 276 -0.27 18.51 10.53
C MET E 276 -0.86 19.62 9.66
N LEU E 277 -1.62 20.51 10.29
CA LEU E 277 -2.52 21.42 9.58
C LEU E 277 -2.16 22.87 9.85
N HIS E 278 -1.56 23.53 8.86
CA HIS E 278 -1.30 24.96 8.94
C HIS E 278 -2.54 25.71 8.45
N CYS E 279 -2.92 26.76 9.18
CA CYS E 279 -4.15 27.50 8.89
C CYS E 279 -3.81 28.95 8.58
N HIS E 280 -4.15 29.38 7.36
CA HIS E 280 -3.96 30.75 6.92
C HIS E 280 -5.26 31.53 7.12
N ARG E 281 -5.16 32.73 7.68
CA ARG E 281 -6.33 33.53 8.03
C ARG E 281 -6.73 34.51 6.92
N ALA E 282 -6.51 34.16 5.67
CA ALA E 282 -6.88 35.04 4.56
C ALA E 282 -8.34 35.47 4.70
N MET E 283 -8.58 36.76 4.47
CA MET E 283 -9.87 37.45 4.53
C MET E 283 -10.16 38.02 5.91
N HIS E 284 -9.38 37.66 6.94
CA HIS E 284 -9.69 38.10 8.29
C HIS E 284 -9.76 39.62 8.39
N ALA E 285 -8.86 40.33 7.70
CA ALA E 285 -8.81 41.77 7.83
C ALA E 285 -10.02 42.46 7.21
N VAL E 286 -10.81 41.74 6.42
CA VAL E 286 -12.05 42.31 5.89
C VAL E 286 -12.98 42.73 7.03
N PHE E 287 -12.90 42.04 8.17
CA PHE E 287 -13.83 42.31 9.25
C PHE E 287 -13.24 42.31 10.66
N ASP E 288 -11.93 42.11 10.82
CA ASP E 288 -11.32 42.16 12.15
C ASP E 288 -10.43 43.38 12.34
N ARG E 289 -10.36 44.26 11.35
CA ARG E 289 -9.43 45.40 11.38
C ARG E 289 -10.03 46.61 12.09
N GLN E 290 -11.19 47.07 11.64
CA GLN E 290 -11.68 48.37 12.11
C GLN E 290 -12.24 48.24 13.54
N PRO E 291 -11.94 49.21 14.41
CA PRO E 291 -12.34 49.08 15.82
C PRO E 291 -13.83 49.28 16.06
N ASN E 292 -14.61 49.70 15.06
CA ASN E 292 -16.02 49.98 15.27
C ASN E 292 -16.94 48.89 14.75
N HIS E 293 -16.47 48.00 13.88
CA HIS E 293 -17.35 47.02 13.26
C HIS E 293 -16.59 45.74 12.92
N GLY E 294 -17.21 44.61 13.21
CA GLY E 294 -16.71 43.32 12.78
C GLY E 294 -16.51 42.35 13.93
N ILE E 295 -15.51 41.50 13.80
CA ILE E 295 -15.18 40.47 14.78
C ILE E 295 -13.67 40.55 15.06
N HIS E 296 -13.31 40.80 16.31
CA HIS E 296 -11.90 40.87 16.67
C HIS E 296 -11.21 39.54 16.40
N PHE E 297 -9.95 39.60 15.97
CA PHE E 297 -9.27 38.37 15.61
C PHE E 297 -9.15 37.40 16.79
N ARG E 298 -9.09 37.92 18.02
CA ARG E 298 -8.97 37.03 19.16
C ARG E 298 -10.15 36.07 19.23
N VAL E 299 -11.32 36.50 18.81
CA VAL E 299 -12.47 35.59 18.71
C VAL E 299 -12.22 34.55 17.63
N LEU E 300 -11.76 34.99 16.45
CA LEU E 300 -11.44 34.06 15.38
C LEU E 300 -10.38 33.06 15.84
N ALA E 301 -9.43 33.50 16.67
CA ALA E 301 -8.39 32.60 17.16
C ALA E 301 -8.97 31.53 18.07
N LYS E 302 -9.93 31.90 18.92
CA LYS E 302 -10.59 30.90 19.76
C LYS E 302 -11.31 29.86 18.91
N TRP E 303 -12.12 30.32 17.95
CA TRP E 303 -12.80 29.41 17.05
C TRP E 303 -11.80 28.51 16.32
N LEU E 304 -10.67 29.09 15.89
CA LEU E 304 -9.66 28.30 15.20
C LEU E 304 -9.14 27.18 16.09
N ARG E 305 -8.80 27.50 17.34
CA ARG E 305 -8.28 26.47 18.23
C ARG E 305 -9.33 25.41 18.55
N MET E 306 -10.61 25.79 18.58
CA MET E 306 -11.66 24.83 18.88
C MET E 306 -11.81 23.81 17.77
N VAL E 307 -11.94 24.27 16.51
CA VAL E 307 -12.08 23.34 15.39
C VAL E 307 -10.85 22.45 15.31
N GLY E 308 -9.67 23.06 15.38
CA GLY E 308 -8.43 22.32 15.36
C GLY E 308 -7.48 22.71 14.24
N GLY E 309 -6.75 23.80 14.44
CA GLY E 309 -5.62 24.15 13.61
C GLY E 309 -4.34 23.92 14.41
N ASP E 310 -3.29 23.49 13.73
CA ASP E 310 -2.00 23.32 14.40
C ASP E 310 -1.20 24.61 14.45
N HIS E 311 -1.31 25.46 13.43
CA HIS E 311 -0.80 26.82 13.48
C HIS E 311 -1.89 27.78 12.99
N VAL E 312 -1.75 29.05 13.36
CA VAL E 312 -2.53 30.11 12.74
C VAL E 312 -1.71 31.40 12.81
N HIS E 313 -1.76 32.17 11.73
CA HIS E 313 -1.11 33.47 11.71
C HIS E 313 -1.73 34.38 12.75
N THR E 314 -0.89 35.16 13.42
CA THR E 314 -1.32 36.09 14.45
C THR E 314 -0.88 37.52 14.19
N GLY E 315 -0.12 37.77 13.13
CA GLY E 315 0.48 39.06 12.90
C GLY E 315 1.89 39.16 13.46
N THR E 316 2.58 40.23 13.06
CA THR E 316 3.95 40.47 13.47
C THR E 316 4.13 41.69 14.36
N VAL E 317 3.15 42.59 14.38
CA VAL E 317 3.23 43.88 15.08
C VAL E 317 4.18 44.82 14.34
N VAL E 318 5.38 44.35 14.02
CA VAL E 318 6.41 45.21 13.45
C VAL E 318 6.50 45.11 11.93
N GLY E 319 5.73 44.24 11.31
CA GLY E 319 5.82 44.00 9.89
C GLY E 319 4.96 44.91 9.05
N LYS E 320 4.63 44.44 7.85
CA LYS E 320 3.88 45.25 6.89
C LYS E 320 2.39 45.26 7.15
N LEU E 321 1.86 44.32 7.93
CA LEU E 321 0.44 44.23 8.21
C LEU E 321 0.15 44.70 9.63
N GLU E 322 -1.03 45.28 9.82
CA GLU E 322 -1.37 45.92 11.09
C GLU E 322 -1.54 44.88 12.19
N GLY E 323 -1.24 45.29 13.42
CA GLY E 323 -1.34 44.44 14.57
C GLY E 323 -0.77 45.10 15.81
N ASP E 324 -1.53 45.09 16.90
CA ASP E 324 -1.13 45.75 18.13
C ASP E 324 -0.38 44.80 19.04
N ARG E 325 0.70 45.30 19.66
CA ARG E 325 1.56 44.44 20.47
C ARG E 325 0.78 43.83 21.63
N ALA E 326 0.06 44.65 22.38
CA ALA E 326 -0.65 44.15 23.55
C ALA E 326 -1.73 43.14 23.17
N GLU E 327 -2.53 43.47 22.15
CA GLU E 327 -3.54 42.53 21.69
C GLU E 327 -2.90 41.23 21.21
N THR E 328 -1.76 41.33 20.53
CA THR E 328 -1.09 40.12 20.04
C THR E 328 -0.56 39.26 21.18
N LEU E 329 -0.09 39.89 22.25
CA LEU E 329 0.34 39.12 23.42
C LEU E 329 -0.82 38.31 23.99
N GLY E 330 -2.00 38.92 24.09
CA GLY E 330 -3.15 38.19 24.58
C GLY E 330 -3.57 37.07 23.66
N ILE E 331 -3.49 37.29 22.34
CA ILE E 331 -3.90 36.26 21.39
C ILE E 331 -2.97 35.06 21.45
N ALA E 332 -1.67 35.30 21.58
CA ALA E 332 -0.73 34.19 21.72
C ALA E 332 -1.05 33.35 22.97
N ASP E 333 -1.37 34.02 24.07
CA ASP E 333 -1.76 33.28 25.28
C ASP E 333 -3.04 32.50 25.04
N LEU E 334 -4.01 33.09 24.34
CA LEU E 334 -5.26 32.39 24.06
C LEU E 334 -5.00 31.12 23.23
N LEU E 335 -3.97 31.14 22.39
CA LEU E 335 -3.71 30.01 21.50
C LEU E 335 -2.88 28.91 22.17
N ARG E 336 -2.07 29.24 23.19
CA ARG E 336 -1.07 28.34 23.72
C ARG E 336 -1.32 27.85 25.13
N GLU E 337 -2.02 28.62 25.96
CA GLU E 337 -2.16 28.29 27.37
C GLU E 337 -3.47 27.52 27.61
N ASP E 338 -3.52 26.84 28.76
CA ASP E 338 -4.71 26.11 29.16
C ASP E 338 -5.67 26.98 29.95
N TYR E 339 -5.21 28.10 30.50
CA TYR E 339 -6.07 29.06 31.16
C TYR E 339 -5.49 30.45 30.94
N VAL E 340 -6.34 31.38 30.51
CA VAL E 340 -5.92 32.76 30.26
C VAL E 340 -6.82 33.69 31.06
N PRO E 341 -6.31 34.36 32.09
CA PRO E 341 -7.16 35.28 32.85
C PRO E 341 -7.45 36.54 32.05
N ALA E 342 -8.56 37.20 32.42
CA ALA E 342 -8.92 38.46 31.80
C ALA E 342 -7.81 39.49 32.02
N ASP E 343 -7.67 40.40 31.06
CA ASP E 343 -6.61 41.40 31.10
C ASP E 343 -7.03 42.62 30.27
N PRO E 344 -7.53 43.68 30.91
CA PRO E 344 -7.99 44.84 30.12
C PRO E 344 -6.91 45.45 29.25
N GLY E 345 -5.66 45.45 29.71
CA GLY E 345 -4.58 46.01 28.92
C GLY E 345 -4.36 45.31 27.60
N ARG E 346 -4.76 44.05 27.49
CA ARG E 346 -4.60 43.27 26.27
C ARG E 346 -5.92 43.00 25.58
N GLY E 347 -7.01 43.62 26.04
CA GLY E 347 -8.30 43.42 25.42
C GLY E 347 -8.95 42.08 25.70
N LEU E 348 -8.50 41.38 26.73
CA LEU E 348 -9.10 40.11 27.13
C LEU E 348 -10.22 40.41 28.13
N PHE E 349 -11.47 40.34 27.66
CA PHE E 349 -12.61 40.71 28.48
C PHE E 349 -13.03 39.60 29.44
N PHE E 350 -12.69 38.36 29.15
CA PHE E 350 -13.12 37.23 29.95
C PHE E 350 -11.94 36.34 30.30
N ASP E 351 -12.04 35.67 31.44
CA ASP E 351 -11.20 34.51 31.71
C ASP E 351 -11.59 33.39 30.74
N GLN E 352 -10.59 32.67 30.23
CA GLN E 352 -10.83 31.59 29.27
C GLN E 352 -10.09 30.34 29.72
N ASP E 353 -10.84 29.33 30.14
CA ASP E 353 -10.31 28.00 30.36
C ASP E 353 -10.43 27.21 29.07
N TRP E 354 -9.40 26.45 28.73
CA TRP E 354 -9.36 25.73 27.47
C TRP E 354 -9.66 24.24 27.60
N ALA E 355 -10.03 23.78 28.80
CA ALA E 355 -10.60 22.44 28.99
C ALA E 355 -9.72 21.34 28.40
N GLY E 356 -8.41 21.53 28.46
CA GLY E 356 -7.48 20.51 28.00
C GLY E 356 -7.29 20.41 26.51
N LEU E 357 -7.86 21.34 25.73
CA LEU E 357 -7.62 21.34 24.30
C LEU E 357 -6.15 21.62 24.00
N LYS E 358 -5.61 20.96 22.98
CA LYS E 358 -4.22 21.17 22.62
C LYS E 358 -3.97 22.62 22.22
N PRO E 359 -2.73 23.08 22.36
CA PRO E 359 -2.39 24.47 21.97
C PRO E 359 -2.01 24.59 20.51
N VAL E 360 -2.07 25.84 20.03
CA VAL E 360 -1.84 26.17 18.63
C VAL E 360 -0.58 27.03 18.52
N PHE E 361 0.23 26.74 17.50
CA PHE E 361 1.41 27.57 17.20
C PHE E 361 0.96 28.91 16.64
N PRO E 362 1.27 30.04 17.28
CA PRO E 362 1.16 31.32 16.57
C PRO E 362 2.22 31.43 15.49
N VAL E 363 1.88 32.13 14.42
CA VAL E 363 2.75 32.31 13.27
C VAL E 363 2.85 33.80 12.96
N ALA E 364 4.07 34.33 12.97
CA ALA E 364 4.33 35.73 12.66
C ALA E 364 4.90 35.82 11.26
N SER E 365 4.20 36.54 10.38
CA SER E 365 4.56 36.59 8.97
C SER E 365 4.14 37.92 8.38
N GLY E 366 4.95 38.42 7.45
CA GLY E 366 4.57 39.59 6.67
C GLY E 366 5.51 40.77 6.79
N GLY E 367 6.45 40.88 5.85
CA GLY E 367 7.30 42.05 5.79
C GLY E 367 8.36 42.13 6.86
N ILE E 368 8.78 41.00 7.43
CA ILE E 368 9.78 41.00 8.48
C ILE E 368 11.12 40.55 7.90
N HIS E 369 12.19 40.95 8.57
CA HIS E 369 13.54 40.59 8.17
C HIS E 369 14.41 40.53 9.43
N VAL E 370 15.72 40.35 9.25
CA VAL E 370 16.59 39.98 10.36
C VAL E 370 16.50 40.99 11.50
N TRP E 371 16.38 42.28 11.18
CA TRP E 371 16.37 43.28 12.24
C TRP E 371 15.18 43.14 13.16
N HIS E 372 14.12 42.45 12.73
CA HIS E 372 12.93 42.28 13.56
C HIS E 372 13.03 41.10 14.52
N VAL E 373 14.06 40.28 14.40
CA VAL E 373 14.12 39.03 15.18
C VAL E 373 14.16 39.32 16.68
N PRO E 374 14.95 40.28 17.18
CA PRO E 374 14.88 40.56 18.62
C PRO E 374 13.48 40.91 19.10
N ASP E 375 12.77 41.77 18.37
CA ASP E 375 11.38 42.08 18.72
C ASP E 375 10.52 40.82 18.67
N LEU E 376 10.67 40.01 17.62
CA LEU E 376 9.80 38.85 17.47
C LEU E 376 10.02 37.84 18.59
N VAL E 377 11.28 37.57 18.93
CA VAL E 377 11.55 36.65 20.04
C VAL E 377 11.01 37.22 21.34
N SER E 378 11.16 38.53 21.53
CA SER E 378 10.65 39.17 22.76
C SER E 378 9.14 39.02 22.86
N ILE E 379 8.43 39.18 21.75
CA ILE E 379 6.97 39.15 21.77
C ILE E 379 6.47 37.73 21.97
N PHE E 380 7.02 36.79 21.20
CA PHE E 380 6.43 35.45 21.08
C PHE E 380 7.11 34.39 21.93
N GLY E 381 8.38 34.57 22.27
CA GLY E 381 9.09 33.46 22.89
C GLY E 381 9.36 32.34 21.89
N ASP E 382 9.59 31.15 22.43
CA ASP E 382 10.04 30.03 21.59
C ASP E 382 8.91 29.39 20.80
N ASP E 383 7.69 29.34 21.35
CA ASP E 383 6.59 28.60 20.73
C ASP E 383 5.92 29.48 19.68
N ALA E 384 6.55 29.56 18.51
CA ALA E 384 6.00 30.31 17.39
C ALA E 384 6.81 29.98 16.15
N PHE E 385 6.17 30.20 15.00
CA PHE E 385 6.85 30.20 13.71
C PHE E 385 7.08 31.64 13.27
N PHE E 386 8.30 31.93 12.80
CA PHE E 386 8.64 33.19 12.15
C PHE E 386 8.81 32.91 10.67
N LEU E 387 8.01 33.55 9.83
CA LEU E 387 8.04 33.33 8.39
C LEU E 387 8.73 34.49 7.68
N PHE E 388 9.73 34.16 6.87
CA PHE E 388 10.47 35.14 6.08
C PHE E 388 10.35 34.76 4.61
N GLY E 389 9.41 35.38 3.91
CA GLY E 389 9.27 35.17 2.48
C GLY E 389 10.17 36.10 1.70
N GLY E 390 9.72 37.33 1.49
CA GLY E 390 10.60 38.32 0.90
C GLY E 390 11.90 38.49 1.65
N GLY E 391 11.86 38.33 2.97
CA GLY E 391 13.04 38.42 3.80
C GLY E 391 14.00 37.25 3.67
N THR E 392 13.61 36.21 2.94
CA THR E 392 14.51 35.11 2.59
C THR E 392 14.93 35.21 1.12
N HIS E 393 13.96 35.16 0.20
CA HIS E 393 14.29 35.21 -1.21
C HIS E 393 14.90 36.55 -1.63
N GLY E 394 14.62 37.62 -0.88
CA GLY E 394 15.16 38.92 -1.19
C GLY E 394 16.59 39.15 -0.79
N HIS E 395 17.23 38.14 -0.19
CA HIS E 395 18.62 38.25 0.18
C HIS E 395 19.47 38.51 -1.07
N PRO E 396 20.51 39.34 -0.99
CA PRO E 396 21.30 39.64 -2.20
C PRO E 396 21.80 38.41 -2.92
N ARG E 397 22.08 37.32 -2.21
CA ARG E 397 22.59 36.10 -2.81
C ARG E 397 21.54 34.99 -2.89
N GLY E 398 20.28 35.33 -2.71
CA GLY E 398 19.21 34.37 -2.96
C GLY E 398 18.69 33.69 -1.72
N SER E 399 17.93 32.62 -1.95
CA SER E 399 17.09 32.03 -0.92
C SER E 399 17.88 31.22 0.11
N ARG E 400 18.92 30.51 -0.33
CA ARG E 400 19.70 29.71 0.61
C ARG E 400 20.42 30.61 1.60
N ALA E 401 21.13 31.62 1.10
CA ALA E 401 21.81 32.57 1.99
C ALA E 401 20.81 33.26 2.92
N GLY E 402 19.67 33.68 2.37
CA GLY E 402 18.67 34.34 3.19
C GLY E 402 18.16 33.45 4.31
N ALA E 403 17.91 32.17 3.99
CA ALA E 403 17.46 31.24 5.02
C ALA E 403 18.50 31.08 6.12
N THR E 404 19.78 30.97 5.74
CA THR E 404 20.83 30.87 6.74
C THR E 404 20.87 32.11 7.63
N ALA E 405 20.75 33.30 7.02
CA ALA E 405 20.76 34.53 7.80
C ALA E 405 19.64 34.54 8.84
N ASN E 406 18.44 34.12 8.44
CA ASN E 406 17.29 34.18 9.35
C ASN E 406 17.41 33.12 10.45
N ARG E 407 17.83 31.91 10.09
CA ARG E 407 18.04 30.88 11.10
C ARG E 407 19.09 31.31 12.11
N VAL E 408 20.20 31.88 11.65
CA VAL E 408 21.27 32.29 12.55
C VAL E 408 20.81 33.42 13.46
N ALA E 409 20.10 34.40 12.91
CA ALA E 409 19.61 35.51 13.73
C ALA E 409 18.71 35.00 14.85
N VAL E 410 17.79 34.07 14.52
CA VAL E 410 16.89 33.54 15.53
C VAL E 410 17.67 32.81 16.62
N GLU E 411 18.63 31.98 16.22
CA GLU E 411 19.38 31.21 17.22
C GLU E 411 20.27 32.12 18.07
N ALA E 412 20.88 33.13 17.46
CA ALA E 412 21.73 34.04 18.22
C ALA E 412 20.91 34.78 19.28
N VAL E 413 19.70 35.22 18.92
CA VAL E 413 18.87 35.95 19.87
C VAL E 413 18.37 35.03 20.97
N VAL E 414 17.96 33.82 20.62
CA VAL E 414 17.54 32.85 21.63
C VAL E 414 18.67 32.58 22.60
N GLN E 415 19.89 32.39 22.08
CA GLN E 415 21.03 32.16 22.94
C GLN E 415 21.24 33.34 23.89
N ALA E 416 21.19 34.56 23.34
CA ALA E 416 21.40 35.75 24.16
C ALA E 416 20.37 35.83 25.28
N ARG E 417 19.09 35.64 24.94
CA ARG E 417 18.04 35.67 25.95
C ARG E 417 18.32 34.63 27.04
N ASN E 418 18.62 33.40 26.64
CA ASN E 418 18.82 32.33 27.61
C ASN E 418 20.01 32.62 28.52
N GLU E 419 21.01 33.36 28.02
CA GLU E 419 22.17 33.71 28.83
C GLU E 419 21.91 34.87 29.79
N GLY E 420 20.72 35.47 29.74
CA GLY E 420 20.37 36.54 30.65
C GLY E 420 20.43 37.94 30.06
N ARG E 421 20.62 38.08 28.76
CA ARG E 421 20.72 39.38 28.14
C ARG E 421 19.34 39.94 27.80
N ASP E 422 19.25 41.26 27.83
CA ASP E 422 18.05 41.99 27.40
C ASP E 422 18.11 42.11 25.88
N ILE E 423 17.37 41.25 25.18
CA ILE E 423 17.50 41.17 23.73
C ILE E 423 16.89 42.38 23.03
N LEU E 424 16.08 43.17 23.72
CA LEU E 424 15.62 44.42 23.14
C LEU E 424 16.67 45.51 23.27
N ALA E 425 17.26 45.65 24.46
CA ALA E 425 18.28 46.68 24.66
C ALA E 425 19.53 46.37 23.86
N GLU E 426 19.90 45.09 23.77
CA GLU E 426 21.10 44.65 23.06
C GLU E 426 20.78 44.03 21.71
N GLY E 427 19.57 44.24 21.19
CA GLY E 427 19.17 43.56 19.96
C GLY E 427 20.14 43.76 18.83
N ARG E 428 20.48 45.01 18.52
CA ARG E 428 21.42 45.26 17.44
C ARG E 428 22.79 44.65 17.73
N GLU E 429 23.29 44.82 18.95
CA GLU E 429 24.58 44.25 19.31
C GLU E 429 24.59 42.74 19.11
N ILE E 430 23.54 42.06 19.55
CA ILE E 430 23.46 40.61 19.38
C ILE E 430 23.57 40.24 17.90
N LEU E 431 22.79 40.90 17.05
CA LEU E 431 22.83 40.59 15.62
C LEU E 431 24.21 40.87 15.04
N GLU E 432 24.86 41.95 15.49
CA GLU E 432 26.17 42.30 14.96
C GLU E 432 27.22 41.28 15.39
N GLU E 433 27.13 40.75 16.60
CA GLU E 433 28.02 39.68 17.02
C GLU E 433 27.86 38.46 16.13
N ALA E 434 26.63 37.99 15.95
CA ALA E 434 26.38 36.82 15.13
C ALA E 434 26.84 37.05 13.68
N ALA E 435 26.68 38.28 13.19
CA ALA E 435 27.07 38.58 11.81
C ALA E 435 28.57 38.42 11.60
N ARG E 436 29.38 38.56 12.66
CA ARG E 436 30.81 38.40 12.51
C ARG E 436 31.18 37.00 12.07
N SER E 437 30.37 36.00 12.44
CA SER E 437 30.60 34.61 12.06
C SER E 437 29.64 34.14 10.96
N CYS E 438 28.85 35.04 10.39
CA CYS E 438 27.84 34.66 9.39
C CYS E 438 27.73 35.78 8.37
N PRO E 439 28.49 35.71 7.28
CA PRO E 439 28.40 36.76 6.26
C PRO E 439 27.01 36.89 5.66
N GLU E 440 26.25 35.81 5.60
CA GLU E 440 24.88 35.90 5.08
C GLU E 440 24.04 36.86 5.93
N LEU E 441 24.18 36.77 7.25
CA LEU E 441 23.46 37.68 8.13
C LEU E 441 23.95 39.11 7.95
N ARG E 442 25.27 39.30 7.82
CA ARG E 442 25.80 40.63 7.60
C ARG E 442 25.21 41.28 6.37
N GLU E 443 25.09 40.52 5.27
CA GLU E 443 24.57 41.07 4.04
C GLU E 443 23.07 41.38 4.16
N ALA E 444 22.33 40.56 4.89
CA ALA E 444 20.92 40.85 5.10
C ALA E 444 20.74 42.11 5.94
N MET E 445 21.55 42.27 6.98
CA MET E 445 21.45 43.47 7.82
C MET E 445 21.75 44.73 7.03
N GLU E 446 22.72 44.66 6.11
CA GLU E 446 23.05 45.83 5.30
C GLU E 446 21.92 46.20 4.34
N LEU E 447 21.30 45.20 3.72
CA LEU E 447 20.29 45.47 2.69
C LEU E 447 19.06 46.14 3.29
N TRP E 448 18.54 45.61 4.39
CA TRP E 448 17.27 46.05 4.93
C TRP E 448 17.41 46.93 6.16
N GLY E 449 18.60 47.51 6.38
CA GLY E 449 18.83 48.29 7.58
C GLY E 449 17.91 49.49 7.73
N ASP E 450 17.39 50.01 6.62
CA ASP E 450 16.56 51.21 6.63
C ASP E 450 15.10 50.93 6.27
N VAL E 451 14.65 49.68 6.45
CA VAL E 451 13.29 49.28 6.09
C VAL E 451 12.52 49.08 7.39
N LYS E 452 11.76 50.09 7.80
CA LYS E 452 10.98 50.06 9.02
C LYS E 452 9.52 50.36 8.72
N PHE E 453 8.64 49.73 9.48
CA PHE E 453 7.21 50.00 9.43
C PHE E 453 6.76 50.65 10.74
N GLU E 454 5.60 51.30 10.69
CA GLU E 454 5.07 51.97 11.86
C GLU E 454 4.46 50.94 12.82
N VAL E 455 4.71 51.13 14.11
CA VAL E 455 4.20 50.22 15.14
C VAL E 455 3.09 50.90 15.93
N MET F 1 26.36 17.94 8.65
CA MET F 1 24.94 17.88 9.11
C MET F 1 24.72 18.74 10.34
N HIS F 2 23.52 19.28 10.49
CA HIS F 2 23.15 20.11 11.62
C HIS F 2 22.36 19.30 12.63
N THR F 3 22.38 19.79 13.87
CA THR F 3 21.77 19.10 15.01
C THR F 3 20.78 20.00 15.73
N GLU F 4 19.99 20.73 14.97
CA GLU F 4 18.86 21.54 15.50
C GLU F 4 19.42 22.69 16.35
N THR F 5 18.79 22.95 17.50
CA THR F 5 18.94 24.24 18.16
C THR F 5 20.40 24.55 18.45
N PHE F 6 20.83 25.74 18.03
CA PHE F 6 22.16 26.33 18.22
C PHE F 6 23.19 25.71 17.27
N SER F 7 22.82 24.77 16.41
CA SER F 7 23.79 24.14 15.51
C SER F 7 24.17 25.02 14.34
N TYR F 8 23.50 26.17 14.15
CA TYR F 8 23.92 27.15 13.16
C TYR F 8 24.79 28.25 13.77
N LEU F 9 25.06 28.17 15.07
CA LEU F 9 26.02 29.01 15.75
C LEU F 9 27.32 28.23 15.94
N PRO F 10 28.41 28.92 16.30
CA PRO F 10 29.65 28.21 16.60
C PRO F 10 29.42 27.20 17.71
N PRO F 11 30.22 26.14 17.76
CA PRO F 11 30.07 25.16 18.85
C PRO F 11 30.18 25.82 20.21
N LEU F 12 29.34 25.38 21.14
CA LEU F 12 29.26 26.02 22.44
C LEU F 12 30.46 25.67 23.31
N THR F 13 30.98 26.67 24.01
CA THR F 13 31.97 26.44 25.06
C THR F 13 31.28 25.87 26.30
N ASP F 14 32.09 25.32 27.20
CA ASP F 14 31.54 24.81 28.45
C ASP F 14 30.81 25.91 29.22
N GLU F 15 31.33 27.14 29.17
CA GLU F 15 30.66 28.26 29.82
C GLU F 15 29.29 28.51 29.19
N GLU F 16 29.21 28.47 27.86
CA GLU F 16 27.94 28.73 27.19
C GLU F 16 26.95 27.60 27.46
N ILE F 17 27.44 26.36 27.52
CA ILE F 17 26.58 25.24 27.89
C ILE F 17 26.02 25.44 29.29
N LYS F 18 26.89 25.82 30.23
CA LYS F 18 26.46 25.97 31.62
C LYS F 18 25.38 27.02 31.75
N LYS F 19 25.49 28.12 31.00
CA LYS F 19 24.46 29.16 31.08
C LYS F 19 23.11 28.65 30.59
N GLN F 20 23.11 27.81 29.55
CA GLN F 20 21.87 27.20 29.09
C GLN F 20 21.28 26.30 30.18
N VAL F 21 22.13 25.57 30.88
CA VAL F 21 21.65 24.75 32.00
C VAL F 21 21.09 25.64 33.09
N GLU F 22 21.75 26.76 33.37
CA GLU F 22 21.24 27.69 34.38
C GLU F 22 19.88 28.22 33.97
N TYR F 23 19.67 28.44 32.67
CA TYR F 23 18.36 28.87 32.18
C TYR F 23 17.31 27.80 32.43
N ILE F 24 17.68 26.52 32.24
CA ILE F 24 16.74 25.43 32.46
C ILE F 24 16.33 25.37 33.93
N LEU F 25 17.30 25.51 34.84
CA LEU F 25 16.99 25.42 36.26
C LEU F 25 16.25 26.65 36.74
N LYS F 26 16.60 27.83 36.22
CA LYS F 26 15.94 29.06 36.65
C LYS F 26 14.44 29.00 36.39
N ASN F 27 14.02 28.37 35.29
CA ASN F 27 12.62 28.27 34.93
C ASN F 27 11.92 27.10 35.60
N GLY F 28 12.60 26.35 36.46
CA GLY F 28 12.00 25.20 37.11
C GLY F 28 11.91 23.97 36.25
N TRP F 29 12.62 23.93 35.13
CA TRP F 29 12.61 22.78 34.24
C TRP F 29 13.65 21.76 34.69
N ILE F 30 13.51 20.54 34.17
CA ILE F 30 14.32 19.41 34.59
C ILE F 30 15.45 19.23 33.58
N PRO F 31 16.72 19.37 33.97
CA PRO F 31 17.81 19.14 33.01
C PRO F 31 18.10 17.66 32.85
N GLY F 32 18.43 17.28 31.60
CA GLY F 32 18.78 15.92 31.30
C GLY F 32 19.94 15.86 30.31
N ILE F 33 20.51 14.67 30.19
CA ILE F 33 21.63 14.43 29.28
C ILE F 33 21.33 13.15 28.49
N GLU F 34 21.52 13.24 27.17
CA GLU F 34 21.34 12.10 26.28
C GLU F 34 22.50 12.06 25.29
N TYR F 35 22.77 10.87 24.77
CA TYR F 35 23.89 10.69 23.86
C TYR F 35 23.54 9.62 22.82
N THR F 36 24.26 9.67 21.69
CA THR F 36 24.06 8.71 20.62
C THR F 36 25.22 8.82 19.65
N ASP F 37 25.52 7.72 18.97
CA ASP F 37 26.47 7.71 17.86
C ASP F 37 25.77 7.66 16.51
N GLU F 38 24.45 7.77 16.48
CA GLU F 38 23.67 7.72 15.26
C GLU F 38 22.64 8.85 15.25
N PRO F 39 23.08 10.10 15.28
CA PRO F 39 22.13 11.21 15.16
C PRO F 39 21.62 11.34 13.73
N GLY F 40 20.46 11.99 13.61
CA GLY F 40 19.87 12.20 12.31
C GLY F 40 18.36 12.27 12.37
N PRO F 41 17.73 12.47 11.20
CA PRO F 41 16.27 12.66 11.18
C PRO F 41 15.49 11.43 11.60
N HIS F 42 16.10 10.25 11.63
CA HIS F 42 15.39 9.00 11.93
C HIS F 42 15.54 8.55 13.37
N ASN F 43 16.21 9.33 14.23
CA ASN F 43 16.49 8.94 15.60
C ASN F 43 15.73 9.86 16.54
N SER F 44 14.64 9.37 17.11
CA SER F 44 13.82 10.13 18.05
C SER F 44 14.13 9.80 19.51
N TYR F 45 15.00 8.82 19.78
CA TYR F 45 15.25 8.37 21.15
C TYR F 45 16.76 8.16 21.33
N TRP F 46 17.45 9.21 21.77
CA TRP F 46 18.84 9.07 22.16
C TRP F 46 18.94 8.29 23.47
N SER F 47 20.14 7.80 23.76
CA SER F 47 20.37 7.02 24.97
C SER F 47 20.39 7.94 26.19
N PHE F 48 19.63 7.58 27.22
CA PHE F 48 19.67 8.29 28.48
C PHE F 48 21.04 8.15 29.13
N TRP F 49 21.56 9.26 29.65
CA TRP F 49 22.68 9.24 30.60
C TRP F 49 22.06 9.39 31.99
N LYS F 50 21.94 8.28 32.71
CA LYS F 50 21.19 8.25 33.94
C LYS F 50 19.77 8.72 33.66
N LEU F 51 19.04 9.13 34.69
CA LEU F 51 17.69 9.67 34.50
C LEU F 51 17.75 11.18 34.37
N PRO F 52 16.67 11.81 33.90
CA PRO F 52 16.57 13.27 34.00
C PRO F 52 16.81 13.70 35.44
N PHE F 53 17.65 14.72 35.62
CA PHE F 53 18.14 15.09 36.94
C PHE F 53 17.06 15.88 37.67
N PHE F 54 16.06 15.15 38.15
CA PHE F 54 14.97 15.77 38.90
C PHE F 54 15.49 16.49 40.15
N ASN F 55 16.54 15.96 40.77
CA ASN F 55 17.05 16.49 42.03
C ASN F 55 18.18 17.49 41.85
N ALA F 56 18.56 17.83 40.62
CA ALA F 56 19.65 18.77 40.41
C ALA F 56 19.30 20.14 40.97
N GLU F 57 20.25 20.74 41.69
CA GLU F 57 20.07 22.06 42.28
C GLU F 57 20.96 23.13 41.67
N THR F 58 22.09 22.75 41.08
CA THR F 58 23.03 23.70 40.49
C THR F 58 23.42 23.22 39.10
N ALA F 59 23.69 24.18 38.22
CA ALA F 59 24.17 23.84 36.89
C ALA F 59 25.49 23.07 36.95
N GLU F 60 26.31 23.34 37.96
CA GLU F 60 27.59 22.65 38.07
C GLU F 60 27.41 21.14 38.22
N GLU F 61 26.39 20.73 38.98
CA GLU F 61 26.08 19.31 39.09
C GLU F 61 25.86 18.70 37.71
N VAL F 62 25.14 19.40 36.84
CA VAL F 62 24.87 18.88 35.50
C VAL F 62 26.14 18.87 34.65
N MET F 63 26.96 19.91 34.77
CA MET F 63 28.21 19.95 34.00
C MET F 63 29.13 18.81 34.38
N GLU F 64 29.17 18.45 35.67
CA GLU F 64 29.97 17.30 36.10
C GLU F 64 29.44 16.01 35.47
N GLU F 65 28.12 15.86 35.37
CA GLU F 65 27.56 14.71 34.68
C GLU F 65 27.86 14.74 33.19
N LEU F 66 27.89 15.94 32.60
CA LEU F 66 28.23 16.06 31.19
C LEU F 66 29.65 15.57 30.93
N GLU F 67 30.60 16.02 31.75
CA GLU F 67 31.98 15.57 31.60
C GLU F 67 32.10 14.06 31.79
N ALA F 68 31.39 13.52 32.78
CA ALA F 68 31.40 12.08 32.99
C ALA F 68 30.88 11.34 31.75
N CYS F 69 29.78 11.81 31.18
CA CYS F 69 29.27 11.23 29.95
C CYS F 69 30.25 11.44 28.79
N ARG F 70 30.84 12.63 28.73
CA ARG F 70 31.81 12.92 27.67
C ARG F 70 33.01 11.98 27.74
N GLU F 71 33.47 11.67 28.95
CA GLU F 71 34.60 10.75 29.08
C GLU F 71 34.19 9.30 28.81
N ALA F 72 32.96 8.93 29.18
CA ALA F 72 32.50 7.56 29.00
C ALA F 72 32.05 7.27 27.58
N ASN F 73 31.70 8.30 26.79
CA ASN F 73 31.22 8.12 25.42
C ASN F 73 31.84 9.18 24.53
N PRO F 74 33.16 9.10 24.30
CA PRO F 74 33.81 10.14 23.48
C PRO F 74 33.44 10.09 22.01
N ASP F 75 32.94 8.96 21.51
CA ASP F 75 32.58 8.82 20.10
C ASP F 75 31.13 9.18 19.82
N CYS F 76 30.42 9.75 20.80
CA CYS F 76 29.00 9.99 20.69
C CYS F 76 28.70 11.48 20.72
N TYR F 77 27.64 11.87 20.00
CA TYR F 77 27.04 13.17 20.22
C TYR F 77 26.34 13.19 21.57
N ILE F 78 26.47 14.31 22.28
CA ILE F 78 25.89 14.45 23.61
C ILE F 78 25.10 15.75 23.62
N LYS F 79 23.81 15.66 23.99
CA LYS F 79 22.94 16.81 24.03
C LYS F 79 22.41 17.02 25.44
N ILE F 80 22.13 18.28 25.76
CA ILE F 80 21.47 18.68 26.99
C ILE F 80 19.98 18.83 26.68
N THR F 81 19.14 18.38 27.60
CA THR F 81 17.69 18.50 27.46
C THR F 81 17.11 19.26 28.65
N GLY F 82 16.00 19.95 28.40
CA GLY F 82 15.23 20.58 29.44
C GLY F 82 13.77 20.21 29.30
N TYR F 83 13.15 19.69 30.36
CA TYR F 83 11.80 19.15 30.30
C TYR F 83 10.90 19.87 31.30
N ASP F 84 9.71 20.26 30.84
CA ASP F 84 8.71 20.91 31.67
C ASP F 84 7.58 19.92 31.90
N ASN F 85 7.46 19.44 33.14
CA ASN F 85 6.44 18.45 33.46
C ASN F 85 5.05 19.04 33.61
N ILE F 86 4.93 20.37 33.65
CA ILE F 86 3.62 21.00 33.73
C ILE F 86 2.95 21.03 32.36
N ARG F 87 3.70 21.38 31.32
CA ARG F 87 3.19 21.29 29.96
C ARG F 87 3.42 19.91 29.35
N GLN F 88 4.22 19.06 29.99
CA GLN F 88 4.56 17.74 29.49
C GLN F 88 5.17 17.83 28.08
N GLY F 89 6.35 18.43 28.04
CA GLY F 89 7.08 18.56 26.80
C GLY F 89 8.50 19.04 26.98
N GLN F 90 9.39 18.64 26.07
CA GLN F 90 10.75 19.16 26.06
C GLN F 90 10.73 20.62 25.62
N VAL F 91 11.45 21.47 26.35
CA VAL F 91 11.43 22.90 26.12
C VAL F 91 12.78 23.46 25.70
N LEU F 92 13.83 22.63 25.70
CA LEU F 92 15.14 23.07 25.21
C LEU F 92 16.00 21.84 25.02
N SER F 93 16.56 21.69 23.81
CA SER F 93 17.46 20.60 23.49
C SER F 93 18.52 21.12 22.54
N PHE F 94 19.79 20.82 22.83
CA PHE F 94 20.89 21.27 22.00
C PHE F 94 22.09 20.36 22.23
N VAL F 95 22.91 20.21 21.19
CA VAL F 95 24.08 19.35 21.26
C VAL F 95 25.19 20.08 22.00
N ALA F 96 25.70 19.47 23.07
CA ALA F 96 26.77 20.04 23.88
C ALA F 96 28.15 19.56 23.47
N TYR F 97 28.26 18.36 22.89
CA TYR F 97 29.54 17.78 22.53
C TYR F 97 29.38 17.00 21.23
N ARG F 98 30.31 17.22 20.30
CA ARG F 98 30.34 16.51 19.03
C ARG F 98 31.62 15.71 18.92
N PRO F 99 31.55 14.41 18.58
CA PRO F 99 32.78 13.61 18.50
C PRO F 99 33.72 14.07 17.40
N TYR G 6 -55.40 -26.72 28.52
CA TYR G 6 -54.89 -25.48 29.07
C TYR G 6 -55.58 -25.11 30.37
N GLU G 7 -54.83 -25.16 31.48
CA GLU G 7 -55.32 -24.76 32.79
C GLU G 7 -54.51 -23.54 33.22
N ALA G 8 -55.19 -22.39 33.30
CA ALA G 8 -54.53 -21.16 33.68
C ALA G 8 -54.29 -21.12 35.19
N GLY G 9 -53.44 -20.19 35.61
CA GLY G 9 -53.14 -20.00 37.01
C GLY G 9 -51.67 -20.23 37.32
N VAL G 10 -51.30 -19.85 38.54
CA VAL G 10 -49.93 -19.92 39.00
C VAL G 10 -49.67 -21.31 39.55
N ARG G 11 -48.57 -21.92 39.13
CA ARG G 11 -48.08 -23.17 39.69
C ARG G 11 -46.67 -22.96 40.25
N PRO G 12 -46.25 -23.76 41.22
CA PRO G 12 -44.84 -23.69 41.65
C PRO G 12 -43.92 -24.04 40.48
N TYR G 13 -42.80 -23.30 40.41
CA TYR G 13 -41.82 -23.60 39.37
C TYR G 13 -41.38 -25.05 39.41
N ARG G 14 -41.33 -25.63 40.61
CA ARG G 14 -40.75 -26.97 40.77
C ARG G 14 -41.55 -28.03 40.01
N GLU G 15 -42.85 -27.80 39.82
CA GLU G 15 -43.67 -28.80 39.14
C GLU G 15 -43.19 -29.08 37.73
N THR G 16 -42.62 -28.08 37.07
CA THR G 16 -42.18 -28.23 35.68
C THR G 16 -40.66 -28.20 35.51
N TYR G 17 -39.93 -27.47 36.38
CA TYR G 17 -38.53 -27.18 36.14
C TYR G 17 -37.58 -27.80 37.16
N TYR G 18 -38.08 -28.61 38.07
CA TYR G 18 -37.24 -29.45 38.93
C TYR G 18 -37.48 -30.90 38.53
N ASP G 19 -36.44 -31.58 38.05
CA ASP G 19 -36.53 -32.95 37.57
C ASP G 19 -35.29 -33.72 37.99
N PRO G 20 -35.27 -34.26 39.22
CA PRO G 20 -34.09 -35.00 39.67
C PRO G 20 -33.88 -36.33 38.96
N ASP G 21 -34.82 -36.77 38.14
CA ASP G 21 -34.64 -37.98 37.34
C ASP G 21 -33.94 -37.70 36.00
N TYR G 22 -33.81 -36.43 35.62
CA TYR G 22 -33.28 -36.10 34.31
C TYR G 22 -31.80 -36.48 34.20
N GLU G 23 -31.44 -37.13 33.10
CA GLU G 23 -30.05 -37.46 32.82
C GLU G 23 -29.50 -36.44 31.84
N PRO G 24 -28.52 -35.62 32.23
CA PRO G 24 -27.99 -34.62 31.28
C PRO G 24 -27.43 -35.28 30.02
N LYS G 25 -27.69 -34.66 28.88
CA LYS G 25 -27.15 -35.11 27.61
C LYS G 25 -25.78 -34.50 27.36
N ASP G 26 -25.01 -35.14 26.47
CA ASP G 26 -23.69 -34.62 26.13
C ASP G 26 -23.77 -33.28 25.42
N THR G 27 -24.92 -32.94 24.84
CA THR G 27 -25.12 -31.66 24.18
C THR G 27 -25.72 -30.61 25.10
N ASP G 28 -26.08 -30.97 26.33
CA ASP G 28 -26.65 -30.02 27.26
C ASP G 28 -25.57 -29.08 27.80
N LEU G 29 -25.94 -27.82 27.96
CA LEU G 29 -25.12 -26.85 28.69
C LEU G 29 -25.52 -26.93 30.15
N LEU G 30 -24.53 -27.17 31.02
CA LEU G 30 -24.76 -27.38 32.44
C LEU G 30 -24.24 -26.19 33.24
N CYS G 31 -24.99 -25.81 34.27
CA CYS G 31 -24.59 -24.73 35.16
C CYS G 31 -24.61 -25.23 36.59
N ALA G 32 -23.69 -24.70 37.40
CA ALA G 32 -23.64 -24.96 38.83
C ALA G 32 -23.88 -23.63 39.56
N PHE G 33 -25.08 -23.47 40.12
CA PHE G 33 -25.47 -22.26 40.82
C PHE G 33 -25.42 -22.50 42.33
N ARG G 34 -24.75 -21.59 43.05
CA ARG G 34 -24.85 -21.54 44.49
C ARG G 34 -26.03 -20.65 44.85
N ILE G 35 -27.06 -21.22 45.46
CA ILE G 35 -28.33 -20.53 45.68
C ILE G 35 -28.50 -20.28 47.17
N THR G 36 -28.86 -19.03 47.51
CA THR G 36 -29.36 -18.69 48.83
C THR G 36 -30.83 -18.32 48.67
N PRO G 37 -31.76 -19.23 48.95
CA PRO G 37 -33.18 -18.89 48.79
C PRO G 37 -33.61 -17.83 49.79
N LYS G 38 -34.65 -17.08 49.40
CA LYS G 38 -35.33 -16.25 50.38
C LYS G 38 -35.84 -17.14 51.51
N PRO G 39 -35.65 -16.75 52.77
CA PRO G 39 -36.16 -17.58 53.87
C PRO G 39 -37.63 -17.92 53.66
N GLY G 40 -37.95 -19.20 53.82
CA GLY G 40 -39.29 -19.70 53.59
C GLY G 40 -39.51 -20.30 52.21
N VAL G 41 -38.61 -20.04 51.27
CA VAL G 41 -38.71 -20.58 49.92
C VAL G 41 -37.85 -21.85 49.86
N PRO G 42 -38.44 -23.02 49.66
CA PRO G 42 -37.62 -24.24 49.62
C PRO G 42 -36.55 -24.17 48.54
N MET G 43 -35.45 -24.87 48.79
CA MET G 43 -34.33 -24.88 47.86
C MET G 43 -34.77 -25.40 46.49
N GLU G 44 -35.67 -26.37 46.47
CA GLU G 44 -36.12 -26.93 45.20
C GLU G 44 -36.92 -25.91 44.39
N GLU G 45 -37.67 -25.05 45.06
CA GLU G 45 -38.45 -24.02 44.35
C GLU G 45 -37.55 -22.90 43.86
N ALA G 46 -36.56 -22.50 44.66
CA ALA G 46 -35.62 -21.49 44.21
C ALA G 46 -34.83 -21.97 43.00
N ALA G 47 -34.37 -23.22 43.02
CA ALA G 47 -33.61 -23.75 41.90
C ALA G 47 -34.47 -23.87 40.66
N ALA G 48 -35.74 -24.28 40.83
CA ALA G 48 -36.65 -24.38 39.69
C ALA G 48 -36.97 -23.01 39.12
N ALA G 49 -37.03 -21.98 39.96
CA ALA G 49 -37.26 -20.63 39.47
C ALA G 49 -36.11 -20.18 38.58
N VAL G 50 -34.87 -20.46 38.99
CA VAL G 50 -33.73 -20.11 38.16
C VAL G 50 -33.79 -20.87 36.83
N ALA G 51 -34.11 -22.16 36.89
CA ALA G 51 -34.21 -22.94 35.66
C ALA G 51 -35.31 -22.40 34.75
N ALA G 52 -36.48 -22.13 35.32
CA ALA G 52 -37.61 -21.68 34.52
C ALA G 52 -37.32 -20.33 33.87
N GLU G 53 -36.94 -19.35 34.66
CA GLU G 53 -36.85 -17.97 34.20
C GLU G 53 -35.56 -17.68 33.43
N SER G 54 -34.73 -18.70 33.21
CA SER G 54 -33.56 -18.57 32.34
C SER G 54 -33.67 -19.43 31.09
N SER G 55 -34.84 -20.00 30.82
CA SER G 55 -35.02 -20.83 29.63
C SER G 55 -36.34 -20.53 28.95
N THR G 56 -37.44 -21.08 29.48
CA THR G 56 -38.73 -21.01 28.80
C THR G 56 -39.89 -20.48 29.64
N GLY G 57 -39.79 -20.51 30.97
CA GLY G 57 -40.96 -20.27 31.79
C GLY G 57 -41.13 -18.83 32.24
N THR G 58 -42.29 -18.57 32.83
CA THR G 58 -42.55 -17.31 33.53
C THR G 58 -43.37 -17.64 34.78
N TRP G 59 -44.00 -16.62 35.37
CA TRP G 59 -44.57 -16.74 36.71
C TRP G 59 -45.96 -17.37 36.73
N THR G 60 -46.58 -17.57 35.58
CA THR G 60 -47.91 -18.17 35.50
C THR G 60 -47.99 -18.97 34.22
N GLU G 61 -48.91 -19.94 34.20
CA GLU G 61 -49.09 -20.76 33.01
C GLU G 61 -49.66 -19.93 31.86
N VAL G 62 -49.18 -20.21 30.65
CA VAL G 62 -49.60 -19.49 29.46
C VAL G 62 -50.07 -20.50 28.42
N TRP G 63 -51.15 -20.15 27.71
CA TRP G 63 -51.72 -21.05 26.72
C TRP G 63 -50.72 -21.40 25.63
N SER G 64 -49.79 -20.49 25.33
CA SER G 64 -48.84 -20.70 24.24
C SER G 64 -47.79 -21.75 24.57
N ASN G 65 -47.64 -22.15 25.83
CA ASN G 65 -46.75 -23.27 26.14
C ASN G 65 -47.10 -24.49 25.30
N LEU G 66 -48.38 -24.69 25.00
CA LEU G 66 -48.82 -25.87 24.27
C LEU G 66 -48.62 -25.75 22.77
N LEU G 67 -48.07 -24.64 22.29
CA LEU G 67 -47.67 -24.50 20.89
C LEU G 67 -46.25 -25.02 20.64
N THR G 68 -45.54 -25.44 21.67
CA THR G 68 -44.18 -25.95 21.51
C THR G 68 -44.00 -27.15 22.43
N ASP G 69 -42.77 -27.64 22.50
CA ASP G 69 -42.43 -28.87 23.23
C ASP G 69 -41.51 -28.49 24.38
N LEU G 70 -42.12 -28.16 25.53
CA LEU G 70 -41.33 -27.77 26.69
C LEU G 70 -40.43 -28.90 27.18
N GLU G 71 -40.85 -30.15 26.96
CA GLU G 71 -39.99 -31.28 27.30
C GLU G 71 -38.66 -31.21 26.56
N ARG G 72 -38.66 -30.64 25.34
CA ARG G 72 -37.44 -30.51 24.56
C ARG G 72 -36.64 -29.26 24.94
N TYR G 73 -37.32 -28.14 25.22
CA TYR G 73 -36.66 -26.85 25.32
C TYR G 73 -36.42 -26.37 26.75
N LYS G 74 -37.20 -26.84 27.72
CA LYS G 74 -37.08 -26.30 29.06
C LYS G 74 -35.73 -26.70 29.67
N ALA G 75 -35.21 -25.81 30.51
CA ALA G 75 -34.09 -26.17 31.37
C ALA G 75 -34.62 -26.91 32.59
N ARG G 76 -33.77 -27.78 33.15
CA ARG G 76 -34.13 -28.60 34.29
C ARG G 76 -33.05 -28.51 35.35
N CYS G 77 -33.46 -28.23 36.58
CA CYS G 77 -32.60 -28.51 37.74
C CYS G 77 -32.70 -30.02 37.98
N TYR G 78 -31.61 -30.73 37.72
CA TYR G 78 -31.59 -32.18 37.82
C TYR G 78 -30.87 -32.70 39.06
N ARG G 79 -30.26 -31.82 39.85
CA ARG G 79 -29.55 -32.24 41.05
C ARG G 79 -29.32 -31.04 41.94
N ILE G 80 -29.65 -31.19 43.22
CA ILE G 80 -29.33 -30.19 44.24
C ILE G 80 -28.45 -30.89 45.27
N GLU G 81 -27.26 -30.34 45.51
CA GLU G 81 -26.31 -30.89 46.46
C GLU G 81 -25.82 -29.75 47.33
N GLY G 82 -26.15 -29.78 48.61
CA GLY G 82 -25.83 -28.66 49.48
C GLY G 82 -26.61 -27.44 49.04
N ASP G 83 -25.91 -26.32 48.86
CA ASP G 83 -26.50 -25.11 48.33
C ASP G 83 -26.21 -24.93 46.84
N VAL G 84 -25.74 -25.98 46.17
CA VAL G 84 -25.44 -25.93 44.74
C VAL G 84 -26.54 -26.64 43.97
N ALA G 85 -27.10 -25.96 42.99
CA ALA G 85 -28.11 -26.52 42.09
C ALA G 85 -27.49 -26.72 40.71
N TYR G 86 -27.59 -27.93 40.19
CA TYR G 86 -27.12 -28.26 38.85
C TYR G 86 -28.29 -28.15 37.88
N ILE G 87 -28.13 -27.33 36.84
CA ILE G 87 -29.20 -27.05 35.89
C ILE G 87 -28.70 -27.36 34.48
N ALA G 88 -29.49 -28.11 33.72
CA ALA G 88 -29.14 -28.49 32.36
C ALA G 88 -29.99 -27.70 31.37
N TYR G 89 -29.35 -27.18 30.33
CA TYR G 89 -29.99 -26.36 29.31
C TYR G 89 -29.84 -27.03 27.96
N PRO G 90 -30.93 -27.35 27.25
CA PRO G 90 -30.79 -28.00 25.94
C PRO G 90 -30.00 -27.15 24.95
N LEU G 91 -29.27 -27.84 24.08
CA LEU G 91 -28.45 -27.17 23.08
C LEU G 91 -29.24 -26.15 22.27
N ASP G 92 -30.46 -26.50 21.87
CA ASP G 92 -31.21 -25.67 20.94
C ASP G 92 -31.62 -24.31 21.51
N LEU G 93 -31.37 -24.06 22.80
CA LEU G 93 -31.77 -22.80 23.39
C LEU G 93 -30.83 -21.64 23.06
N PHE G 94 -29.63 -21.94 22.57
CA PHE G 94 -28.57 -20.95 22.47
C PHE G 94 -28.23 -20.61 21.03
N GLU G 95 -27.95 -19.33 20.78
CA GLU G 95 -27.50 -18.89 19.46
C GLU G 95 -26.05 -19.29 19.26
N GLU G 96 -25.76 -19.90 18.12
CA GLU G 96 -24.41 -20.36 17.81
C GLU G 96 -23.42 -19.20 17.88
N GLY G 97 -22.31 -19.42 18.60
CA GLY G 97 -21.19 -18.51 18.59
C GLY G 97 -21.41 -17.20 19.32
N SER G 98 -22.40 -17.13 20.20
CA SER G 98 -22.76 -15.88 20.87
C SER G 98 -22.65 -16.05 22.38
N ILE G 99 -21.55 -15.57 22.96
CA ILE G 99 -21.49 -15.44 24.41
C ILE G 99 -22.59 -14.53 24.91
N VAL G 100 -22.89 -13.47 24.13
CA VAL G 100 -23.94 -12.54 24.52
C VAL G 100 -25.23 -13.29 24.81
N ASN G 101 -25.55 -14.28 23.98
CA ASN G 101 -26.80 -15.02 24.17
C ASN G 101 -26.73 -15.92 25.40
N ILE G 102 -25.58 -16.56 25.63
CA ILE G 102 -25.42 -17.35 26.86
C ILE G 102 -25.74 -16.48 28.07
N MET G 103 -25.13 -15.29 28.14
CA MET G 103 -25.35 -14.41 29.28
C MET G 103 -26.81 -13.99 29.39
N SER G 104 -27.44 -13.69 28.25
CA SER G 104 -28.82 -13.20 28.28
C SER G 104 -29.75 -14.24 28.89
N SER G 105 -29.45 -15.53 28.72
CA SER G 105 -30.23 -16.58 29.36
C SER G 105 -29.72 -16.88 30.76
N ILE G 106 -28.45 -17.30 30.87
CA ILE G 106 -27.96 -17.86 32.11
C ILE G 106 -27.91 -16.81 33.22
N VAL G 107 -27.59 -15.56 32.89
CA VAL G 107 -27.43 -14.53 33.92
C VAL G 107 -28.28 -13.30 33.60
N GLY G 108 -29.30 -13.48 32.77
CA GLY G 108 -30.12 -12.36 32.33
C GLY G 108 -30.96 -11.72 33.41
N ASN G 109 -31.88 -12.49 34.01
CA ASN G 109 -32.79 -11.97 35.01
C ASN G 109 -32.76 -12.71 36.34
N VAL G 110 -32.24 -13.95 36.38
CA VAL G 110 -32.44 -14.80 37.54
C VAL G 110 -31.68 -14.35 38.78
N PHE G 111 -30.73 -13.42 38.64
CA PHE G 111 -30.02 -12.92 39.81
C PHE G 111 -30.79 -11.86 40.58
N GLY G 112 -31.94 -11.41 40.06
CA GLY G 112 -32.69 -10.35 40.70
C GLY G 112 -34.07 -10.75 41.21
N PHE G 113 -34.30 -12.05 41.39
CA PHE G 113 -35.60 -12.52 41.84
C PHE G 113 -35.75 -12.40 43.34
N LYS G 114 -36.94 -11.96 43.77
CA LYS G 114 -37.21 -11.87 45.20
C LYS G 114 -37.11 -13.23 45.88
N ALA G 115 -37.45 -14.30 45.17
CA ALA G 115 -37.44 -15.64 45.75
C ALA G 115 -36.04 -16.19 45.99
N VAL G 116 -35.01 -15.57 45.41
CA VAL G 116 -33.64 -16.02 45.55
C VAL G 116 -32.83 -14.84 46.09
N GLN G 117 -32.45 -14.93 47.37
CA GLN G 117 -31.78 -13.81 48.02
C GLN G 117 -30.40 -13.56 47.45
N ALA G 118 -29.68 -14.62 47.08
CA ALA G 118 -28.34 -14.48 46.51
C ALA G 118 -28.10 -15.65 45.57
N LEU G 119 -27.32 -15.40 44.52
CA LEU G 119 -27.09 -16.38 43.48
C LEU G 119 -25.70 -16.19 42.91
N ARG G 120 -24.91 -17.26 42.87
CA ARG G 120 -23.58 -17.23 42.28
C ARG G 120 -23.43 -18.37 41.29
N LEU G 121 -23.12 -18.04 40.04
CA LEU G 121 -22.78 -19.03 39.03
C LEU G 121 -21.33 -19.43 39.23
N GLU G 122 -21.10 -20.68 39.64
CA GLU G 122 -19.76 -21.15 39.97
C GLU G 122 -19.03 -21.72 38.76
N ASP G 123 -19.75 -22.43 37.88
CA ASP G 123 -19.10 -23.12 36.77
C ASP G 123 -20.17 -23.44 35.72
N MET G 124 -19.70 -23.72 34.52
CA MET G 124 -20.57 -23.99 33.38
C MET G 124 -19.89 -25.02 32.49
N ARG G 125 -20.60 -26.09 32.18
CA ARG G 125 -20.10 -27.12 31.26
C ARG G 125 -20.54 -26.74 29.86
N ILE G 126 -19.60 -26.24 29.07
CA ILE G 126 -19.86 -25.89 27.67
C ILE G 126 -19.78 -27.19 26.86
N PRO G 127 -20.86 -27.65 26.24
CA PRO G 127 -20.79 -28.89 25.48
C PRO G 127 -20.05 -28.70 24.17
N VAL G 128 -19.33 -29.75 23.77
CA VAL G 128 -18.53 -29.68 22.55
C VAL G 128 -19.38 -29.28 21.35
N ALA G 129 -20.64 -29.73 21.32
CA ALA G 129 -21.52 -29.39 20.20
C ALA G 129 -21.70 -27.88 20.08
N TYR G 130 -21.76 -27.18 21.22
CA TYR G 130 -21.90 -25.73 21.22
C TYR G 130 -20.56 -25.03 21.17
N LEU G 131 -19.55 -25.62 21.83
CA LEU G 131 -18.22 -25.02 21.84
C LEU G 131 -17.69 -24.81 20.44
N LYS G 132 -17.90 -25.78 19.55
CA LYS G 132 -17.33 -25.73 18.21
C LYS G 132 -18.06 -24.75 17.29
N THR G 133 -19.09 -24.06 17.76
CA THR G 133 -19.62 -22.93 17.02
C THR G 133 -18.83 -21.66 17.31
N PHE G 134 -17.78 -21.74 18.13
CA PHE G 134 -16.87 -20.66 18.46
C PHE G 134 -15.47 -20.95 17.92
N PRO G 135 -14.71 -19.92 17.52
CA PRO G 135 -13.42 -20.16 16.87
C PRO G 135 -12.25 -20.32 17.82
N GLY G 136 -12.35 -19.75 19.01
CA GLY G 136 -11.25 -19.78 19.95
C GLY G 136 -10.19 -18.74 19.61
N PRO G 137 -9.08 -18.78 20.33
CA PRO G 137 -8.01 -17.78 20.10
C PRO G 137 -7.53 -17.81 18.65
N PRO G 138 -7.20 -16.64 18.08
CA PRO G 138 -6.66 -16.64 16.72
C PRO G 138 -5.19 -17.00 16.64
N THR G 139 -4.47 -16.97 17.76
CA THR G 139 -3.04 -17.30 17.76
C THR G 139 -2.78 -18.52 18.63
N GLY G 140 -2.91 -18.42 19.94
CA GLY G 140 -2.61 -19.52 20.82
C GLY G 140 -1.16 -19.49 21.30
N ILE G 141 -0.92 -20.20 22.42
CA ILE G 141 0.36 -20.13 23.10
C ILE G 141 1.50 -20.53 22.16
N GLN G 142 1.35 -21.67 21.50
CA GLN G 142 2.47 -22.21 20.72
C GLN G 142 2.81 -21.31 19.53
N VAL G 143 1.80 -20.89 18.78
CA VAL G 143 2.05 -20.01 17.63
C VAL G 143 2.62 -18.68 18.09
N GLU G 144 2.16 -18.18 19.24
CA GLU G 144 2.67 -16.91 19.73
C GLU G 144 4.15 -17.00 20.09
N ARG G 145 4.56 -18.09 20.75
CA ARG G 145 5.98 -18.28 21.02
C ARG G 145 6.77 -18.36 19.72
N ASP G 146 6.21 -18.98 18.68
CA ASP G 146 6.87 -19.01 17.38
C ASP G 146 7.02 -17.61 16.81
N ARG G 147 5.95 -16.81 16.87
CA ARG G 147 6.02 -15.44 16.34
C ARG G 147 7.02 -14.59 17.10
N LEU G 148 7.18 -14.83 18.40
CA LEU G 148 8.13 -14.08 19.21
C LEU G 148 9.50 -14.72 19.24
N ASN G 149 9.60 -16.01 18.90
CA ASN G 149 10.86 -16.74 18.95
C ASN G 149 11.40 -16.80 20.38
N LYS G 150 10.51 -17.08 21.33
CA LYS G 150 10.82 -17.10 22.76
C LYS G 150 10.34 -18.41 23.34
N TYR G 151 11.28 -19.25 23.81
CA TYR G 151 10.97 -20.59 24.27
C TYR G 151 11.67 -20.88 25.59
N GLY G 152 10.95 -21.55 26.49
CA GLY G 152 11.55 -22.13 27.68
C GLY G 152 11.52 -21.27 28.92
N ARG G 153 10.69 -20.24 28.97
CA ARG G 153 10.62 -19.38 30.15
C ARG G 153 9.30 -18.63 30.11
N PRO G 154 8.81 -18.20 31.27
CA PRO G 154 7.74 -17.19 31.28
C PRO G 154 8.19 -15.94 30.53
N LEU G 155 7.24 -15.23 29.96
CA LEU G 155 7.51 -14.01 29.22
C LEU G 155 7.28 -12.80 30.12
N LEU G 156 8.04 -11.75 29.86
CA LEU G 156 8.09 -10.57 30.71
C LEU G 156 7.26 -9.45 30.11
N GLY G 157 6.45 -8.81 30.94
CA GLY G 157 5.71 -7.63 30.51
C GLY G 157 5.65 -6.57 31.59
N GLY G 158 4.82 -5.55 31.38
CA GLY G 158 4.70 -4.50 32.36
C GLY G 158 3.83 -3.35 31.89
N THR G 159 2.94 -2.88 32.76
CA THR G 159 2.10 -1.73 32.46
C THR G 159 2.88 -0.45 32.64
N ILE G 160 2.76 0.45 31.66
CA ILE G 160 3.39 1.77 31.77
C ILE G 160 2.68 2.56 32.85
N LYS G 161 3.46 3.22 33.71
CA LYS G 161 2.96 4.06 34.79
C LYS G 161 3.60 5.43 34.70
N PRO G 162 2.94 6.48 35.21
CA PRO G 162 1.61 6.56 35.84
C PRO G 162 0.50 6.07 34.92
N LYS G 163 -0.57 5.50 35.48
CA LYS G 163 -1.65 4.96 34.66
C LYS G 163 -2.02 5.94 33.57
N LEU G 164 -2.30 7.19 33.97
CA LEU G 164 -2.68 8.26 33.07
C LEU G 164 -1.84 9.49 33.40
N GLY G 165 -1.65 10.36 32.40
CA GLY G 165 -1.01 11.64 32.60
C GLY G 165 0.25 11.87 31.80
N LEU G 166 0.85 10.83 31.25
CA LEU G 166 2.05 10.98 30.44
C LEU G 166 1.68 11.36 29.02
N SER G 167 2.42 12.32 28.46
CA SER G 167 2.29 12.64 27.05
C SER G 167 2.73 11.44 26.20
N ALA G 168 2.35 11.48 24.93
CA ALA G 168 2.63 10.35 24.04
C ALA G 168 4.13 10.10 23.90
N LYS G 169 4.91 11.17 23.77
CA LYS G 169 6.34 11.01 23.52
C LYS G 169 7.05 10.49 24.76
N GLU G 170 6.75 11.05 25.92
CA GLU G 170 7.36 10.56 27.16
C GLU G 170 6.84 9.17 27.51
N TYR G 171 5.58 8.88 27.19
CA TYR G 171 5.05 7.54 27.36
C TYR G 171 5.88 6.54 26.57
N ALA G 172 6.22 6.86 25.32
CA ALA G 172 7.01 5.96 24.51
C ALA G 172 8.45 5.86 24.99
N ARG G 173 8.95 6.91 25.65
CA ARG G 173 10.28 6.82 26.26
C ARG G 173 10.32 5.74 27.33
N VAL G 174 9.30 5.71 28.21
CA VAL G 174 9.24 4.66 29.22
C VAL G 174 9.18 3.30 28.55
N VAL G 175 8.37 3.17 27.49
CA VAL G 175 8.30 1.92 26.76
C VAL G 175 9.68 1.53 26.24
N TYR G 176 10.38 2.49 25.63
CA TYR G 176 11.70 2.21 25.07
C TYR G 176 12.65 1.71 26.16
N GLU G 177 12.68 2.39 27.31
CA GLU G 177 13.58 1.97 28.38
C GLU G 177 13.24 0.56 28.87
N CYS G 178 11.95 0.25 29.00
CA CYS G 178 11.53 -1.07 29.47
C CYS G 178 11.98 -2.15 28.50
N LEU G 179 11.65 -1.98 27.22
CA LEU G 179 11.94 -3.02 26.24
C LEU G 179 13.45 -3.21 26.06
N ARG G 180 14.20 -2.11 25.98
CA ARG G 180 15.64 -2.22 25.81
C ARG G 180 16.32 -2.81 27.03
N GLY G 181 15.65 -2.79 28.19
CA GLY G 181 16.19 -3.35 29.41
C GLY G 181 15.96 -4.84 29.61
N GLY G 182 15.07 -5.45 28.83
CA GLY G 182 14.91 -6.89 28.90
C GLY G 182 13.48 -7.40 28.96
N LEU G 183 12.50 -6.50 29.13
CA LEU G 183 11.11 -6.93 29.06
C LEU G 183 10.76 -7.33 27.64
N ASP G 184 9.94 -8.37 27.49
CA ASP G 184 9.48 -8.79 26.17
C ASP G 184 8.38 -7.88 25.66
N THR G 185 7.53 -7.37 26.54
CA THR G 185 6.39 -6.56 26.15
C THR G 185 6.16 -5.46 27.17
N THR G 186 5.32 -4.51 26.79
CA THR G 186 4.80 -3.48 27.68
C THR G 186 3.34 -3.27 27.29
N KCX G 187 2.56 -2.60 28.13
CA KCX G 187 1.15 -2.40 27.78
CB KCX G 187 0.26 -3.54 28.37
CG KCX G 187 0.30 -3.50 29.90
CD KCX G 187 -0.44 -4.68 30.53
CE KCX G 187 -1.96 -4.56 30.30
NZ KCX G 187 -2.47 -3.38 30.94
C KCX G 187 0.56 -1.07 28.24
O KCX G 187 1.09 -0.56 29.29
CX KCX G 187 -2.89 -3.34 32.28
OQ1 KCX G 187 -2.81 -4.33 32.99
OQ2 KCX G 187 -3.34 -2.19 32.61
N ASP G 188 -0.41 -0.53 27.51
CA ASP G 188 -1.24 0.56 28.00
C ASP G 188 -1.99 0.09 29.23
N ASP G 189 -2.30 1.01 30.14
CA ASP G 189 -3.20 0.69 31.23
C ASP G 189 -4.61 0.48 30.70
N GLU G 190 -5.39 -0.32 31.43
CA GLU G 190 -6.74 -0.62 30.99
C GLU G 190 -7.55 0.65 30.74
N ASN G 191 -7.30 1.71 31.50
CA ASN G 191 -8.06 2.95 31.40
C ASN G 191 -7.40 3.99 30.51
N LEU G 192 -6.25 3.68 29.91
CA LEU G 192 -5.63 4.56 28.93
C LEU G 192 -6.19 4.20 27.55
N ASN G 193 -7.06 5.07 27.02
CA ASN G 193 -7.65 4.84 25.70
C ASN G 193 -7.23 6.01 24.83
N SER G 194 -8.06 7.04 24.65
CA SER G 194 -7.66 8.29 24.02
C SER G 194 -8.20 9.42 24.87
N GLN G 195 -7.30 10.25 25.40
CA GLN G 195 -7.66 11.29 26.36
C GLN G 195 -6.90 12.57 26.04
N PRO G 196 -7.36 13.71 26.57
CA PRO G 196 -6.76 14.99 26.18
C PRO G 196 -5.25 15.05 26.32
N PHE G 197 -4.70 14.43 27.36
CA PHE G 197 -3.26 14.45 27.60
C PHE G 197 -2.50 13.43 26.76
N ASN G 198 -3.20 12.47 26.13
CA ASN G 198 -2.53 11.37 25.44
C ASN G 198 -3.55 10.76 24.48
N ARG G 199 -3.54 11.26 23.24
CA ARG G 199 -4.46 10.78 22.21
C ARG G 199 -3.90 9.53 21.54
N TRP G 200 -4.82 8.66 21.11
CA TRP G 200 -4.41 7.30 20.76
C TRP G 200 -3.51 7.28 19.52
N ARG G 201 -3.83 8.07 18.49
CA ARG G 201 -2.99 8.08 17.31
C ARG G 201 -1.57 8.51 17.64
N ASP G 202 -1.42 9.55 18.46
CA ASP G 202 -0.10 10.00 18.87
C ASP G 202 0.63 8.90 19.65
N ARG G 203 -0.07 8.24 20.56
CA ARG G 203 0.57 7.20 21.36
C ARG G 203 0.99 6.02 20.48
N PHE G 204 0.07 5.52 19.66
CA PHE G 204 0.39 4.36 18.82
C PHE G 204 1.62 4.65 17.96
N LEU G 205 1.72 5.85 17.40
CA LEU G 205 2.81 6.18 16.49
C LEU G 205 4.15 6.18 17.23
N TYR G 206 4.24 6.89 18.36
CA TYR G 206 5.51 6.99 19.05
C TYR G 206 5.89 5.69 19.74
N VAL G 207 4.90 4.95 20.25
CA VAL G 207 5.19 3.70 20.93
C VAL G 207 5.82 2.70 19.95
N MET G 208 5.27 2.61 18.74
CA MET G 208 5.81 1.64 17.79
C MET G 208 7.22 2.01 17.34
N GLU G 209 7.53 3.31 17.28
CA GLU G 209 8.92 3.70 17.03
C GLU G 209 9.84 3.18 18.14
N ALA G 210 9.41 3.32 19.38
CA ALA G 210 10.19 2.79 20.50
C ALA G 210 10.33 1.28 20.42
N VAL G 211 9.24 0.59 20.05
CA VAL G 211 9.27 -0.87 19.95
C VAL G 211 10.29 -1.29 18.91
N ARG G 212 10.23 -0.69 17.71
CA ARG G 212 11.16 -1.06 16.65
C ARG G 212 12.59 -0.80 17.06
N LYS G 213 12.84 0.31 17.77
CA LYS G 213 14.20 0.65 18.15
C LYS G 213 14.75 -0.32 19.19
N ALA G 214 13.95 -0.60 20.23
CA ALA G 214 14.40 -1.56 21.24
C ALA G 214 14.63 -2.93 20.62
N GLU G 215 13.80 -3.32 19.65
CA GLU G 215 13.97 -4.61 18.99
C GLU G 215 15.29 -4.65 18.23
N ALA G 216 15.60 -3.58 17.49
CA ALA G 216 16.84 -3.56 16.70
C ALA G 216 18.07 -3.57 17.60
N GLU G 217 18.00 -2.89 18.75
CA GLU G 217 19.17 -2.72 19.59
C GLU G 217 19.41 -3.89 20.53
N THR G 218 18.35 -4.59 20.95
CA THR G 218 18.53 -5.76 21.79
C THR G 218 18.68 -7.04 20.99
N GLY G 219 18.14 -7.09 19.77
CA GLY G 219 18.15 -8.29 18.99
C GLY G 219 17.01 -9.25 19.29
N GLU G 220 16.14 -8.92 20.23
CA GLU G 220 15.01 -9.75 20.62
C GLU G 220 13.72 -9.09 20.17
N ARG G 221 12.77 -9.91 19.71
CA ARG G 221 11.49 -9.38 19.24
C ARG G 221 10.71 -8.80 20.40
N LYS G 222 10.01 -7.70 20.14
CA LYS G 222 9.30 -6.95 21.16
C LYS G 222 7.86 -6.71 20.73
N GLY G 223 7.04 -6.33 21.71
CA GLY G 223 5.68 -5.92 21.42
C GLY G 223 5.20 -4.95 22.48
N HIS G 224 4.20 -4.15 22.11
CA HIS G 224 3.48 -3.33 23.06
C HIS G 224 2.00 -3.56 22.86
N TRP G 225 1.28 -3.77 23.95
CA TRP G 225 -0.15 -4.07 23.90
C TRP G 225 -0.91 -2.76 23.79
N LEU G 226 -1.11 -2.32 22.55
CA LEU G 226 -1.79 -1.07 22.27
C LEU G 226 -3.29 -1.21 22.55
N ASN G 227 -3.80 -0.42 23.48
CA ASN G 227 -5.19 -0.53 23.93
C ASN G 227 -6.09 0.14 22.89
N VAL G 228 -6.92 -0.67 22.24
CA VAL G 228 -7.90 -0.16 21.28
C VAL G 228 -9.26 0.08 21.92
N THR G 229 -9.42 -0.25 23.20
CA THR G 229 -10.67 0.01 23.91
C THR G 229 -11.16 1.44 23.63
N ALA G 230 -12.44 1.56 23.30
CA ALA G 230 -13.01 2.84 22.91
C ALA G 230 -14.52 2.81 23.15
N GLY G 231 -15.17 3.93 22.86
CA GLY G 231 -16.58 4.09 23.16
C GLY G 231 -17.53 3.36 22.23
N SER G 232 -17.06 2.97 21.05
CA SER G 232 -17.88 2.26 20.08
C SER G 232 -17.05 1.18 19.40
N THR G 233 -17.75 0.19 18.84
CA THR G 233 -17.06 -0.87 18.11
C THR G 233 -16.31 -0.31 16.90
N GLU G 234 -16.95 0.62 16.18
CA GLU G 234 -16.31 1.20 14.99
C GLU G 234 -14.98 1.85 15.35
N GLU G 235 -14.93 2.59 16.46
CA GLU G 235 -13.70 3.26 16.86
C GLU G 235 -12.63 2.25 17.25
N MET G 236 -13.01 1.17 17.94
CA MET G 236 -12.04 0.14 18.29
C MET G 236 -11.44 -0.49 17.05
N LEU G 237 -12.28 -0.78 16.04
CA LEU G 237 -11.77 -1.39 14.81
C LEU G 237 -10.82 -0.45 14.09
N LYS G 238 -11.11 0.85 14.13
CA LYS G 238 -10.23 1.83 13.51
C LYS G 238 -8.88 1.87 14.20
N ARG G 239 -8.86 1.75 15.53
CA ARG G 239 -7.59 1.76 16.25
C ARG G 239 -6.82 0.46 16.03
N ALA G 240 -7.52 -0.67 15.88
CA ALA G 240 -6.83 -1.91 15.53
C ALA G 240 -6.19 -1.82 14.15
N GLU G 241 -6.88 -1.19 13.20
CA GLU G 241 -6.33 -1.03 11.86
C GLU G 241 -5.04 -0.23 11.87
N PHE G 242 -5.01 0.87 12.64
CA PHE G 242 -3.80 1.68 12.69
C PHE G 242 -2.66 0.91 13.33
N ALA G 243 -2.94 0.17 14.40
CA ALA G 243 -1.91 -0.67 15.01
C ALA G 243 -1.30 -1.63 13.99
N ALA G 244 -2.15 -2.23 13.14
CA ALA G 244 -1.64 -3.16 12.14
C ALA G 244 -0.84 -2.43 11.06
N GLU G 245 -1.31 -1.24 10.66
CA GLU G 245 -0.57 -0.45 9.68
C GLU G 245 0.83 -0.14 10.18
N LEU G 246 0.99 0.07 11.49
CA LEU G 246 2.29 0.38 12.08
C LEU G 246 3.13 -0.86 12.33
N GLY G 247 2.63 -2.05 12.01
CA GLY G 247 3.41 -3.26 12.20
C GLY G 247 3.41 -3.80 13.60
N SER G 248 2.43 -3.43 14.42
CA SER G 248 2.35 -3.97 15.77
C SER G 248 1.99 -5.44 15.73
N ARG G 249 2.65 -6.24 16.57
CA ARG G 249 2.26 -7.63 16.75
C ARG G 249 1.04 -7.78 17.64
N TYR G 250 0.65 -6.74 18.39
CA TYR G 250 -0.34 -6.87 19.42
C TYR G 250 -1.33 -5.71 19.38
N ILE G 251 -2.55 -6.00 19.82
CA ILE G 251 -3.48 -4.98 20.32
C ILE G 251 -4.03 -5.48 21.65
N MET G 252 -4.64 -4.57 22.40
CA MET G 252 -5.20 -4.86 23.70
C MET G 252 -6.66 -4.42 23.73
N VAL G 253 -7.49 -5.17 24.44
CA VAL G 253 -8.91 -4.85 24.56
C VAL G 253 -9.38 -5.21 25.97
N ASP G 254 -10.09 -4.27 26.60
CA ASP G 254 -10.80 -4.52 27.86
C ASP G 254 -12.11 -5.21 27.48
N PHE G 255 -12.10 -6.55 27.50
CA PHE G 255 -13.19 -7.27 26.85
C PHE G 255 -14.49 -7.21 27.64
N LEU G 256 -14.44 -6.93 28.94
CA LEU G 256 -15.66 -6.85 29.74
C LEU G 256 -16.26 -5.44 29.74
N THR G 257 -15.43 -4.39 29.79
CA THR G 257 -15.98 -3.03 29.76
C THR G 257 -16.44 -2.67 28.35
N ALA G 258 -15.70 -3.07 27.33
CA ALA G 258 -16.18 -2.89 25.97
C ALA G 258 -17.37 -3.79 25.69
N GLY G 259 -17.36 -5.00 26.24
CA GLY G 259 -18.47 -5.92 26.10
C GLY G 259 -18.19 -7.00 25.08
N PHE G 260 -18.95 -8.10 25.18
CA PHE G 260 -18.64 -9.30 24.41
C PHE G 260 -18.99 -9.14 22.94
N ALA G 261 -20.04 -8.39 22.62
CA ALA G 261 -20.39 -8.19 21.20
C ALA G 261 -19.27 -7.45 20.47
N ALA G 262 -18.81 -6.34 21.06
CA ALA G 262 -17.69 -5.63 20.44
C ALA G 262 -16.39 -6.42 20.57
N PHE G 263 -16.24 -7.17 21.65
CA PHE G 263 -15.08 -8.06 21.78
C PHE G 263 -14.99 -9.02 20.60
N ALA G 264 -16.11 -9.65 20.25
CA ALA G 264 -16.11 -10.59 19.14
C ALA G 264 -15.78 -9.89 17.83
N SER G 265 -16.26 -8.66 17.66
CA SER G 265 -15.92 -7.89 16.47
C SER G 265 -14.41 -7.66 16.39
N VAL G 266 -13.80 -7.26 17.51
CA VAL G 266 -12.37 -6.99 17.51
C VAL G 266 -11.56 -8.26 17.28
N ARG G 267 -12.02 -9.39 17.84
CA ARG G 267 -11.29 -10.64 17.67
C ARG G 267 -11.31 -11.07 16.21
N ARG G 268 -12.43 -10.90 15.53
CA ARG G 268 -12.49 -11.19 14.10
C ARG G 268 -11.51 -10.32 13.33
N ARG G 269 -11.52 -9.01 13.60
CA ARG G 269 -10.61 -8.11 12.92
C ARG G 269 -9.16 -8.42 13.25
N ALA G 270 -8.88 -8.77 14.51
CA ALA G 270 -7.52 -9.09 14.90
C ALA G 270 -6.96 -10.24 14.06
N GLU G 271 -7.75 -11.29 13.86
CA GLU G 271 -7.29 -12.40 13.02
C GLU G 271 -7.08 -11.94 11.59
N GLU G 272 -8.01 -11.15 11.04
CA GLU G 272 -7.89 -10.69 9.67
C GLU G 272 -6.62 -9.89 9.45
N LEU G 273 -6.19 -9.13 10.46
CA LEU G 273 -5.03 -8.26 10.35
C LEU G 273 -3.74 -8.91 10.81
N GLY G 274 -3.80 -10.12 11.34
CA GLY G 274 -2.62 -10.80 11.83
C GLY G 274 -2.16 -10.39 13.21
N LEU G 275 -3.02 -9.70 13.96
CA LEU G 275 -2.67 -9.21 15.29
C LEU G 275 -2.94 -10.25 16.36
N MET G 276 -2.08 -10.26 17.38
CA MET G 276 -2.32 -11.03 18.59
C MET G 276 -3.10 -10.16 19.57
N LEU G 277 -4.03 -10.78 20.29
CA LEU G 277 -5.06 -10.06 21.02
C LEU G 277 -4.89 -10.29 22.52
N HIS G 278 -4.34 -9.29 23.20
CA HIS G 278 -4.28 -9.31 24.67
C HIS G 278 -5.60 -8.80 25.23
N CYS G 279 -6.13 -9.50 26.23
CA CYS G 279 -7.43 -9.20 26.80
C CYS G 279 -7.29 -8.87 28.28
N HIS G 280 -7.72 -7.66 28.64
CA HIS G 280 -7.73 -7.19 30.02
C HIS G 280 -9.13 -7.40 30.60
N ARG G 281 -9.18 -7.89 31.84
CA ARG G 281 -10.44 -8.27 32.46
C ARG G 281 -11.01 -7.19 33.36
N ALA G 282 -10.71 -5.92 33.05
CA ALA G 282 -11.23 -4.81 33.84
C ALA G 282 -12.72 -4.97 34.05
N MET G 283 -13.17 -4.72 35.29
CA MET G 283 -14.55 -4.79 35.77
C MET G 283 -14.89 -6.18 36.30
N HIS G 284 -14.06 -7.20 36.09
CA HIS G 284 -14.44 -8.55 36.47
C HIS G 284 -14.76 -8.64 37.96
N ALA G 285 -14.01 -7.92 38.79
CA ALA G 285 -14.20 -8.01 40.24
C ALA G 285 -15.54 -7.41 40.67
N VAL G 286 -16.16 -6.60 39.83
CA VAL G 286 -17.46 -6.04 40.16
C VAL G 286 -18.48 -7.15 40.44
N PHE G 287 -18.30 -8.32 39.83
CA PHE G 287 -19.25 -9.40 40.03
C PHE G 287 -18.64 -10.78 40.30
N ASP G 288 -17.33 -10.92 40.34
CA ASP G 288 -16.73 -12.22 40.65
C ASP G 288 -16.01 -12.24 41.99
N ARG G 289 -16.04 -11.14 42.75
CA ARG G 289 -15.30 -11.07 44.00
C ARG G 289 -16.00 -11.83 45.13
N GLN G 290 -17.31 -11.62 45.28
CA GLN G 290 -17.95 -12.15 46.48
C GLN G 290 -18.40 -13.59 46.27
N PRO G 291 -18.27 -14.45 47.29
CA PRO G 291 -18.61 -15.87 47.11
C PRO G 291 -20.08 -16.18 47.20
N ASN G 292 -20.92 -15.23 47.61
CA ASN G 292 -22.35 -15.47 47.75
C ASN G 292 -23.16 -15.04 46.53
N HIS G 293 -22.65 -14.13 45.71
CA HIS G 293 -23.45 -13.58 44.62
C HIS G 293 -22.55 -13.13 43.49
N GLY G 294 -22.93 -13.48 42.26
CA GLY G 294 -22.21 -13.04 41.08
C GLY G 294 -21.80 -14.19 40.16
N ILE G 295 -20.70 -14.00 39.45
CA ILE G 295 -20.16 -14.99 38.51
C ILE G 295 -18.69 -15.16 38.82
N HIS G 296 -18.28 -16.39 39.13
CA HIS G 296 -16.86 -16.63 39.35
C HIS G 296 -16.08 -16.45 38.05
N PHE G 297 -14.84 -15.98 38.17
CA PHE G 297 -14.08 -15.63 36.98
C PHE G 297 -13.84 -16.81 36.06
N ARG G 298 -13.82 -18.04 36.61
CA ARG G 298 -13.57 -19.20 35.76
C ARG G 298 -14.61 -19.32 34.65
N VAL G 299 -15.83 -18.88 34.91
CA VAL G 299 -16.85 -18.86 33.85
C VAL G 299 -16.50 -17.79 32.82
N LEU G 300 -16.06 -16.62 33.29
CA LEU G 300 -15.64 -15.58 32.36
C LEU G 300 -14.44 -16.03 31.53
N ALA G 301 -13.56 -16.83 32.13
CA ALA G 301 -12.37 -17.30 31.42
C ALA G 301 -12.74 -18.29 30.31
N LYS G 302 -13.72 -19.16 30.57
CA LYS G 302 -14.19 -20.05 29.51
C LYS G 302 -14.76 -19.25 28.35
N TRP G 303 -15.65 -18.30 28.63
CA TRP G 303 -16.20 -17.46 27.58
C TRP G 303 -15.08 -16.72 26.85
N LEU G 304 -14.07 -16.25 27.59
CA LEU G 304 -12.93 -15.57 26.97
C LEU G 304 -12.23 -16.47 25.97
N ARG G 305 -11.94 -17.72 26.36
CA ARG G 305 -11.25 -18.62 25.44
C ARG G 305 -12.13 -18.98 24.25
N MET G 306 -13.45 -18.99 24.43
CA MET G 306 -14.35 -19.35 23.34
C MET G 306 -14.36 -18.27 22.27
N VAL G 307 -14.51 -17.01 22.66
CA VAL G 307 -14.48 -15.92 21.69
C VAL G 307 -13.13 -15.89 20.98
N GLY G 308 -12.05 -15.91 21.76
CA GLY G 308 -10.72 -16.01 21.20
C GLY G 308 -9.77 -14.93 21.65
N GLY G 309 -9.55 -14.82 22.96
CA GLY G 309 -8.44 -14.02 23.45
C GLY G 309 -7.15 -14.81 23.42
N ASP G 310 -6.06 -14.14 23.07
CA ASP G 310 -4.75 -14.80 23.06
C ASP G 310 -4.13 -14.83 24.45
N HIS G 311 -4.34 -13.77 25.24
CA HIS G 311 -4.03 -13.79 26.66
C HIS G 311 -5.24 -13.31 27.44
N VAL G 312 -5.24 -13.59 28.74
CA VAL G 312 -6.13 -12.91 29.68
C VAL G 312 -5.48 -12.93 31.04
N HIS G 313 -5.70 -11.86 31.81
CA HIS G 313 -5.20 -11.80 33.17
C HIS G 313 -5.92 -12.86 34.02
N THR G 314 -5.16 -13.50 34.90
CA THR G 314 -5.68 -14.56 35.74
C THR G 314 -5.47 -14.32 37.23
N GLY G 315 -4.72 -13.30 37.61
CA GLY G 315 -4.35 -13.10 38.99
C GLY G 315 -2.95 -13.59 39.29
N THR G 316 -2.41 -13.13 40.43
CA THR G 316 -1.07 -13.46 40.85
C THR G 316 -1.00 -14.34 42.09
N VAL G 317 -2.08 -14.41 42.87
CA VAL G 317 -2.11 -15.08 44.16
C VAL G 317 -1.35 -14.27 45.19
N VAL G 318 -0.11 -13.90 44.88
CA VAL G 318 0.77 -13.27 45.87
C VAL G 318 0.81 -11.75 45.78
N GLY G 319 0.14 -11.15 44.79
CA GLY G 319 0.22 -9.73 44.56
C GLY G 319 -0.85 -8.93 45.28
N LYS G 320 -1.13 -7.74 44.73
CA LYS G 320 -1.99 -6.77 45.40
C LYS G 320 -3.48 -7.03 45.19
N LEU G 321 -3.86 -7.87 44.24
CA LEU G 321 -5.25 -8.15 43.96
C LEU G 321 -5.60 -9.58 44.38
N GLU G 322 -6.85 -9.78 44.78
CA GLU G 322 -7.25 -11.01 45.43
C GLU G 322 -7.36 -12.17 44.44
N GLY G 323 -7.10 -13.37 44.93
CA GLY G 323 -7.18 -14.58 44.15
C GLY G 323 -6.40 -15.69 44.82
N ASP G 324 -7.06 -16.79 45.18
CA ASP G 324 -6.38 -17.85 45.91
C ASP G 324 -5.68 -18.80 44.94
N ARG G 325 -4.75 -19.58 45.50
CA ARG G 325 -3.93 -20.47 44.67
C ARG G 325 -4.78 -21.53 43.97
N ALA G 326 -5.69 -22.17 44.73
CA ALA G 326 -6.44 -23.29 44.17
C ALA G 326 -7.29 -22.86 42.98
N GLU G 327 -8.08 -21.80 43.15
CA GLU G 327 -8.93 -21.33 42.06
C GLU G 327 -8.10 -20.81 40.89
N THR G 328 -6.95 -20.21 41.17
CA THR G 328 -6.09 -19.71 40.09
C THR G 328 -5.50 -20.86 39.29
N LEU G 329 -5.11 -21.95 39.97
CA LEU G 329 -4.61 -23.12 39.26
C LEU G 329 -5.69 -23.71 38.37
N GLY G 330 -6.93 -23.77 38.85
CA GLY G 330 -8.01 -24.28 38.03
C GLY G 330 -8.27 -23.41 36.81
N ILE G 331 -8.16 -22.09 36.98
CA ILE G 331 -8.36 -21.19 35.85
C ILE G 331 -7.26 -21.36 34.82
N ALA G 332 -6.01 -21.45 35.27
CA ALA G 332 -4.90 -21.66 34.34
C ALA G 332 -5.12 -22.94 33.53
N ASP G 333 -5.59 -24.00 34.18
CA ASP G 333 -5.87 -25.24 33.45
C ASP G 333 -6.98 -25.02 32.42
N LEU G 334 -8.06 -24.35 32.82
CA LEU G 334 -9.16 -24.11 31.88
C LEU G 334 -8.70 -23.31 30.67
N LEU G 335 -7.64 -22.52 30.81
CA LEU G 335 -7.16 -21.68 29.72
C LEU G 335 -6.17 -22.39 28.81
N ARG G 336 -5.39 -23.34 29.34
CA ARG G 336 -4.25 -23.88 28.62
C ARG G 336 -4.40 -25.33 28.19
N GLU G 337 -5.24 -26.11 28.86
CA GLU G 337 -5.33 -27.53 28.58
C GLU G 337 -6.46 -27.83 27.58
N ASP G 338 -6.35 -28.99 26.93
CA ASP G 338 -7.38 -29.41 25.99
C ASP G 338 -8.53 -30.13 26.68
N TYR G 339 -8.30 -30.68 27.87
CA TYR G 339 -9.34 -31.32 28.65
C TYR G 339 -9.03 -31.12 30.12
N VAL G 340 -10.02 -30.67 30.89
CA VAL G 340 -9.83 -30.37 32.30
C VAL G 340 -10.88 -31.15 33.10
N PRO G 341 -10.49 -32.15 33.89
CA PRO G 341 -11.48 -32.85 34.71
C PRO G 341 -11.96 -31.98 35.85
N ALA G 342 -13.11 -32.35 36.40
CA ALA G 342 -13.71 -31.58 37.48
C ALA G 342 -12.83 -31.66 38.73
N ASP G 343 -12.99 -30.64 39.59
CA ASP G 343 -12.31 -30.58 40.87
C ASP G 343 -12.98 -29.51 41.72
N PRO G 344 -14.07 -29.83 42.42
CA PRO G 344 -14.76 -28.80 43.20
C PRO G 344 -13.87 -28.08 44.20
N GLY G 345 -12.78 -28.69 44.64
CA GLY G 345 -11.86 -28.00 45.52
C GLY G 345 -11.29 -26.75 44.89
N ARG G 346 -11.18 -26.72 43.57
CA ARG G 346 -10.77 -25.55 42.82
C ARG G 346 -11.96 -24.82 42.21
N GLY G 347 -13.18 -25.19 42.60
CA GLY G 347 -14.38 -24.59 42.04
C GLY G 347 -14.78 -25.13 40.69
N LEU G 348 -14.09 -26.16 40.19
CA LEU G 348 -14.45 -26.80 38.92
C LEU G 348 -15.46 -27.91 39.22
N PHE G 349 -16.73 -27.62 38.95
CA PHE G 349 -17.79 -28.59 39.21
C PHE G 349 -18.02 -29.54 38.05
N PHE G 350 -17.54 -29.21 36.86
CA PHE G 350 -17.73 -30.05 35.68
C PHE G 350 -16.39 -30.33 35.03
N ASP G 351 -16.35 -31.41 34.26
CA ASP G 351 -15.30 -31.60 33.27
C ASP G 351 -15.50 -30.59 32.14
N GLN G 352 -14.40 -30.23 31.48
CA GLN G 352 -14.48 -29.30 30.35
C GLN G 352 -13.57 -29.79 29.24
N ASP G 353 -14.15 -30.17 28.11
CA ASP G 353 -13.41 -30.51 26.91
C ASP G 353 -13.32 -29.28 26.02
N TRP G 354 -12.13 -29.03 25.47
CA TRP G 354 -11.93 -27.90 24.58
C TRP G 354 -11.82 -28.28 23.12
N ALA G 355 -11.77 -29.58 22.80
CA ALA G 355 -11.94 -30.09 21.44
C ALA G 355 -11.10 -29.30 20.43
N GLY G 356 -9.84 -29.04 20.78
CA GLY G 356 -8.88 -28.51 19.84
C GLY G 356 -8.79 -27.00 19.78
N LEU G 357 -9.66 -26.27 20.47
CA LEU G 357 -9.52 -24.82 20.54
C LEU G 357 -8.17 -24.47 21.15
N LYS G 358 -7.55 -23.40 20.64
CA LYS G 358 -6.21 -23.04 21.05
C LYS G 358 -6.18 -22.64 22.52
N PRO G 359 -5.03 -22.81 23.18
CA PRO G 359 -4.89 -22.35 24.57
C PRO G 359 -4.58 -20.87 24.68
N VAL G 360 -4.95 -20.29 25.82
CA VAL G 360 -4.79 -18.88 26.12
C VAL G 360 -3.62 -18.70 27.09
N PHE G 361 -2.82 -17.65 26.88
CA PHE G 361 -1.75 -17.30 27.80
C PHE G 361 -2.31 -16.70 29.08
N PRO G 362 -2.14 -17.33 30.24
CA PRO G 362 -2.44 -16.62 31.49
C PRO G 362 -1.44 -15.49 31.72
N VAL G 363 -1.93 -14.40 32.31
CA VAL G 363 -1.13 -13.19 32.54
C VAL G 363 -1.25 -12.84 34.02
N ALA G 364 -0.12 -12.92 34.74
CA ALA G 364 -0.05 -12.62 36.16
C ALA G 364 0.47 -11.20 36.34
N SER G 365 -0.35 -10.34 36.94
CA SER G 365 -0.04 -8.91 37.00
C SER G 365 -0.66 -8.29 38.23
N GLY G 366 0.06 -7.34 38.83
CA GLY G 366 -0.50 -6.53 39.91
C GLY G 366 0.23 -6.64 41.23
N GLY G 367 1.07 -5.65 41.52
CA GLY G 367 1.73 -5.58 42.80
C GLY G 367 2.83 -6.58 43.03
N ILE G 368 3.42 -7.13 41.96
CA ILE G 368 4.45 -8.14 42.11
C ILE G 368 5.82 -7.53 41.80
N HIS G 369 6.85 -8.16 42.36
CA HIS G 369 8.22 -7.71 42.18
C HIS G 369 9.13 -8.95 42.22
N VAL G 370 10.44 -8.70 42.26
CA VAL G 370 11.41 -9.76 42.00
C VAL G 370 11.25 -10.93 42.97
N TRP G 371 10.95 -10.65 44.24
CA TRP G 371 10.88 -11.72 45.22
C TRP G 371 9.72 -12.69 44.95
N HIS G 372 8.73 -12.27 44.18
CA HIS G 372 7.60 -13.14 43.88
C HIS G 372 7.88 -14.13 42.75
N VAL G 373 9.02 -13.99 42.06
CA VAL G 373 9.25 -14.79 40.85
C VAL G 373 9.29 -16.28 41.16
N PRO G 374 9.99 -16.74 42.20
CA PRO G 374 9.94 -18.19 42.50
C PRO G 374 8.53 -18.72 42.67
N ASP G 375 7.69 -18.04 43.45
CA ASP G 375 6.31 -18.48 43.61
C ASP G 375 5.58 -18.49 42.26
N LEU G 376 5.77 -17.45 41.46
CA LEU G 376 5.06 -17.35 40.19
C LEU G 376 5.47 -18.46 39.23
N VAL G 377 6.78 -18.72 39.11
CA VAL G 377 7.23 -19.82 38.26
C VAL G 377 6.65 -21.15 38.77
N SER G 378 6.53 -21.29 40.10
CA SER G 378 6.01 -22.52 40.67
C SER G 378 4.51 -22.66 40.40
N ILE G 379 3.78 -21.55 40.40
CA ILE G 379 2.34 -21.62 40.19
C ILE G 379 2.02 -21.86 38.72
N PHE G 380 2.66 -21.11 37.82
CA PHE G 380 2.25 -21.08 36.42
C PHE G 380 3.13 -21.91 35.50
N GLY G 381 4.39 -22.17 35.86
CA GLY G 381 5.28 -22.80 34.91
C GLY G 381 5.72 -21.81 33.84
N ASP G 382 6.10 -22.37 32.69
CA ASP G 382 6.68 -21.54 31.62
C ASP G 382 5.61 -20.72 30.91
N ASP G 383 4.41 -21.28 30.70
CA ASP G 383 3.44 -20.69 29.78
C ASP G 383 2.60 -19.65 30.51
N ALA G 384 3.20 -18.48 30.69
CA ALA G 384 2.51 -17.35 31.30
C ALA G 384 3.33 -16.09 31.03
N PHE G 385 2.65 -14.95 31.08
CA PHE G 385 3.29 -13.65 31.18
C PHE G 385 3.30 -13.21 32.65
N PHE G 386 4.42 -12.65 33.10
CA PHE G 386 4.52 -11.96 34.37
C PHE G 386 4.70 -10.47 34.06
N LEU G 387 3.78 -9.64 34.57
CA LEU G 387 3.81 -8.20 34.30
C LEU G 387 4.30 -7.46 35.54
N PHE G 388 5.27 -6.58 35.33
CA PHE G 388 5.84 -5.75 36.39
C PHE G 388 5.71 -4.29 35.95
N GLY G 389 4.67 -3.61 36.44
CA GLY G 389 4.51 -2.20 36.18
C GLY G 389 5.28 -1.37 37.18
N GLY G 390 4.69 -1.16 38.36
CA GLY G 390 5.43 -0.54 39.44
C GLY G 390 6.73 -1.25 39.75
N GLY G 391 6.74 -2.57 39.60
CA GLY G 391 7.95 -3.35 39.85
C GLY G 391 9.04 -3.18 38.82
N THR G 392 8.78 -2.42 37.75
CA THR G 392 9.80 -2.05 36.78
C THR G 392 10.17 -0.57 36.92
N HIS G 393 9.20 0.32 36.75
CA HIS G 393 9.47 1.74 36.81
C HIS G 393 9.82 2.21 38.21
N GLY G 394 9.42 1.46 39.24
CA GLY G 394 9.75 1.79 40.60
C GLY G 394 11.16 1.41 41.02
N HIS G 395 11.95 0.88 40.11
CA HIS G 395 13.33 0.55 40.43
C HIS G 395 14.10 1.82 40.78
N PRO G 396 15.04 1.77 41.73
CA PRO G 396 15.76 2.99 42.11
C PRO G 396 16.44 3.70 40.95
N ARG G 397 16.80 2.97 39.88
CA ARG G 397 17.50 3.56 38.75
C ARG G 397 16.66 3.62 37.48
N GLY G 398 15.35 3.43 37.59
CA GLY G 398 14.47 3.63 36.46
C GLY G 398 14.04 2.34 35.78
N SER G 399 13.36 2.53 34.64
CA SER G 399 12.66 1.41 34.01
C SER G 399 13.61 0.44 33.31
N ARG G 400 14.69 0.95 32.71
CA ARG G 400 15.65 0.05 32.08
C ARG G 400 16.24 -0.91 33.10
N ALA G 401 16.77 -0.37 34.20
CA ALA G 401 17.32 -1.22 35.24
C ALA G 401 16.26 -2.15 35.82
N GLY G 402 15.05 -1.64 36.02
CA GLY G 402 13.98 -2.48 36.56
C GLY G 402 13.65 -3.65 35.66
N ALA G 403 13.62 -3.41 34.35
CA ALA G 403 13.36 -4.49 33.40
C ALA G 403 14.44 -5.56 33.46
N THR G 404 15.70 -5.14 33.48
CA THR G 404 16.80 -6.10 33.58
C THR G 404 16.65 -6.96 34.83
N ALA G 405 16.34 -6.32 35.97
CA ALA G 405 16.18 -7.07 37.21
C ALA G 405 15.11 -8.16 37.08
N ASN G 406 13.93 -7.79 36.57
CA ASN G 406 12.85 -8.75 36.45
C ASN G 406 13.21 -9.86 35.46
N ARG G 407 13.85 -9.50 34.34
CA ARG G 407 14.24 -10.51 33.36
C ARG G 407 15.26 -11.48 33.95
N VAL G 408 16.23 -10.97 34.70
CA VAL G 408 17.25 -11.84 35.29
C VAL G 408 16.62 -12.75 36.35
N ALA G 409 15.70 -12.21 37.14
CA ALA G 409 15.06 -13.02 38.17
C ALA G 409 14.33 -14.21 37.56
N VAL G 410 13.60 -13.99 36.47
CA VAL G 410 12.88 -15.09 35.82
C VAL G 410 13.86 -16.11 35.25
N GLU G 411 14.88 -15.64 34.55
CA GLU G 411 15.82 -16.57 33.92
C GLU G 411 16.58 -17.37 34.98
N ALA G 412 16.99 -16.72 36.08
CA ALA G 412 17.72 -17.43 37.11
C ALA G 412 16.86 -18.51 37.74
N VAL G 413 15.58 -18.23 37.99
CA VAL G 413 14.71 -19.23 38.59
C VAL G 413 14.45 -20.38 37.60
N VAL G 414 14.23 -20.06 36.33
CA VAL G 414 14.04 -21.10 35.33
C VAL G 414 15.27 -21.99 35.26
N GLN G 415 16.46 -21.38 35.18
CA GLN G 415 17.70 -22.16 35.14
C GLN G 415 17.76 -23.12 36.34
N ALA G 416 17.51 -22.60 37.54
CA ALA G 416 17.60 -23.42 38.74
C ALA G 416 16.60 -24.57 38.70
N ARG G 417 15.37 -24.28 38.25
CA ARG G 417 14.36 -25.34 38.15
C ARG G 417 14.81 -26.44 37.20
N ASN G 418 15.29 -26.05 36.01
CA ASN G 418 15.73 -27.03 35.03
C ASN G 418 16.90 -27.86 35.55
N GLU G 419 17.73 -27.29 36.41
CA GLU G 419 18.85 -28.02 36.99
C GLU G 419 18.42 -28.99 38.08
N GLY G 420 17.14 -28.99 38.46
CA GLY G 420 16.65 -29.89 39.48
C GLY G 420 16.52 -29.31 40.87
N ARG G 421 16.71 -28.00 41.03
CA ARG G 421 16.59 -27.37 42.33
C ARG G 421 15.13 -27.12 42.67
N ASP G 422 14.83 -27.13 43.96
CA ASP G 422 13.50 -26.86 44.48
C ASP G 422 13.34 -25.34 44.59
N ILE G 423 12.60 -24.74 43.64
CA ILE G 423 12.52 -23.29 43.56
C ILE G 423 11.62 -22.69 44.63
N LEU G 424 10.84 -23.50 45.34
CA LEU G 424 10.12 -22.99 46.50
C LEU G 424 11.02 -22.96 47.73
N ALA G 425 11.70 -24.08 48.01
CA ALA G 425 12.56 -24.14 49.19
C ALA G 425 13.79 -23.25 49.00
N GLU G 426 14.35 -23.20 47.80
CA GLU G 426 15.53 -22.42 47.51
C GLU G 426 15.23 -21.14 46.74
N GLY G 427 13.97 -20.73 46.66
CA GLY G 427 13.59 -19.56 45.90
C GLY G 427 14.40 -18.33 46.25
N ARG G 428 14.41 -17.96 47.53
CA ARG G 428 15.17 -16.80 47.96
C ARG G 428 16.66 -16.99 47.72
N GLU G 429 17.18 -18.19 47.99
CA GLU G 429 18.59 -18.47 47.77
C GLU G 429 18.96 -18.29 46.29
N ILE G 430 18.10 -18.78 45.39
CA ILE G 430 18.38 -18.64 43.96
C ILE G 430 18.48 -17.18 43.58
N LEU G 431 17.54 -16.37 44.05
CA LEU G 431 17.59 -14.94 43.76
C LEU G 431 18.83 -14.30 44.35
N GLU G 432 19.21 -14.71 45.57
CA GLU G 432 20.38 -14.12 46.22
C GLU G 432 21.67 -14.50 45.50
N GLU G 433 21.72 -15.69 44.89
CA GLU G 433 22.88 -16.05 44.08
C GLU G 433 22.93 -15.24 42.78
N ALA G 434 21.77 -15.07 42.13
CA ALA G 434 21.73 -14.34 40.87
C ALA G 434 22.10 -12.87 41.07
N ALA G 435 21.76 -12.30 42.23
CA ALA G 435 22.06 -10.90 42.47
C ALA G 435 23.56 -10.63 42.48
N ARG G 436 24.38 -11.65 42.74
CA ARG G 436 25.82 -11.46 42.73
C ARG G 436 26.36 -11.12 41.35
N SER G 437 25.62 -11.42 40.28
CA SER G 437 26.02 -11.10 38.93
C SER G 437 25.10 -10.08 38.26
N CYS G 438 24.25 -9.40 39.03
CA CYS G 438 23.29 -8.46 38.47
C CYS G 438 22.97 -7.40 39.49
N PRO G 439 23.69 -6.27 39.46
CA PRO G 439 23.41 -5.20 40.43
C PRO G 439 21.99 -4.66 40.33
N GLU G 440 21.38 -4.67 39.14
CA GLU G 440 20.00 -4.24 39.02
C GLU G 440 19.08 -5.11 39.87
N LEU G 441 19.30 -6.43 39.84
CA LEU G 441 18.48 -7.32 40.66
C LEU G 441 18.73 -7.08 42.15
N ARG G 442 20.00 -6.91 42.54
CA ARG G 442 20.32 -6.62 43.93
C ARG G 442 19.53 -5.42 44.44
N GLU G 443 19.54 -4.34 43.65
CA GLU G 443 18.88 -3.10 44.09
C GLU G 443 17.37 -3.28 44.20
N ALA G 444 16.77 -4.06 43.30
CA ALA G 444 15.35 -4.34 43.40
C ALA G 444 15.05 -5.18 44.63
N MET G 445 15.85 -6.22 44.88
CA MET G 445 15.63 -7.07 46.04
C MET G 445 15.75 -6.26 47.34
N GLU G 446 16.68 -5.31 47.38
CA GLU G 446 16.84 -4.50 48.59
C GLU G 446 15.68 -3.54 48.77
N LEU G 447 15.16 -2.99 47.68
CA LEU G 447 14.10 -1.99 47.78
C LEU G 447 12.80 -2.60 48.30
N TRP G 448 12.40 -3.74 47.73
CA TRP G 448 11.08 -4.32 48.02
C TRP G 448 11.15 -5.56 48.89
N GLY G 449 12.28 -5.77 49.57
CA GLY G 449 12.45 -6.96 50.39
C GLY G 449 11.47 -7.08 51.54
N ASP G 450 10.84 -5.98 51.93
CA ASP G 450 9.87 -5.99 53.03
C ASP G 450 8.44 -5.78 52.55
N VAL G 451 8.19 -5.88 51.26
CA VAL G 451 6.86 -5.64 50.69
C VAL G 451 6.21 -7.00 50.44
N LYS G 452 5.13 -7.27 51.16
CA LYS G 452 4.44 -8.55 51.08
C LYS G 452 2.94 -8.32 51.19
N PHE G 453 2.19 -9.15 50.48
CA PHE G 453 0.73 -9.16 50.57
C PHE G 453 0.27 -10.49 51.17
N GLU G 454 -0.89 -10.45 51.82
CA GLU G 454 -1.44 -11.66 52.42
C GLU G 454 -1.93 -12.61 51.34
N VAL G 455 -1.77 -13.91 51.61
CA VAL G 455 -2.14 -14.94 50.64
C VAL G 455 -3.24 -15.82 51.23
N MET H 1 24.29 -7.40 22.03
CA MET H 1 22.91 -7.90 21.78
C MET H 1 22.62 -9.12 22.65
N HIS H 2 21.34 -9.44 22.80
CA HIS H 2 20.91 -10.59 23.58
C HIS H 2 20.27 -11.63 22.66
N THR H 3 20.18 -12.86 23.18
CA THR H 3 19.76 -14.02 22.41
C THR H 3 18.74 -14.84 23.18
N GLU H 4 17.79 -14.17 23.79
CA GLU H 4 16.63 -14.81 24.45
C GLU H 4 17.08 -15.62 25.66
N THR H 5 16.49 -16.79 25.87
CA THR H 5 16.52 -17.45 27.18
C THR H 5 17.94 -17.68 27.66
N PHE H 6 18.21 -17.24 28.89
CA PHE H 6 19.47 -17.34 29.63
C PHE H 6 20.51 -16.32 29.16
N SER H 7 20.21 -15.48 28.17
CA SER H 7 21.19 -14.52 27.70
C SER H 7 21.34 -13.32 28.64
N TYR H 8 20.50 -13.20 29.66
CA TYR H 8 20.67 -12.18 30.69
C TYR H 8 21.35 -12.73 31.94
N LEU H 9 21.73 -14.00 31.93
CA LEU H 9 22.58 -14.60 32.94
C LEU H 9 24.02 -14.63 32.46
N PRO H 10 24.98 -14.88 33.35
CA PRO H 10 26.35 -15.07 32.90
C PRO H 10 26.44 -16.18 31.88
N PRO H 11 27.42 -16.13 30.98
CA PRO H 11 27.56 -17.21 30.00
C PRO H 11 27.63 -18.57 30.68
N LEU H 12 26.96 -19.55 30.07
CA LEU H 12 26.84 -20.86 30.69
C LEU H 12 28.15 -21.63 30.60
N THR H 13 28.53 -22.27 31.71
CA THR H 13 29.61 -23.22 31.68
C THR H 13 29.15 -24.52 31.01
N ASP H 14 30.12 -25.35 30.62
CA ASP H 14 29.78 -26.62 30.00
C ASP H 14 28.92 -27.48 30.90
N GLU H 15 29.16 -27.42 32.22
CA GLU H 15 28.34 -28.20 33.14
C GLU H 15 26.93 -27.64 33.24
N GLU H 16 26.78 -26.31 33.21
CA GLU H 16 25.46 -25.71 33.20
C GLU H 16 24.71 -26.06 31.91
N ILE H 17 25.41 -26.03 30.78
CA ILE H 17 24.78 -26.41 29.51
C ILE H 17 24.33 -27.87 29.58
N LYS H 18 25.21 -28.76 30.03
CA LYS H 18 24.88 -30.17 30.11
C LYS H 18 23.64 -30.40 30.97
N LYS H 19 23.52 -29.65 32.07
CA LYS H 19 22.33 -29.79 32.92
C LYS H 19 21.07 -29.42 32.17
N GLN H 20 21.13 -28.43 31.28
CA GLN H 20 19.97 -28.09 30.47
C GLN H 20 19.65 -29.20 29.47
N VAL H 21 20.68 -29.81 28.89
CA VAL H 21 20.47 -30.92 27.98
C VAL H 21 19.83 -32.10 28.72
N GLU H 22 20.29 -32.36 29.95
CA GLU H 22 19.69 -33.42 30.74
C GLU H 22 18.23 -33.10 31.08
N TYR H 23 17.94 -31.82 31.34
CA TYR H 23 16.55 -31.42 31.53
C TYR H 23 15.71 -31.71 30.29
N ILE H 24 16.25 -31.43 29.11
CA ILE H 24 15.53 -31.70 27.88
C ILE H 24 15.26 -33.19 27.73
N LEU H 25 16.28 -34.02 27.97
CA LEU H 25 16.14 -35.46 27.79
C LEU H 25 15.25 -36.07 28.87
N LYS H 26 15.38 -35.60 30.11
CA LYS H 26 14.56 -36.14 31.19
C LYS H 26 13.08 -36.08 30.86
N ASN H 27 12.65 -35.02 30.18
CA ASN H 27 11.25 -34.82 29.85
C ASN H 27 10.85 -35.47 28.53
N GLY H 28 11.75 -36.23 27.91
CA GLY H 28 11.42 -36.90 26.68
C GLY H 28 11.39 -36.01 25.45
N TRP H 29 12.08 -34.89 25.48
CA TRP H 29 12.12 -33.95 24.37
C TRP H 29 13.38 -34.16 23.53
N ILE H 30 13.36 -33.59 22.33
CA ILE H 30 14.37 -33.86 21.32
C ILE H 30 15.40 -32.73 21.38
N PRO H 31 16.65 -33.00 21.76
CA PRO H 31 17.67 -31.96 21.73
C PRO H 31 18.19 -31.72 20.31
N GLY H 32 18.56 -30.48 20.05
CA GLY H 32 19.08 -30.10 18.76
C GLY H 32 20.14 -29.03 18.89
N ILE H 33 20.92 -28.86 17.81
CA ILE H 33 21.99 -27.88 17.75
C ILE H 33 21.85 -27.08 16.47
N GLU H 34 21.88 -25.75 16.60
CA GLU H 34 21.82 -24.86 15.44
C GLU H 34 22.85 -23.75 15.63
N TYR H 35 23.26 -23.15 14.51
CA TYR H 35 24.29 -22.11 14.54
C TYR H 35 24.00 -21.08 13.46
N THR H 36 24.53 -19.88 13.67
CA THR H 36 24.39 -18.80 12.71
C THR H 36 25.37 -17.69 13.06
N ASP H 37 25.83 -16.99 12.03
CA ASP H 37 26.57 -15.75 12.21
C ASP H 37 25.67 -14.52 12.07
N GLU H 38 24.38 -14.72 11.81
CA GLU H 38 23.41 -13.63 11.64
C GLU H 38 22.27 -13.81 12.63
N PRO H 39 22.52 -13.68 13.93
CA PRO H 39 21.44 -13.69 14.91
C PRO H 39 20.74 -12.35 14.96
N GLY H 40 19.41 -12.39 15.08
CA GLY H 40 18.64 -11.19 15.15
C GLY H 40 17.15 -11.41 14.99
N PRO H 41 16.37 -10.33 15.13
CA PRO H 41 14.90 -10.47 15.08
C PRO H 41 14.36 -11.00 13.77
N HIS H 42 15.12 -10.90 12.68
CA HIS H 42 14.64 -11.32 11.37
C HIS H 42 15.11 -12.72 10.99
N ASN H 43 15.88 -13.39 11.84
CA ASN H 43 16.42 -14.71 11.54
C ASN H 43 15.74 -15.72 12.45
N SER H 44 14.76 -16.44 11.90
CA SER H 44 14.06 -17.49 12.63
C SER H 44 14.48 -18.89 12.24
N TYR H 45 15.39 -19.02 11.27
CA TYR H 45 15.88 -20.33 10.83
C TYR H 45 17.40 -20.32 10.82
N TRP H 46 18.00 -20.63 11.96
CA TRP H 46 19.43 -20.88 12.02
C TRP H 46 19.78 -22.14 11.23
N SER H 47 21.07 -22.38 11.07
CA SER H 47 21.53 -23.55 10.33
C SER H 47 21.55 -24.79 11.22
N PHE H 48 20.97 -25.88 10.71
CA PHE H 48 21.05 -27.16 11.41
C PHE H 48 22.50 -27.62 11.49
N TRP H 49 22.90 -28.09 12.67
CA TRP H 49 24.08 -28.93 12.82
C TRP H 49 23.57 -30.36 12.88
N LYS H 50 23.53 -31.02 11.72
CA LYS H 50 22.86 -32.31 11.58
C LYS H 50 21.37 -32.15 11.86
N LEU H 51 20.62 -33.24 11.76
CA LEU H 51 19.21 -33.20 12.08
C LEU H 51 19.01 -33.17 13.59
N PRO H 52 17.80 -32.82 14.06
CA PRO H 52 17.52 -32.95 15.49
C PRO H 52 17.80 -34.37 15.96
N PHE H 53 18.40 -34.48 17.15
CA PHE H 53 18.90 -35.78 17.64
C PHE H 53 17.72 -36.56 18.22
N PHE H 54 16.95 -37.16 17.31
CA PHE H 54 15.80 -37.96 17.74
C PHE H 54 16.22 -39.21 18.50
N ASN H 55 17.37 -39.79 18.13
CA ASN H 55 17.81 -41.06 18.70
C ASN H 55 18.86 -40.88 19.80
N ALA H 56 19.22 -39.65 20.14
CA ALA H 56 20.19 -39.43 21.21
C ALA H 56 19.64 -39.90 22.55
N GLU H 57 20.50 -40.54 23.34
CA GLU H 57 20.10 -41.11 24.62
C GLU H 57 20.81 -40.51 25.82
N THR H 58 21.97 -39.90 25.64
CA THR H 58 22.74 -39.36 26.75
C THR H 58 23.09 -37.90 26.47
N ALA H 59 23.27 -37.14 27.56
CA ALA H 59 23.63 -35.74 27.42
C ALA H 59 25.04 -35.57 26.85
N GLU H 60 25.94 -36.52 27.11
CA GLU H 60 27.31 -36.38 26.63
C GLU H 60 27.37 -36.49 25.11
N GLU H 61 26.55 -37.36 24.52
CA GLU H 61 26.46 -37.41 23.06
C GLU H 61 26.15 -36.03 22.50
N VAL H 62 25.25 -35.30 23.16
CA VAL H 62 24.90 -33.96 22.70
C VAL H 62 26.06 -33.00 22.91
N MET H 63 26.71 -33.05 24.08
CA MET H 63 27.83 -32.16 24.34
C MET H 63 28.96 -32.39 23.35
N GLU H 64 29.22 -33.66 23.01
CA GLU H 64 30.23 -33.96 21.99
C GLU H 64 29.86 -33.30 20.66
N GLU H 65 28.61 -33.43 20.24
CA GLU H 65 28.16 -32.74 19.03
C GLU H 65 28.29 -31.23 19.18
N LEU H 66 27.97 -30.69 20.35
CA LEU H 66 28.11 -29.26 20.58
C LEU H 66 29.55 -28.82 20.37
N GLU H 67 30.50 -29.54 20.97
CA GLU H 67 31.91 -29.20 20.81
C GLU H 67 32.32 -29.29 19.35
N ALA H 68 31.88 -30.34 18.65
CA ALA H 68 32.20 -30.47 17.24
C ALA H 68 31.68 -29.29 16.45
N CYS H 69 30.44 -28.87 16.71
CA CYS H 69 29.92 -27.67 16.05
C CYS H 69 30.71 -26.44 16.46
N ARG H 70 31.05 -26.33 17.75
CA ARG H 70 31.77 -25.17 18.24
C ARG H 70 33.12 -25.00 17.55
N GLU H 71 33.83 -26.12 17.33
CA GLU H 71 35.14 -26.03 16.68
C GLU H 71 35.00 -25.76 15.19
N ALA H 72 33.98 -26.35 14.54
CA ALA H 72 33.79 -26.15 13.12
C ALA H 72 33.28 -24.75 12.78
N ASN H 73 32.66 -24.06 13.73
CA ASN H 73 32.07 -22.73 13.49
C ASN H 73 32.42 -21.82 14.65
N PRO H 74 33.70 -21.45 14.79
CA PRO H 74 34.10 -20.61 15.93
C PRO H 74 33.58 -19.18 15.86
N ASP H 75 33.11 -18.73 14.69
CA ASP H 75 32.64 -17.36 14.51
C ASP H 75 31.12 -17.25 14.56
N CYS H 76 30.43 -18.28 15.04
CA CYS H 76 28.98 -18.33 15.01
C CYS H 76 28.41 -18.43 16.42
N TYR H 77 27.20 -17.90 16.58
CA TYR H 77 26.41 -18.21 17.75
C TYR H 77 25.85 -19.63 17.60
N ILE H 78 25.89 -20.39 18.69
CA ILE H 78 25.47 -21.78 18.69
C ILE H 78 24.47 -21.98 19.81
N LYS H 79 23.29 -22.50 19.48
CA LYS H 79 22.21 -22.67 20.43
C LYS H 79 21.79 -24.13 20.53
N ILE H 80 21.35 -24.50 21.72
CA ILE H 80 20.73 -25.81 21.98
C ILE H 80 19.22 -25.62 21.94
N THR H 81 18.53 -26.52 21.25
CA THR H 81 17.07 -26.50 21.17
C THR H 81 16.51 -27.75 21.82
N GLY H 82 15.29 -27.62 22.34
CA GLY H 82 14.56 -28.75 22.88
C GLY H 82 13.15 -28.78 22.33
N TYR H 83 12.85 -29.75 21.47
CA TYR H 83 11.61 -29.76 20.72
C TYR H 83 10.66 -30.82 21.27
N ASP H 84 9.41 -30.44 21.47
CA ASP H 84 8.36 -31.33 21.94
C ASP H 84 7.41 -31.59 20.77
N ASN H 85 7.54 -32.77 20.16
CA ASN H 85 6.70 -33.09 19.01
C ASN H 85 5.25 -33.30 19.40
N ILE H 86 4.96 -33.52 20.69
CA ILE H 86 3.58 -33.71 21.12
C ILE H 86 2.79 -32.42 20.95
N ARG H 87 3.39 -31.28 21.26
CA ARG H 87 2.75 -29.98 21.08
C ARG H 87 3.19 -29.28 19.81
N GLN H 88 4.13 -29.86 19.06
CA GLN H 88 4.66 -29.26 17.83
C GLN H 88 5.23 -27.86 18.11
N GLY H 89 6.28 -27.83 18.92
CA GLY H 89 6.93 -26.58 19.24
C GLY H 89 8.15 -26.73 20.14
N GLN H 90 9.07 -25.79 20.03
CA GLN H 90 10.22 -25.78 20.92
C GLN H 90 9.77 -25.44 22.34
N VAL H 91 10.34 -26.13 23.31
CA VAL H 91 10.04 -25.88 24.72
C VAL H 91 11.24 -25.33 25.47
N LEU H 92 12.40 -25.25 24.81
CA LEU H 92 13.56 -24.58 25.38
C LEU H 92 14.58 -24.31 24.28
N SER H 93 15.09 -23.09 24.26
CA SER H 93 16.14 -22.72 23.31
C SER H 93 17.03 -21.70 23.99
N PHE H 94 18.35 -21.96 23.97
CA PHE H 94 19.31 -21.05 24.58
C PHE H 94 20.62 -21.14 23.82
N VAL H 95 21.34 -20.02 23.80
CA VAL H 95 22.65 -20.00 23.18
C VAL H 95 23.66 -20.61 24.15
N ALA H 96 24.43 -21.58 23.65
CA ALA H 96 25.44 -22.24 24.45
C ALA H 96 26.82 -21.62 24.28
N TYR H 97 27.10 -21.05 23.12
CA TYR H 97 28.40 -20.47 22.81
C TYR H 97 28.22 -19.22 21.97
N ARG H 98 29.04 -18.21 22.26
CA ARG H 98 29.03 -16.95 21.52
C ARG H 98 30.41 -16.66 20.95
N PRO H 99 30.49 -16.15 19.71
CA PRO H 99 31.80 -15.90 19.11
C PRO H 99 32.58 -14.78 19.81
C1 CAP I . 2.66 -37.08 -3.63
C2 CAP I . 1.45 -36.19 -3.29
C3 CAP I . 0.73 -35.67 -4.56
C4 CAP I . 0.32 -36.82 -5.51
C5 CAP I . -0.88 -36.37 -6.37
C CAP I . 0.45 -37.05 -2.48
O1 CAP I . 3.38 -37.25 -2.46
O2 CAP I . 1.81 -35.12 -2.47
O3 CAP I . -0.38 -34.93 -4.17
O4 CAP I . 1.34 -37.24 -6.34
O5 CAP I . -1.21 -37.45 -7.17
O6 CAP I . 0.50 -38.29 -2.57
O7 CAP I . -0.36 -36.41 -1.77
P1 CAP I . 4.91 -38.06 -2.69
P2 CAP I . -1.44 -37.05 -8.87
O1P CAP I . 4.55 -39.37 -3.37
O2P CAP I . 5.50 -38.22 -1.30
O3P CAP I . 5.61 -37.07 -3.61
O4P CAP I . -1.59 -38.36 -9.58
O5P CAP I . -0.13 -36.30 -9.14
O6P CAP I . -2.67 -36.16 -8.85
MG MG J . -0.46 -34.32 -2.11
C1 CAP K . 5.80 3.96 -37.62
C2 CAP K . 4.51 3.53 -36.93
C3 CAP K . 3.59 4.74 -36.59
C4 CAP K . 3.19 5.57 -37.83
C5 CAP K . 1.96 6.42 -37.50
C CAP K . 3.76 2.61 -37.91
O1 CAP K . 6.56 2.83 -37.82
O2 CAP K . 4.76 2.77 -35.78
O3 CAP K . 2.44 4.25 -35.93
O4 CAP K . 4.20 6.40 -38.30
O5 CAP K . 1.42 6.84 -38.70
O6 CAP K . 3.96 2.84 -39.13
O7 CAP K . 3.03 1.71 -37.45
P1 CAP K . 8.17 3.21 -38.41
P2 CAP K . 0.65 8.42 -38.53
O1P CAP K . 7.80 3.64 -39.83
O2P CAP K . 8.74 4.27 -37.49
O3P CAP K . 8.91 1.88 -38.34
O4P CAP K . -0.12 8.43 -39.84
O5P CAP K . -0.19 8.37 -37.27
O6P CAP K . 1.84 9.37 -38.49
MG MG L . 2.22 2.09 -35.21
C1 CAP M . 3.89 37.12 3.53
C2 CAP M . 2.66 36.37 3.00
C3 CAP M . 1.72 35.93 4.18
C4 CAP M . 1.26 37.12 5.04
C5 CAP M . -0.07 36.77 5.72
C CAP M . 1.88 37.32 2.08
O1 CAP M . 4.82 37.13 2.50
O2 CAP M . 3.01 35.26 2.25
O3 CAP M . 0.62 35.24 3.65
O4 CAP M . 2.17 37.48 6.04
O5 CAP M . -0.44 37.87 6.47
O6 CAP M . 1.13 36.77 1.24
O7 CAP M . 2.03 38.55 2.20
P1 CAP M . 6.30 37.96 2.94
P2 CAP M . -0.90 37.48 8.14
O1P CAP M . 7.08 38.08 1.64
O2P CAP M . 6.84 36.97 3.98
O3P CAP M . 5.87 39.29 3.53
O4P CAP M . -2.18 36.70 8.00
O5P CAP M . -1.02 38.83 8.84
O6P CAP M . 0.31 36.66 8.56
MG MG N . 0.84 34.74 1.54
C1 CAP O . -0.91 -3.47 37.39
C2 CAP O . -2.05 -2.98 36.49
C3 CAP O . -2.89 -4.17 35.96
C4 CAP O . -3.44 -5.08 37.08
C5 CAP O . -4.69 -5.84 36.55
C CAP O . -2.97 -2.08 37.34
O1 CAP O . -0.06 -2.41 37.59
O2 CAP O . -1.60 -2.20 35.43
O3 CAP O . -3.93 -3.66 35.16
O4 CAP O . -2.53 -6.01 37.54
O5 CAP O . -5.16 -6.59 37.60
O6 CAP O . -3.65 -1.24 36.71
O7 CAP O . -2.99 -2.21 38.58
P1 CAP O . 1.33 -2.81 38.58
P2 CAP O . -5.56 -8.25 37.16
O1P CAP O . 2.01 -3.82 37.67
O2P CAP O . 2.05 -1.49 38.82
O3P CAP O . 0.74 -3.42 39.84
O4P CAP O . -6.73 -8.11 36.20
O5P CAP O . -5.88 -8.92 38.49
O6P CAP O . -4.25 -8.67 36.51
MG MG P . -3.61 -1.58 34.60
#